data_3SOU
# 
_entry.id   3SOU 
# 
_audit_conform.dict_name       mmcif_pdbx.dic 
_audit_conform.dict_version    5.387 
_audit_conform.dict_location   http://mmcif.pdb.org/dictionaries/ascii/mmcif_pdbx.dic 
# 
loop_
_database_2.database_id 
_database_2.database_code 
_database_2.pdbx_database_accession 
_database_2.pdbx_DOI 
PDB   3SOU         pdb_00003sou 10.2210/pdb3sou/pdb 
RCSB  RCSB066467   ?            ?                   
WWPDB D_1000066467 ?            ?                   
# 
loop_
_pdbx_audit_revision_history.ordinal 
_pdbx_audit_revision_history.data_content_type 
_pdbx_audit_revision_history.major_revision 
_pdbx_audit_revision_history.minor_revision 
_pdbx_audit_revision_history.revision_date 
1 'Structure model' 1 0 2011-08-03 
2 'Structure model' 1 1 2017-11-08 
3 'Structure model' 1 2 2024-02-28 
# 
_pdbx_audit_revision_details.ordinal             1 
_pdbx_audit_revision_details.revision_ordinal    1 
_pdbx_audit_revision_details.data_content_type   'Structure model' 
_pdbx_audit_revision_details.provider            repository 
_pdbx_audit_revision_details.type                'Initial release' 
_pdbx_audit_revision_details.description         ? 
_pdbx_audit_revision_details.details             ? 
# 
loop_
_pdbx_audit_revision_group.ordinal 
_pdbx_audit_revision_group.revision_ordinal 
_pdbx_audit_revision_group.data_content_type 
_pdbx_audit_revision_group.group 
1 2 'Structure model' 'Refinement description' 
2 3 'Structure model' 'Data collection'        
3 3 'Structure model' 'Database references'    
4 3 'Structure model' 'Derived calculations'   
# 
loop_
_pdbx_audit_revision_category.ordinal 
_pdbx_audit_revision_category.revision_ordinal 
_pdbx_audit_revision_category.data_content_type 
_pdbx_audit_revision_category.category 
1 2 'Structure model' software               
2 3 'Structure model' chem_comp_atom         
3 3 'Structure model' chem_comp_bond         
4 3 'Structure model' database_2             
5 3 'Structure model' pdbx_struct_conn_angle 
6 3 'Structure model' struct_conn            
7 3 'Structure model' struct_site            
# 
loop_
_pdbx_audit_revision_item.ordinal 
_pdbx_audit_revision_item.revision_ordinal 
_pdbx_audit_revision_item.data_content_type 
_pdbx_audit_revision_item.item 
1  2 'Structure model' '_software.classification'                    
2  2 'Structure model' '_software.name'                              
3  3 'Structure model' '_database_2.pdbx_DOI'                        
4  3 'Structure model' '_database_2.pdbx_database_accession'         
5  3 'Structure model' '_pdbx_struct_conn_angle.ptnr1_auth_asym_id'  
6  3 'Structure model' '_pdbx_struct_conn_angle.ptnr1_auth_comp_id'  
7  3 'Structure model' '_pdbx_struct_conn_angle.ptnr1_auth_seq_id'   
8  3 'Structure model' '_pdbx_struct_conn_angle.ptnr1_label_asym_id' 
9  3 'Structure model' '_pdbx_struct_conn_angle.ptnr1_label_atom_id' 
10 3 'Structure model' '_pdbx_struct_conn_angle.ptnr1_label_comp_id' 
11 3 'Structure model' '_pdbx_struct_conn_angle.ptnr1_label_seq_id'  
12 3 'Structure model' '_pdbx_struct_conn_angle.ptnr2_auth_asym_id'  
13 3 'Structure model' '_pdbx_struct_conn_angle.ptnr2_auth_seq_id'   
14 3 'Structure model' '_pdbx_struct_conn_angle.ptnr2_label_asym_id' 
15 3 'Structure model' '_pdbx_struct_conn_angle.ptnr3_auth_asym_id'  
16 3 'Structure model' '_pdbx_struct_conn_angle.ptnr3_auth_comp_id'  
17 3 'Structure model' '_pdbx_struct_conn_angle.ptnr3_auth_seq_id'   
18 3 'Structure model' '_pdbx_struct_conn_angle.ptnr3_label_asym_id' 
19 3 'Structure model' '_pdbx_struct_conn_angle.ptnr3_label_atom_id' 
20 3 'Structure model' '_pdbx_struct_conn_angle.ptnr3_label_comp_id' 
21 3 'Structure model' '_pdbx_struct_conn_angle.ptnr3_label_seq_id'  
22 3 'Structure model' '_pdbx_struct_conn_angle.value'               
23 3 'Structure model' '_struct_conn.pdbx_dist_value'                
24 3 'Structure model' '_struct_conn.ptnr1_auth_asym_id'             
25 3 'Structure model' '_struct_conn.ptnr1_auth_comp_id'             
26 3 'Structure model' '_struct_conn.ptnr1_auth_seq_id'              
27 3 'Structure model' '_struct_conn.ptnr1_label_asym_id'            
28 3 'Structure model' '_struct_conn.ptnr1_label_atom_id'            
29 3 'Structure model' '_struct_conn.ptnr1_label_comp_id'            
30 3 'Structure model' '_struct_conn.ptnr1_label_seq_id'             
31 3 'Structure model' '_struct_conn.ptnr2_auth_asym_id'             
32 3 'Structure model' '_struct_conn.ptnr2_auth_comp_id'             
33 3 'Structure model' '_struct_conn.ptnr2_auth_seq_id'              
34 3 'Structure model' '_struct_conn.ptnr2_label_asym_id'            
35 3 'Structure model' '_struct_conn.ptnr2_label_atom_id'            
36 3 'Structure model' '_struct_conn.ptnr2_label_comp_id'            
37 3 'Structure model' '_struct_conn.ptnr2_label_seq_id'             
38 3 'Structure model' '_struct_site.pdbx_auth_asym_id'              
39 3 'Structure model' '_struct_site.pdbx_auth_comp_id'              
40 3 'Structure model' '_struct_site.pdbx_auth_seq_id'               
# 
_pdbx_database_status.entry_id                        3SOU 
_pdbx_database_status.deposit_site                    RCSB 
_pdbx_database_status.process_site                    RCSB 
_pdbx_database_status.recvd_initial_deposition_date   2011-06-30 
_pdbx_database_status.status_code                     REL 
_pdbx_database_status.status_code_sf                  REL 
_pdbx_database_status.status_code_mr                  ? 
_pdbx_database_status.SG_entry                        ? 
_pdbx_database_status.status_code_cs                  ? 
_pdbx_database_status.pdb_format_compatible           Y 
_pdbx_database_status.methods_development_category    ? 
_pdbx_database_status.status_code_nmr_data            ? 
# 
loop_
_pdbx_database_related.db_name 
_pdbx_database_related.db_id 
_pdbx_database_related.details 
_pdbx_database_related.content_type 
PDB 3SOW 'Structure of UHRF1 protein in complex with methylated histone peptide' unspecified 
PDB 3SOX 'Structure of UHRF1 protein in the free form'                           unspecified 
# 
loop_
_audit_author.name 
_audit_author.pdbx_ordinal 
'Rajakumara, E.' 1 
'Patel, D.J.'    2 
# 
_citation.id                        primary 
_citation.title                     
'PHD Finger Recognition of Unmodified Histone H3R2 Links UHRF1 to Regulation of Euchromatic Gene Expression.' 
_citation.journal_abbrev            Mol.Cell 
_citation.journal_volume            43 
_citation.page_first                275 
_citation.page_last                 284 
_citation.year                      2011 
_citation.journal_id_ASTM           MOCEFL 
_citation.country                   US 
_citation.journal_id_ISSN           1097-2765 
_citation.journal_id_CSD            2168 
_citation.book_publisher            ? 
_citation.pdbx_database_id_PubMed   21777816 
_citation.pdbx_database_id_DOI      10.1016/j.molcel.2011.07.006 
# 
loop_
_citation_author.citation_id 
_citation_author.name 
_citation_author.ordinal 
_citation_author.identifier_ORCID 
primary 'Rajakumara, E.' 1  ? 
primary 'Wang, Z.'       2  ? 
primary 'Ma, H.'         3  ? 
primary 'Hu, L.'         4  ? 
primary 'Chen, H.'       5  ? 
primary 'Lin, Y.'        6  ? 
primary 'Guo, R.'        7  ? 
primary 'Wu, F.'         8  ? 
primary 'Li, H.'         9  ? 
primary 'Lan, F.'        10 ? 
primary 'Shi, Y.G.'      11 ? 
primary 'Xu, Y.'         12 ? 
primary 'Patel, D.J.'    13 ? 
primary 'Shi, Y.'        14 ? 
# 
loop_
_entity.id 
_entity.type 
_entity.src_method 
_entity.pdbx_description 
_entity.formula_weight 
_entity.pdbx_number_of_molecules 
_entity.pdbx_ec 
_entity.pdbx_mutation 
_entity.pdbx_fragment 
_entity.details 
1 polymer     man 'E3 ubiquitin-protein ligase UHRF1' 7920.976 2   6.3.2.- ? 'UHRF1 (UNP Residues 298-367)' ? 
2 polymer     syn 'Histone H3'                        1063.254 2   ?       ? ?                              ? 
3 non-polymer syn 'ZINC ION'                          65.409   8   ?       ? ?                              ? 
4 water       nat water                               18.015   122 ?       ? ?                              ? 
# 
_entity_name_com.entity_id   1 
_entity_name_com.name        
;Inverted CCAAT box-binding protein of 90 kDa, Nuclear protein 95, Nuclear zinc finger protein Np95, HuNp95, RING finger protein 106, Transcription factor ICBP90, Ubiquitin-like PHD and RING finger domain-containing protein 1, Ubiquitin-like-containing PHD and RING finger domains protein 1
;
# 
loop_
_entity_poly.entity_id 
_entity_poly.type 
_entity_poly.nstd_linkage 
_entity_poly.nstd_monomer 
_entity_poly.pdbx_seq_one_letter_code 
_entity_poly.pdbx_seq_one_letter_code_can 
_entity_poly.pdbx_strand_id 
_entity_poly.pdbx_target_identifier 
1 'polypeptide(L)' no no SGPSCKHCKDDVNRLCRVCACHLCGGRQDPDKQLMCDECDMAFHIYCLDPPLSSVPSEDEWYCPECRNDA 
SGPSCKHCKDDVNRLCRVCACHLCGGRQDPDKQLMCDECDMAFHIYCLDPPLSSVPSEDEWYCPECRNDA A,B ? 
2 'polypeptide(L)' no no ARTKQTARK                                                              ARTKQTARK D,E ? 
# 
loop_
_pdbx_entity_nonpoly.entity_id 
_pdbx_entity_nonpoly.name 
_pdbx_entity_nonpoly.comp_id 
3 'ZINC ION' ZN  
4 water      HOH 
# 
loop_
_entity_poly_seq.entity_id 
_entity_poly_seq.num 
_entity_poly_seq.mon_id 
_entity_poly_seq.hetero 
1 1  SER n 
1 2  GLY n 
1 3  PRO n 
1 4  SER n 
1 5  CYS n 
1 6  LYS n 
1 7  HIS n 
1 8  CYS n 
1 9  LYS n 
1 10 ASP n 
1 11 ASP n 
1 12 VAL n 
1 13 ASN n 
1 14 ARG n 
1 15 LEU n 
1 16 CYS n 
1 17 ARG n 
1 18 VAL n 
1 19 CYS n 
1 20 ALA n 
1 21 CYS n 
1 22 HIS n 
1 23 LEU n 
1 24 CYS n 
1 25 GLY n 
1 26 GLY n 
1 27 ARG n 
1 28 GLN n 
1 29 ASP n 
1 30 PRO n 
1 31 ASP n 
1 32 LYS n 
1 33 GLN n 
1 34 LEU n 
1 35 MET n 
1 36 CYS n 
1 37 ASP n 
1 38 GLU n 
1 39 CYS n 
1 40 ASP n 
1 41 MET n 
1 42 ALA n 
1 43 PHE n 
1 44 HIS n 
1 45 ILE n 
1 46 TYR n 
1 47 CYS n 
1 48 LEU n 
1 49 ASP n 
1 50 PRO n 
1 51 PRO n 
1 52 LEU n 
1 53 SER n 
1 54 SER n 
1 55 VAL n 
1 56 PRO n 
1 57 SER n 
1 58 GLU n 
1 59 ASP n 
1 60 GLU n 
1 61 TRP n 
1 62 TYR n 
1 63 CYS n 
1 64 PRO n 
1 65 GLU n 
1 66 CYS n 
1 67 ARG n 
1 68 ASN n 
1 69 ASP n 
1 70 ALA n 
2 1  ALA n 
2 2  ARG n 
2 3  THR n 
2 4  LYS n 
2 5  GLN n 
2 6  THR n 
2 7  ALA n 
2 8  ARG n 
2 9  LYS n 
# 
_entity_src_gen.entity_id                          1 
_entity_src_gen.pdbx_src_id                        1 
_entity_src_gen.pdbx_alt_source_flag               sample 
_entity_src_gen.pdbx_seq_type                      ? 
_entity_src_gen.pdbx_beg_seq_num                   ? 
_entity_src_gen.pdbx_end_seq_num                   ? 
_entity_src_gen.gene_src_common_name               human 
_entity_src_gen.gene_src_genus                     ? 
_entity_src_gen.pdbx_gene_src_gene                 'ICBP90, NP95, RNF106, UHRF1' 
_entity_src_gen.gene_src_species                   ? 
_entity_src_gen.gene_src_strain                    ? 
_entity_src_gen.gene_src_tissue                    ? 
_entity_src_gen.gene_src_tissue_fraction           ? 
_entity_src_gen.gene_src_details                   'PreScission protease cleavable N-terminal GST tag' 
_entity_src_gen.pdbx_gene_src_fragment             ? 
_entity_src_gen.pdbx_gene_src_scientific_name      'Homo sapiens' 
_entity_src_gen.pdbx_gene_src_ncbi_taxonomy_id     9606 
_entity_src_gen.pdbx_gene_src_variant              ? 
_entity_src_gen.pdbx_gene_src_cell_line            ? 
_entity_src_gen.pdbx_gene_src_atcc                 ? 
_entity_src_gen.pdbx_gene_src_organ                ? 
_entity_src_gen.pdbx_gene_src_organelle            ? 
_entity_src_gen.pdbx_gene_src_cell                 ? 
_entity_src_gen.pdbx_gene_src_cellular_location    ? 
_entity_src_gen.host_org_common_name               ? 
_entity_src_gen.pdbx_host_org_scientific_name      'Escherichia coli' 
_entity_src_gen.pdbx_host_org_ncbi_taxonomy_id     469008 
_entity_src_gen.host_org_genus                     ? 
_entity_src_gen.pdbx_host_org_gene                 ? 
_entity_src_gen.pdbx_host_org_organ                ? 
_entity_src_gen.host_org_species                   ? 
_entity_src_gen.pdbx_host_org_tissue               ? 
_entity_src_gen.pdbx_host_org_tissue_fraction      ? 
_entity_src_gen.pdbx_host_org_strain               'Rosetta2 (DE3)' 
_entity_src_gen.pdbx_host_org_variant              ? 
_entity_src_gen.pdbx_host_org_cell_line            ? 
_entity_src_gen.pdbx_host_org_atcc                 ? 
_entity_src_gen.pdbx_host_org_culture_collection   ? 
_entity_src_gen.pdbx_host_org_cell                 ? 
_entity_src_gen.pdbx_host_org_organelle            ? 
_entity_src_gen.pdbx_host_org_cellular_location    ? 
_entity_src_gen.pdbx_host_org_vector_type          plasmid 
_entity_src_gen.pdbx_host_org_vector               ? 
_entity_src_gen.host_org_details                   ? 
_entity_src_gen.expression_system_id               ? 
_entity_src_gen.plasmid_name                       pGEX-6P-1 
_entity_src_gen.plasmid_details                    ? 
_entity_src_gen.pdbx_description                   ? 
# 
_pdbx_entity_src_syn.entity_id              2 
_pdbx_entity_src_syn.pdbx_src_id            1 
_pdbx_entity_src_syn.pdbx_alt_source_flag   sample 
_pdbx_entity_src_syn.pdbx_beg_seq_num       ? 
_pdbx_entity_src_syn.pdbx_end_seq_num       ? 
_pdbx_entity_src_syn.organism_scientific    'Homo sapiens' 
_pdbx_entity_src_syn.organism_common_name   ? 
_pdbx_entity_src_syn.ncbi_taxonomy_id       9606 
_pdbx_entity_src_syn.details                'chemically synthesized' 
# 
loop_
_chem_comp.id 
_chem_comp.type 
_chem_comp.mon_nstd_flag 
_chem_comp.name 
_chem_comp.pdbx_synonyms 
_chem_comp.formula 
_chem_comp.formula_weight 
ALA 'L-peptide linking' y ALANINE         ? 'C3 H7 N O2'     89.093  
ARG 'L-peptide linking' y ARGININE        ? 'C6 H15 N4 O2 1' 175.209 
ASN 'L-peptide linking' y ASPARAGINE      ? 'C4 H8 N2 O3'    132.118 
ASP 'L-peptide linking' y 'ASPARTIC ACID' ? 'C4 H7 N O4'     133.103 
CYS 'L-peptide linking' y CYSTEINE        ? 'C3 H7 N O2 S'   121.158 
GLN 'L-peptide linking' y GLUTAMINE       ? 'C5 H10 N2 O3'   146.144 
GLU 'L-peptide linking' y 'GLUTAMIC ACID' ? 'C5 H9 N O4'     147.129 
GLY 'peptide linking'   y GLYCINE         ? 'C2 H5 N O2'     75.067  
HIS 'L-peptide linking' y HISTIDINE       ? 'C6 H10 N3 O2 1' 156.162 
HOH non-polymer         . WATER           ? 'H2 O'           18.015  
ILE 'L-peptide linking' y ISOLEUCINE      ? 'C6 H13 N O2'    131.173 
LEU 'L-peptide linking' y LEUCINE         ? 'C6 H13 N O2'    131.173 
LYS 'L-peptide linking' y LYSINE          ? 'C6 H15 N2 O2 1' 147.195 
MET 'L-peptide linking' y METHIONINE      ? 'C5 H11 N O2 S'  149.211 
PHE 'L-peptide linking' y PHENYLALANINE   ? 'C9 H11 N O2'    165.189 
PRO 'L-peptide linking' y PROLINE         ? 'C5 H9 N O2'     115.130 
SER 'L-peptide linking' y SERINE          ? 'C3 H7 N O3'     105.093 
THR 'L-peptide linking' y THREONINE       ? 'C4 H9 N O3'     119.119 
TRP 'L-peptide linking' y TRYPTOPHAN      ? 'C11 H12 N2 O2'  204.225 
TYR 'L-peptide linking' y TYROSINE        ? 'C9 H11 N O3'    181.189 
VAL 'L-peptide linking' y VALINE          ? 'C5 H11 N O2'    117.146 
ZN  non-polymer         . 'ZINC ION'      ? 'Zn 2'           65.409  
# 
loop_
_pdbx_poly_seq_scheme.asym_id 
_pdbx_poly_seq_scheme.entity_id 
_pdbx_poly_seq_scheme.seq_id 
_pdbx_poly_seq_scheme.mon_id 
_pdbx_poly_seq_scheme.ndb_seq_num 
_pdbx_poly_seq_scheme.pdb_seq_num 
_pdbx_poly_seq_scheme.auth_seq_num 
_pdbx_poly_seq_scheme.pdb_mon_id 
_pdbx_poly_seq_scheme.auth_mon_id 
_pdbx_poly_seq_scheme.pdb_strand_id 
_pdbx_poly_seq_scheme.pdb_ins_code 
_pdbx_poly_seq_scheme.hetero 
A 1 1  SER 1  311 ?   ?   ?   A . n 
A 1 2  GLY 2  312 ?   ?   ?   A . n 
A 1 3  PRO 3  313 313 PRO PRO A . n 
A 1 4  SER 4  314 314 SER SER A . n 
A 1 5  CYS 5  315 315 CYS CYS A . n 
A 1 6  LYS 6  316 316 LYS LYS A . n 
A 1 7  HIS 7  317 317 HIS HIS A . n 
A 1 8  CYS 8  318 318 CYS CYS A . n 
A 1 9  LYS 9  319 319 LYS LYS A . n 
A 1 10 ASP 10 320 320 ASP ASP A . n 
A 1 11 ASP 11 321 321 ASP ASP A . n 
A 1 12 VAL 12 322 322 VAL VAL A . n 
A 1 13 ASN 13 323 323 ASN ASN A . n 
A 1 14 ARG 14 324 324 ARG ARG A . n 
A 1 15 LEU 15 325 325 LEU LEU A . n 
A 1 16 CYS 16 326 326 CYS CYS A . n 
A 1 17 ARG 17 327 327 ARG ARG A . n 
A 1 18 VAL 18 328 328 VAL VAL A . n 
A 1 19 CYS 19 329 329 CYS CYS A . n 
A 1 20 ALA 20 330 330 ALA ALA A . n 
A 1 21 CYS 21 331 331 CYS CYS A . n 
A 1 22 HIS 22 332 332 HIS HIS A . n 
A 1 23 LEU 23 333 333 LEU LEU A . n 
A 1 24 CYS 24 334 334 CYS CYS A . n 
A 1 25 GLY 25 335 335 GLY GLY A . n 
A 1 26 GLY 26 336 336 GLY GLY A . n 
A 1 27 ARG 27 337 337 ARG ARG A . n 
A 1 28 GLN 28 338 338 GLN GLN A . n 
A 1 29 ASP 29 339 339 ASP ASP A . n 
A 1 30 PRO 30 340 340 PRO PRO A . n 
A 1 31 ASP 31 341 341 ASP ASP A . n 
A 1 32 LYS 32 342 342 LYS LYS A . n 
A 1 33 GLN 33 343 343 GLN GLN A . n 
A 1 34 LEU 34 344 344 LEU LEU A . n 
A 1 35 MET 35 345 345 MET MET A . n 
A 1 36 CYS 36 346 346 CYS CYS A . n 
A 1 37 ASP 37 347 347 ASP ASP A . n 
A 1 38 GLU 38 348 348 GLU GLU A . n 
A 1 39 CYS 39 349 349 CYS CYS A . n 
A 1 40 ASP 40 350 350 ASP ASP A . n 
A 1 41 MET 41 351 351 MET MET A . n 
A 1 42 ALA 42 352 352 ALA ALA A . n 
A 1 43 PHE 43 353 353 PHE PHE A . n 
A 1 44 HIS 44 354 354 HIS HIS A . n 
A 1 45 ILE 45 355 355 ILE ILE A . n 
A 1 46 TYR 46 356 356 TYR TYR A . n 
A 1 47 CYS 47 357 357 CYS CYS A . n 
A 1 48 LEU 48 358 358 LEU LEU A . n 
A 1 49 ASP 49 359 359 ASP ASP A . n 
A 1 50 PRO 50 360 360 PRO PRO A . n 
A 1 51 PRO 51 361 361 PRO PRO A . n 
A 1 52 LEU 52 362 362 LEU LEU A . n 
A 1 53 SER 53 363 363 SER SER A . n 
A 1 54 SER 54 364 364 SER SER A . n 
A 1 55 VAL 55 365 365 VAL VAL A . n 
A 1 56 PRO 56 366 366 PRO PRO A . n 
A 1 57 SER 57 367 367 SER SER A . n 
A 1 58 GLU 58 368 368 GLU GLU A . n 
A 1 59 ASP 59 369 369 ASP ASP A . n 
A 1 60 GLU 60 370 370 GLU GLU A . n 
A 1 61 TRP 61 371 371 TRP TRP A . n 
A 1 62 TYR 62 372 372 TYR TYR A . n 
A 1 63 CYS 63 373 373 CYS CYS A . n 
A 1 64 PRO 64 374 374 PRO PRO A . n 
A 1 65 GLU 65 375 375 GLU GLU A . n 
A 1 66 CYS 66 376 376 CYS CYS A . n 
A 1 67 ARG 67 377 377 ARG ARG A . n 
A 1 68 ASN 68 378 378 ASN ASN A . n 
A 1 69 ASP 69 379 379 ASP ASP A . n 
A 1 70 ALA 70 380 380 ALA ALA A . n 
B 1 1  SER 1  311 ?   ?   ?   B . n 
B 1 2  GLY 2  312 312 GLY GLY B . n 
B 1 3  PRO 3  313 313 PRO PRO B . n 
B 1 4  SER 4  314 314 SER SER B . n 
B 1 5  CYS 5  315 315 CYS CYS B . n 
B 1 6  LYS 6  316 316 LYS LYS B . n 
B 1 7  HIS 7  317 317 HIS HIS B . n 
B 1 8  CYS 8  318 318 CYS CYS B . n 
B 1 9  LYS 9  319 319 LYS LYS B . n 
B 1 10 ASP 10 320 320 ASP ASP B . n 
B 1 11 ASP 11 321 321 ASP ASP B . n 
B 1 12 VAL 12 322 322 VAL VAL B . n 
B 1 13 ASN 13 323 323 ASN ASN B . n 
B 1 14 ARG 14 324 324 ARG ARG B . n 
B 1 15 LEU 15 325 325 LEU LEU B . n 
B 1 16 CYS 16 326 326 CYS CYS B . n 
B 1 17 ARG 17 327 327 ARG ARG B . n 
B 1 18 VAL 18 328 328 VAL VAL B . n 
B 1 19 CYS 19 329 329 CYS CYS B . n 
B 1 20 ALA 20 330 330 ALA ALA B . n 
B 1 21 CYS 21 331 331 CYS CYS B . n 
B 1 22 HIS 22 332 332 HIS HIS B . n 
B 1 23 LEU 23 333 333 LEU LEU B . n 
B 1 24 CYS 24 334 334 CYS CYS B . n 
B 1 25 GLY 25 335 335 GLY GLY B . n 
B 1 26 GLY 26 336 336 GLY GLY B . n 
B 1 27 ARG 27 337 337 ARG ARG B . n 
B 1 28 GLN 28 338 338 GLN GLN B . n 
B 1 29 ASP 29 339 339 ASP ASP B . n 
B 1 30 PRO 30 340 340 PRO PRO B . n 
B 1 31 ASP 31 341 341 ASP ASP B . n 
B 1 32 LYS 32 342 342 LYS LYS B . n 
B 1 33 GLN 33 343 343 GLN GLN B . n 
B 1 34 LEU 34 344 344 LEU LEU B . n 
B 1 35 MET 35 345 345 MET MET B . n 
B 1 36 CYS 36 346 346 CYS CYS B . n 
B 1 37 ASP 37 347 347 ASP ASP B . n 
B 1 38 GLU 38 348 348 GLU GLU B . n 
B 1 39 CYS 39 349 349 CYS CYS B . n 
B 1 40 ASP 40 350 350 ASP ASP B . n 
B 1 41 MET 41 351 351 MET MET B . n 
B 1 42 ALA 42 352 352 ALA ALA B . n 
B 1 43 PHE 43 353 353 PHE PHE B . n 
B 1 44 HIS 44 354 354 HIS HIS B . n 
B 1 45 ILE 45 355 355 ILE ILE B . n 
B 1 46 TYR 46 356 356 TYR TYR B . n 
B 1 47 CYS 47 357 357 CYS CYS B . n 
B 1 48 LEU 48 358 358 LEU LEU B . n 
B 1 49 ASP 49 359 359 ASP ASP B . n 
B 1 50 PRO 50 360 360 PRO PRO B . n 
B 1 51 PRO 51 361 361 PRO PRO B . n 
B 1 52 LEU 52 362 362 LEU LEU B . n 
B 1 53 SER 53 363 363 SER SER B . n 
B 1 54 SER 54 364 364 SER SER B . n 
B 1 55 VAL 55 365 365 VAL VAL B . n 
B 1 56 PRO 56 366 366 PRO PRO B . n 
B 1 57 SER 57 367 367 SER SER B . n 
B 1 58 GLU 58 368 368 GLU GLU B . n 
B 1 59 ASP 59 369 369 ASP ASP B . n 
B 1 60 GLU 60 370 370 GLU GLU B . n 
B 1 61 TRP 61 371 371 TRP TRP B . n 
B 1 62 TYR 62 372 372 TYR TYR B . n 
B 1 63 CYS 63 373 373 CYS CYS B . n 
B 1 64 PRO 64 374 374 PRO PRO B . n 
B 1 65 GLU 65 375 375 GLU GLU B . n 
B 1 66 CYS 66 376 376 CYS CYS B . n 
B 1 67 ARG 67 377 377 ARG ARG B . n 
B 1 68 ASN 68 378 378 ASN ASN B . n 
B 1 69 ASP 69 379 379 ASP ASP B . n 
B 1 70 ALA 70 380 380 ALA ALA B . n 
C 2 1  ALA 1  1   1   ALA ALA D . n 
C 2 2  ARG 2  2   2   ARG ARG D . n 
C 2 3  THR 3  3   3   THR THR D . n 
C 2 4  LYS 4  4   4   LYS LYS D . n 
C 2 5  GLN 5  5   5   GLN GLN D . n 
C 2 6  THR 6  6   6   THR THR D . n 
C 2 7  ALA 7  7   7   ALA ALA D . n 
C 2 8  ARG 8  8   8   ARG ARG D . n 
C 2 9  LYS 9  9   ?   ?   ?   D . n 
D 2 1  ALA 1  1   1   ALA ALA E . n 
D 2 2  ARG 2  2   2   ARG ARG E . n 
D 2 3  THR 3  3   3   THR THR E . n 
D 2 4  LYS 4  4   4   LYS LYS E . n 
D 2 5  GLN 5  5   5   GLN GLN E . n 
D 2 6  THR 6  6   6   THR THR E . n 
D 2 7  ALA 7  7   7   ALA ALA E . n 
D 2 8  ARG 8  8   8   ARG ARG E . n 
D 2 9  LYS 9  9   ?   ?   ?   E . n 
# 
loop_
_pdbx_nonpoly_scheme.asym_id 
_pdbx_nonpoly_scheme.entity_id 
_pdbx_nonpoly_scheme.mon_id 
_pdbx_nonpoly_scheme.ndb_seq_num 
_pdbx_nonpoly_scheme.pdb_seq_num 
_pdbx_nonpoly_scheme.auth_seq_num 
_pdbx_nonpoly_scheme.pdb_mon_id 
_pdbx_nonpoly_scheme.auth_mon_id 
_pdbx_nonpoly_scheme.pdb_strand_id 
_pdbx_nonpoly_scheme.pdb_ins_code 
E 3 ZN  1  1   1   ZN  ZN  A . 
F 3 ZN  1  2   2   ZN  ZN  A . 
G 3 ZN  1  3   3   ZN  ZN  A . 
H 3 ZN  1  7   7   ZN  ZN  A . 
I 3 ZN  1  4   4   ZN  ZN  B . 
J 3 ZN  1  5   5   ZN  ZN  B . 
K 3 ZN  1  6   6   ZN  ZN  B . 
L 3 ZN  1  8   8   ZN  ZN  B . 
M 4 HOH 1  5   5   HOH HOH A . 
M 4 HOH 2  6   6   HOH HOH A . 
M 4 HOH 3  8   8   HOH HOH A . 
M 4 HOH 4  10  10  HOH HOH A . 
M 4 HOH 5  13  13  HOH HOH A . 
M 4 HOH 6  15  15  HOH HOH A . 
M 4 HOH 7  16  16  HOH HOH A . 
M 4 HOH 8  20  20  HOH HOH A . 
M 4 HOH 9  21  21  HOH HOH A . 
M 4 HOH 10 22  22  HOH HOH A . 
M 4 HOH 11 24  24  HOH HOH A . 
M 4 HOH 12 25  25  HOH HOH A . 
M 4 HOH 13 26  26  HOH HOH A . 
M 4 HOH 14 29  29  HOH HOH A . 
M 4 HOH 15 30  30  HOH HOH A . 
M 4 HOH 16 33  33  HOH HOH A . 
M 4 HOH 17 34  34  HOH HOH A . 
M 4 HOH 18 36  36  HOH HOH A . 
M 4 HOH 19 37  37  HOH HOH A . 
M 4 HOH 20 41  41  HOH HOH A . 
M 4 HOH 21 43  43  HOH HOH A . 
M 4 HOH 22 49  49  HOH HOH A . 
M 4 HOH 23 50  50  HOH HOH A . 
M 4 HOH 24 51  51  HOH HOH A . 
M 4 HOH 25 52  52  HOH HOH A . 
M 4 HOH 26 54  54  HOH HOH A . 
M 4 HOH 27 55  55  HOH HOH A . 
M 4 HOH 28 58  58  HOH HOH A . 
M 4 HOH 29 61  61  HOH HOH A . 
M 4 HOH 30 63  63  HOH HOH A . 
M 4 HOH 31 68  68  HOH HOH A . 
M 4 HOH 32 74  74  HOH HOH A . 
M 4 HOH 33 75  75  HOH HOH A . 
M 4 HOH 34 81  81  HOH HOH A . 
M 4 HOH 35 83  83  HOH HOH A . 
M 4 HOH 36 87  87  HOH HOH A . 
M 4 HOH 37 89  89  HOH HOH A . 
M 4 HOH 38 90  90  HOH HOH A . 
M 4 HOH 39 91  91  HOH HOH A . 
M 4 HOH 40 98  98  HOH HOH A . 
M 4 HOH 41 100 100 HOH HOH A . 
M 4 HOH 42 109 109 HOH HOH A . 
M 4 HOH 43 110 110 HOH HOH A . 
M 4 HOH 44 111 111 HOH HOH A . 
M 4 HOH 45 112 112 HOH HOH A . 
M 4 HOH 46 117 117 HOH HOH A . 
M 4 HOH 47 118 118 HOH HOH A . 
M 4 HOH 48 381 2   HOH HOH A . 
N 4 HOH 1  1   1   HOH HOH B . 
N 4 HOH 2  3   3   HOH HOH B . 
N 4 HOH 3  7   7   HOH HOH B . 
N 4 HOH 4  9   9   HOH HOH B . 
N 4 HOH 5  11  11  HOH HOH B . 
N 4 HOH 6  12  12  HOH HOH B . 
N 4 HOH 7  14  14  HOH HOH B . 
N 4 HOH 8  17  17  HOH HOH B . 
N 4 HOH 9  19  19  HOH HOH B . 
N 4 HOH 10 23  23  HOH HOH B . 
N 4 HOH 11 27  27  HOH HOH B . 
N 4 HOH 12 28  28  HOH HOH B . 
N 4 HOH 13 31  31  HOH HOH B . 
N 4 HOH 14 32  32  HOH HOH B . 
N 4 HOH 15 35  35  HOH HOH B . 
N 4 HOH 16 38  38  HOH HOH B . 
N 4 HOH 17 39  39  HOH HOH B . 
N 4 HOH 18 42  42  HOH HOH B . 
N 4 HOH 19 45  45  HOH HOH B . 
N 4 HOH 20 46  46  HOH HOH B . 
N 4 HOH 21 47  47  HOH HOH B . 
N 4 HOH 22 48  48  HOH HOH B . 
N 4 HOH 23 53  53  HOH HOH B . 
N 4 HOH 24 56  56  HOH HOH B . 
N 4 HOH 25 57  57  HOH HOH B . 
N 4 HOH 26 59  59  HOH HOH B . 
N 4 HOH 27 60  60  HOH HOH B . 
N 4 HOH 28 65  65  HOH HOH B . 
N 4 HOH 29 66  66  HOH HOH B . 
N 4 HOH 30 67  67  HOH HOH B . 
N 4 HOH 31 70  70  HOH HOH B . 
N 4 HOH 32 71  71  HOH HOH B . 
N 4 HOH 33 73  73  HOH HOH B . 
N 4 HOH 34 76  76  HOH HOH B . 
N 4 HOH 35 77  77  HOH HOH B . 
N 4 HOH 36 78  78  HOH HOH B . 
N 4 HOH 37 79  79  HOH HOH B . 
N 4 HOH 38 82  82  HOH HOH B . 
N 4 HOH 39 84  84  HOH HOH B . 
N 4 HOH 40 85  85  HOH HOH B . 
N 4 HOH 41 86  86  HOH HOH B . 
N 4 HOH 42 88  88  HOH HOH B . 
N 4 HOH 43 92  92  HOH HOH B . 
N 4 HOH 44 93  93  HOH HOH B . 
N 4 HOH 45 94  94  HOH HOH B . 
N 4 HOH 46 95  95  HOH HOH B . 
N 4 HOH 47 96  96  HOH HOH B . 
N 4 HOH 48 97  97  HOH HOH B . 
N 4 HOH 49 99  99  HOH HOH B . 
N 4 HOH 50 101 101 HOH HOH B . 
N 4 HOH 51 102 102 HOH HOH B . 
N 4 HOH 52 103 103 HOH HOH B . 
N 4 HOH 53 104 104 HOH HOH B . 
N 4 HOH 54 105 105 HOH HOH B . 
N 4 HOH 55 106 106 HOH HOH B . 
N 4 HOH 56 107 107 HOH HOH B . 
N 4 HOH 57 108 108 HOH HOH B . 
N 4 HOH 58 113 113 HOH HOH B . 
N 4 HOH 59 114 114 HOH HOH B . 
N 4 HOH 60 115 115 HOH HOH B . 
N 4 HOH 61 116 116 HOH HOH B . 
N 4 HOH 62 119 119 HOH HOH B . 
N 4 HOH 63 120 120 HOH HOH B . 
N 4 HOH 64 121 121 HOH HOH B . 
N 4 HOH 65 122 122 HOH HOH B . 
N 4 HOH 66 381 4   HOH HOH B . 
O 4 HOH 1  18  18  HOH HOH D . 
O 4 HOH 2  40  40  HOH HOH D . 
O 4 HOH 3  62  62  HOH HOH D . 
O 4 HOH 4  64  64  HOH HOH D . 
O 4 HOH 5  80  80  HOH HOH D . 
P 4 HOH 1  44  44  HOH HOH E . 
P 4 HOH 2  69  69  HOH HOH E . 
P 4 HOH 3  72  72  HOH HOH E . 
# 
loop_
_software.pdbx_ordinal 
_software.name 
_software.version 
_software.date 
_software.type 
_software.contact_author 
_software.contact_author_email 
_software.classification 
_software.location 
_software.language 
_software.citation_id 
1 DENZO       .       ?               program 'Zbyszek Otwinowski' hkl@hkl-xray.com         'data reduction'  
http://www.hkl-xray.com/                  ?   ? 
2 SCALEPACK   .       ?               package 'Zbyszek Otwinowski' hkl@hkl-xray.com         'data scaling'    
http://www.hkl-xray.com/                  ?   ? 
3 PHENIX      1.4_153 ?               package 'Paul D. Adams'      PDAdams@lbl.gov          refinement        
http://www.phenix-online.org/             C++ ? 
4 PDB_EXTRACT 3.10    'June 10, 2010' package PDB                  deposit@deposit.rcsb.org 'data extraction' 
http://sw-tools.pdb.org/apps/PDB_EXTRACT/ C++ ? 
5 ADSC        Quantum ?               ?       ?                    ?                        'data collection' ? ?   ? 
6 HKL-2000    .       ?               ?       ?                    ?                        'data scaling'    ? ?   ? 
# 
_cell.length_a           43.218 
_cell.length_b           43.218 
_cell.length_c           184.347 
_cell.angle_alpha        90.000 
_cell.angle_beta         90.000 
_cell.angle_gamma        90.000 
_cell.entry_id           3SOU 
_cell.pdbx_unique_axis   ? 
_cell.Z_PDB              16 
_cell.length_a_esd       ? 
_cell.length_b_esd       ? 
_cell.length_c_esd       ? 
_cell.angle_alpha_esd    ? 
_cell.angle_beta_esd     ? 
_cell.angle_gamma_esd    ? 
# 
_symmetry.space_group_name_H-M             'P 43 21 2' 
_symmetry.entry_id                         3SOU 
_symmetry.Int_Tables_number                96 
_symmetry.pdbx_full_space_group_name_H-M   ? 
_symmetry.cell_setting                     ? 
_symmetry.space_group_name_Hall            ? 
# 
_exptl.crystals_number   1 
_exptl.entry_id          3SOU 
_exptl.method            'X-RAY DIFFRACTION' 
# 
_exptl_crystal.id                    1 
_exptl_crystal.density_Matthews      2.40 
_exptl_crystal.density_meas          ? 
_exptl_crystal.density_percent_sol   48.65 
_exptl_crystal.description           ? 
_exptl_crystal.F_000                 ? 
_exptl_crystal.preparation           ? 
# 
_exptl_crystal_grow.crystal_id      1 
_exptl_crystal_grow.method          'VAPOR DIFFUSION, SITTING DROP' 
_exptl_crystal_grow.pH              6.5 
_exptl_crystal_grow.temp            291 
_exptl_crystal_grow.temp_details    ? 
_exptl_crystal_grow.pdbx_details    
;30% w/v polyethylene glycol 8,000, 0.2 M sodium acetate trihydrate, 0.1 M sodium cacodylate trihydrate, pH 6.5, VAPOR DIFFUSION, SITTING DROP, temperature 291K
;
_exptl_crystal_grow.pdbx_pH_range   ? 
# 
_diffrn.id                     1 
_diffrn.ambient_temp           100 
_diffrn.ambient_temp_details   ? 
_diffrn.crystal_id             1 
# 
_diffrn_detector.diffrn_id              1 
_diffrn_detector.detector               CCD 
_diffrn_detector.type                   'ADSC QUANTUM 315r' 
_diffrn_detector.pdbx_collection_date   ? 
_diffrn_detector.details                Mirrors 
# 
_diffrn_radiation.diffrn_id                        1 
_diffrn_radiation.wavelength_id                    1 
_diffrn_radiation.pdbx_diffrn_protocol             'SINGLE WAVELENGTH' 
_diffrn_radiation.monochromator                    'Cryomech AL300 cooling on a Si(111) crystal' 
_diffrn_radiation.pdbx_monochromatic_or_laue_m_l   M 
_diffrn_radiation.pdbx_scattering_type             x-ray 
# 
_diffrn_radiation_wavelength.id           1 
_diffrn_radiation_wavelength.wavelength   1.2828 
_diffrn_radiation_wavelength.wt           1.0 
# 
_diffrn_source.diffrn_id                   1 
_diffrn_source.source                      SYNCHROTRON 
_diffrn_source.type                        'NSLS BEAMLINE X29A' 
_diffrn_source.pdbx_wavelength             ? 
_diffrn_source.pdbx_wavelength_list        1.2828 
_diffrn_source.pdbx_synchrotron_site       NSLS 
_diffrn_source.pdbx_synchrotron_beamline   X29A 
# 
_reflns.entry_id                     3SOU 
_reflns.d_resolution_high            1.8001 
_reflns.d_resolution_low             20.000 
_reflns.number_obs                   17072 
_reflns.pdbx_Rmerge_I_obs            0.069 
_reflns.pdbx_netI_over_sigmaI        15.600 
_reflns.pdbx_chi_squared             1.002 
_reflns.pdbx_redundancy              13.100 
_reflns.percent_possible_obs         99.100 
_reflns.observed_criterion_sigma_F   ? 
_reflns.observed_criterion_sigma_I   2 
_reflns.number_all                   ? 
_reflns.pdbx_Rsym_value              ? 
_reflns.B_iso_Wilson_estimate        ? 
_reflns.R_free_details               ? 
_reflns.limit_h_max                  ? 
_reflns.limit_h_min                  ? 
_reflns.limit_k_max                  ? 
_reflns.limit_k_min                  ? 
_reflns.limit_l_max                  ? 
_reflns.limit_l_min                  ? 
_reflns.observed_criterion_F_max     ? 
_reflns.observed_criterion_F_min     ? 
_reflns.pdbx_scaling_rejects         ? 
_reflns.pdbx_ordinal                 1 
_reflns.pdbx_diffrn_id               1 
# 
loop_
_reflns_shell.d_res_high 
_reflns_shell.d_res_low 
_reflns_shell.number_measured_obs 
_reflns_shell.number_measured_all 
_reflns_shell.number_unique_obs 
_reflns_shell.Rmerge_I_obs 
_reflns_shell.meanI_over_sigI_obs 
_reflns_shell.pdbx_Rsym_value 
_reflns_shell.pdbx_chi_squared 
_reflns_shell.pdbx_redundancy 
_reflns_shell.percent_possible_obs 
_reflns_shell.number_unique_all 
_reflns_shell.percent_possible_all 
_reflns_shell.pdbx_ordinal 
_reflns_shell.pdbx_diffrn_id 
1.8001 1.860  ? ? ? 0.541 1.67 ? 0.435 6.500  ? 1507 92.100  1  1 
1.860  1.940  ? ? ? 0.405 ?    ? 0.469 11.800 ? 1675 99.900  2  1 
1.940  2.030  ? ? ? 0.296 ?    ? 0.494 14.900 ? 1673 100.000 3  1 
2.030  2.130  ? ? ? 0.195 ?    ? 0.590 15.200 ? 1676 100.000 4  1 
2.130  2.270  ? ? ? 0.144 ?    ? 0.750 15.100 ? 1710 100.000 5  1 
2.270  2.440  ? ? ? 0.118 ?    ? 0.922 15.000 ? 1697 100.000 6  1 
2.440  2.690  ? ? ? 0.093 ?    ? 1.147 14.600 ? 1722 100.000 7  1 
2.690  3.070  ? ? ? 0.072 ?    ? 1.496 13.800 ? 1736 100.000 8  1 
3.070  3.870  ? ? ? 0.058 ?    ? 1.732 12.400 ? 1774 99.800  9  1 
3.870  20.000 ? ? ? 0.045 ?    ? 1.784 11.000 ? 1902 98.900  10 1 
# 
_refine.entry_id                                 3SOU 
_refine.ls_d_res_high                            1.8001 
_refine.ls_d_res_low                             19.9500 
_refine.pdbx_ls_sigma_F                          1.350 
_refine.pdbx_data_cutoff_high_absF               ? 
_refine.pdbx_data_cutoff_low_absF                ? 
_refine.ls_percent_reflns_obs                    99.1400 
_refine.ls_number_reflns_obs                     16989 
_refine.ls_number_reflns_all                     ? 
_refine.pdbx_ls_cross_valid_method               THROUGHOUT 
_refine.pdbx_R_Free_selection_details            RANDOM 
_refine.details                                  ? 
_refine.ls_R_factor_all                          ? 
_refine.ls_R_factor_obs                          0.2169 
_refine.ls_R_factor_R_work                       0.2155 
_refine.ls_wR_factor_R_work                      ? 
_refine.ls_R_factor_R_free                       0.2432 
_refine.ls_wR_factor_R_free                      ? 
_refine.ls_percent_reflns_R_free                 5.0700 
_refine.ls_number_reflns_R_free                  862 
_refine.ls_R_factor_R_free_error                 ? 
_refine.B_iso_mean                               31.4286 
_refine.solvent_model_param_bsol                 40.2540 
_refine.solvent_model_param_ksol                 0.3770 
_refine.pdbx_isotropic_thermal_model             ? 
_refine.aniso_B[1][1]                            1.6514 
_refine.aniso_B[2][2]                            1.6514 
_refine.aniso_B[3][3]                            -3.3028 
_refine.aniso_B[1][2]                            0.0000 
_refine.aniso_B[1][3]                            -0.0000 
_refine.aniso_B[2][3]                            0.0000 
_refine.correlation_coeff_Fo_to_Fc               ? 
_refine.correlation_coeff_Fo_to_Fc_free          ? 
_refine.overall_SU_R_Cruickshank_DPI             ? 
_refine.overall_SU_R_free                        ? 
_refine.pdbx_overall_ESU_R_Free                  ? 
_refine.overall_SU_ML                            0.2400 
_refine.overall_SU_B                             ? 
_refine.solvent_model_details                    'FLAT BULK SOLVENT MODEL' 
_refine.pdbx_solvent_vdw_probe_radii             1.1100 
_refine.pdbx_solvent_ion_probe_radii             ? 
_refine.pdbx_solvent_shrinkage_radii             0.9000 
_refine.ls_number_parameters                     ? 
_refine.ls_number_restraints                     ? 
_refine.pdbx_starting_model                      ? 
_refine.pdbx_method_to_determine_struct          SAD 
_refine.pdbx_stereochemistry_target_values       ML 
_refine.pdbx_stereochem_target_val_spec_case     ? 
_refine.overall_FOM_work_R_set                   0.8530 
_refine.B_iso_max                                59.710 
_refine.B_iso_min                                18.280 
_refine.pdbx_overall_phase_error                 20.5800 
_refine.occupancy_max                            1.000 
_refine.occupancy_min                            1.000 
_refine.pdbx_ls_sigma_I                          ? 
_refine.ls_redundancy_reflns_obs                 ? 
_refine.ls_R_factor_R_free_error_details         ? 
_refine.pdbx_data_cutoff_high_rms_absF           ? 
_refine.overall_FOM_free_R_set                   ? 
_refine.pdbx_diffrn_id                           1 
_refine.pdbx_refine_id                           'X-RAY DIFFRACTION' 
_refine.pdbx_overall_ESU_R                       ? 
_refine.pdbx_TLS_residual_ADP_flag               ? 
_refine.pdbx_overall_SU_R_free_Cruickshank_DPI   ? 
_refine.pdbx_overall_SU_R_Blow_DPI               ? 
_refine.pdbx_overall_SU_R_free_Blow_DPI          ? 
# 
_refine_hist.pdbx_refine_id                   'X-RAY DIFFRACTION' 
_refine_hist.cycle_id                         LAST 
_refine_hist.pdbx_number_atoms_protein        1198 
_refine_hist.pdbx_number_atoms_nucleic_acid   0 
_refine_hist.pdbx_number_atoms_ligand         8 
_refine_hist.number_atoms_solvent             122 
_refine_hist.number_atoms_total               1328 
_refine_hist.d_res_high                       1.8001 
_refine_hist.d_res_low                        19.9500 
# 
loop_
_refine_ls_restr.type 
_refine_ls_restr.number 
_refine_ls_restr.dev_ideal 
_refine_ls_restr.dev_ideal_target 
_refine_ls_restr.weight 
_refine_ls_restr.pdbx_restraint_function 
_refine_ls_restr.pdbx_refine_id 
f_bond_d           1222 0.008  ? ? ? 'X-RAY DIFFRACTION' 
f_angle_d          1648 1.167  ? ? ? 'X-RAY DIFFRACTION' 
f_chiral_restr     170  0.082  ? ? ? 'X-RAY DIFFRACTION' 
f_plane_restr      224  0.005  ? ? ? 'X-RAY DIFFRACTION' 
f_dihedral_angle_d 469  18.358 ? ? ? 'X-RAY DIFFRACTION' 
# 
loop_
_refine_ls_shell.d_res_high 
_refine_ls_shell.d_res_low 
_refine_ls_shell.pdbx_total_number_of_bins_used 
_refine_ls_shell.percent_reflns_obs 
_refine_ls_shell.number_reflns_R_work 
_refine_ls_shell.R_factor_all 
_refine_ls_shell.R_factor_R_work 
_refine_ls_shell.R_factor_R_free 
_refine_ls_shell.percent_reflns_R_free 
_refine_ls_shell.number_reflns_R_free 
_refine_ls_shell.R_factor_R_free_error 
_refine_ls_shell.number_reflns_all 
_refine_ls_shell.number_reflns_obs 
_refine_ls_shell.redundancy_reflns_obs 
_refine_ls_shell.pdbx_refine_id 
1.8001 1.9128  6 95.0000  2480 . 0.2310 0.2928 . 145 . 2625 . . 'X-RAY DIFFRACTION' 
1.9128 2.0604  6 100.0000 2657 . 0.2042 0.2403 . 149 . 2806 . . 'X-RAY DIFFRACTION' 
2.0604 2.2674  6 100.0000 2650 . 0.1967 0.2460 . 141 . 2791 . . 'X-RAY DIFFRACTION' 
2.2674 2.5949  6 100.0000 2689 . 0.2222 0.2719 . 134 . 2823 . . 'X-RAY DIFFRACTION' 
2.5949 3.2670  6 100.0000 2726 . 0.2288 0.2592 . 151 . 2877 . . 'X-RAY DIFFRACTION' 
3.2670 19.9508 6 99.0000  2925 . 0.2007 0.2066 . 142 . 3067 . . 'X-RAY DIFFRACTION' 
# 
_struct.entry_id                  3SOU 
_struct.title                     'Structure of UHRF1 PHD finger in complex with histone H3 1-9 peptide' 
_struct.pdbx_model_details        ? 
_struct.pdbx_CASP_flag            ? 
_struct.pdbx_model_type_details   ? 
# 
_struct_keywords.entry_id        3SOU 
_struct_keywords.pdbx_keywords   LIGASE 
_struct_keywords.text            'Zn coordinated PHD finger, Histone binding, Histone H3, ligase' 
# 
loop_
_struct_asym.id 
_struct_asym.pdbx_blank_PDB_chainid_flag 
_struct_asym.pdbx_modified 
_struct_asym.entity_id 
_struct_asym.details 
A N N 1 ? 
B N N 1 ? 
C N N 2 ? 
D N N 2 ? 
E N N 3 ? 
F N N 3 ? 
G N N 3 ? 
H N N 3 ? 
I N N 3 ? 
J N N 3 ? 
K N N 3 ? 
L N N 3 ? 
M N N 4 ? 
N N N 4 ? 
O N N 4 ? 
P N N 4 ? 
# 
loop_
_struct_ref.id 
_struct_ref.db_name 
_struct_ref.db_code 
_struct_ref.pdbx_db_accession 
_struct_ref.entity_id 
_struct_ref.pdbx_seq_one_letter_code 
_struct_ref.pdbx_align_begin 
_struct_ref.pdbx_db_isoform 
1 UNP UHRF1_HUMAN Q96T88 1 SGPSCKHCKDDVNRLCRVCACHLCGGRQDPDKQLMCDECDMAFHIYCLDPPLSSVPSEDEWYCPECRNDA 298 ? 
2 PDB 3SOU        3SOU   2 ARTKQTARK                                                              1   ? 
# 
loop_
_struct_ref_seq.align_id 
_struct_ref_seq.ref_id 
_struct_ref_seq.pdbx_PDB_id_code 
_struct_ref_seq.pdbx_strand_id 
_struct_ref_seq.seq_align_beg 
_struct_ref_seq.pdbx_seq_align_beg_ins_code 
_struct_ref_seq.seq_align_end 
_struct_ref_seq.pdbx_seq_align_end_ins_code 
_struct_ref_seq.pdbx_db_accession 
_struct_ref_seq.db_align_beg 
_struct_ref_seq.pdbx_db_align_beg_ins_code 
_struct_ref_seq.db_align_end 
_struct_ref_seq.pdbx_db_align_end_ins_code 
_struct_ref_seq.pdbx_auth_seq_align_beg 
_struct_ref_seq.pdbx_auth_seq_align_end 
1 1 3SOU A 1 ? 70 ? Q96T88 298 ? 367 ? 311 380 
2 1 3SOU B 1 ? 70 ? Q96T88 298 ? 367 ? 311 380 
3 2 3SOU D 1 ? 9  ? 3SOU   1   ? 9   ? 1   9   
4 2 3SOU E 1 ? 9  ? 3SOU   1   ? 9   ? 1   9   
# 
loop_
_pdbx_struct_assembly.id 
_pdbx_struct_assembly.details 
_pdbx_struct_assembly.method_details 
_pdbx_struct_assembly.oligomeric_details 
_pdbx_struct_assembly.oligomeric_count 
1 author_and_software_defined_assembly PISA dimeric    2 
2 author_and_software_defined_assembly PISA dimeric    2 
3 software_defined_assembly            PISA tetrameric 4 
# 
loop_
_pdbx_struct_assembly_prop.biol_id 
_pdbx_struct_assembly_prop.type 
_pdbx_struct_assembly_prop.value 
_pdbx_struct_assembly_prop.details 
1 'ABSA (A^2)' 1000  ? 
1 MORE         -28   ? 
1 'SSA (A^2)'  5660  ? 
2 'ABSA (A^2)' 970   ? 
2 MORE         -29   ? 
2 'SSA (A^2)'  5750  ? 
3 'ABSA (A^2)' 2720  ? 
3 MORE         -86   ? 
3 'SSA (A^2)'  10650 ? 
# 
loop_
_pdbx_struct_assembly_gen.assembly_id 
_pdbx_struct_assembly_gen.oper_expression 
_pdbx_struct_assembly_gen.asym_id_list 
1 1 A,C,E,F,G,H,M,O                 
2 1 B,D,I,J,K,L,N,P                 
3 1 A,B,C,D,E,F,G,H,I,J,K,L,M,N,O,P 
# 
_pdbx_struct_oper_list.id                   1 
_pdbx_struct_oper_list.type                 'identity operation' 
_pdbx_struct_oper_list.name                 1_555 
_pdbx_struct_oper_list.symmetry_operation   x,y,z 
_pdbx_struct_oper_list.matrix[1][1]         1.0000000000 
_pdbx_struct_oper_list.matrix[1][2]         0.0000000000 
_pdbx_struct_oper_list.matrix[1][3]         0.0000000000 
_pdbx_struct_oper_list.vector[1]            0.0000000000 
_pdbx_struct_oper_list.matrix[2][1]         0.0000000000 
_pdbx_struct_oper_list.matrix[2][2]         1.0000000000 
_pdbx_struct_oper_list.matrix[2][3]         0.0000000000 
_pdbx_struct_oper_list.vector[2]            0.0000000000 
_pdbx_struct_oper_list.matrix[3][1]         0.0000000000 
_pdbx_struct_oper_list.matrix[3][2]         0.0000000000 
_pdbx_struct_oper_list.matrix[3][3]         1.0000000000 
_pdbx_struct_oper_list.vector[3]            0.0000000000 
# 
_struct_biol.id        1 
_struct_biol.details   ? 
# 
loop_
_struct_conf.conf_type_id 
_struct_conf.id 
_struct_conf.pdbx_PDB_helix_id 
_struct_conf.beg_label_comp_id 
_struct_conf.beg_label_asym_id 
_struct_conf.beg_label_seq_id 
_struct_conf.pdbx_beg_PDB_ins_code 
_struct_conf.end_label_comp_id 
_struct_conf.end_label_asym_id 
_struct_conf.end_label_seq_id 
_struct_conf.pdbx_end_PDB_ins_code 
_struct_conf.beg_auth_comp_id 
_struct_conf.beg_auth_asym_id 
_struct_conf.beg_auth_seq_id 
_struct_conf.end_auth_comp_id 
_struct_conf.end_auth_asym_id 
_struct_conf.end_auth_seq_id 
_struct_conf.pdbx_PDB_helix_class 
_struct_conf.details 
_struct_conf.pdbx_PDB_helix_length 
HELX_P HELX_P1 1 ASP A 29 ? ASP A 31 ? ASP A 339 ASP A 341 5 ? 3 
HELX_P HELX_P2 2 ASP B 29 ? ASP B 31 ? ASP B 339 ASP B 341 5 ? 3 
HELX_P HELX_P3 3 TYR B 46 ? LEU B 48 ? TYR B 356 LEU B 358 5 ? 3 
# 
_struct_conf_type.id          HELX_P 
_struct_conf_type.criteria    ? 
_struct_conf_type.reference   ? 
# 
loop_
_struct_conn.id 
_struct_conn.conn_type_id 
_struct_conn.pdbx_leaving_atom_flag 
_struct_conn.pdbx_PDB_id 
_struct_conn.ptnr1_label_asym_id 
_struct_conn.ptnr1_label_comp_id 
_struct_conn.ptnr1_label_seq_id 
_struct_conn.ptnr1_label_atom_id 
_struct_conn.pdbx_ptnr1_label_alt_id 
_struct_conn.pdbx_ptnr1_PDB_ins_code 
_struct_conn.pdbx_ptnr1_standard_comp_id 
_struct_conn.ptnr1_symmetry 
_struct_conn.ptnr2_label_asym_id 
_struct_conn.ptnr2_label_comp_id 
_struct_conn.ptnr2_label_seq_id 
_struct_conn.ptnr2_label_atom_id 
_struct_conn.pdbx_ptnr2_label_alt_id 
_struct_conn.pdbx_ptnr2_PDB_ins_code 
_struct_conn.ptnr1_auth_asym_id 
_struct_conn.ptnr1_auth_comp_id 
_struct_conn.ptnr1_auth_seq_id 
_struct_conn.ptnr2_auth_asym_id 
_struct_conn.ptnr2_auth_comp_id 
_struct_conn.ptnr2_auth_seq_id 
_struct_conn.ptnr2_symmetry 
_struct_conn.pdbx_ptnr3_label_atom_id 
_struct_conn.pdbx_ptnr3_label_seq_id 
_struct_conn.pdbx_ptnr3_label_comp_id 
_struct_conn.pdbx_ptnr3_label_asym_id 
_struct_conn.pdbx_ptnr3_label_alt_id 
_struct_conn.pdbx_ptnr3_PDB_ins_code 
_struct_conn.details 
_struct_conn.pdbx_dist_value 
_struct_conn.pdbx_value_order 
_struct_conn.pdbx_role 
metalc1  metalc ? ? E ZN  . ZN  ? ? ? 1_555 A CYS 5  SG  ? ? A ZN  1   A CYS 315 1_555 ? ? ? ? ? ? ? 2.353 ? ? 
metalc2  metalc ? ? E ZN  . ZN  ? ? ? 1_555 A CYS 8  SG  ? ? A ZN  1   A CYS 318 1_555 ? ? ? ? ? ? ? 2.406 ? ? 
metalc3  metalc ? ? E ZN  . ZN  ? ? ? 1_555 A CYS 16 SG  ? ? A ZN  1   A CYS 326 1_555 ? ? ? ? ? ? ? 2.308 ? ? 
metalc4  metalc ? ? E ZN  . ZN  ? ? ? 1_555 A CYS 19 SG  ? ? A ZN  1   A CYS 329 1_555 ? ? ? ? ? ? ? 2.378 ? ? 
metalc5  metalc ? ? F ZN  . ZN  ? ? ? 1_555 A CYS 21 SG  ? ? A ZN  2   A CYS 331 1_555 ? ? ? ? ? ? ? 2.372 ? ? 
metalc6  metalc ? ? F ZN  . ZN  ? ? ? 1_555 A CYS 24 SG  ? ? A ZN  2   A CYS 334 1_555 ? ? ? ? ? ? ? 2.389 ? ? 
metalc7  metalc ? ? F ZN  . ZN  ? ? ? 1_555 A HIS 44 ND1 ? ? A ZN  2   A HIS 354 1_555 ? ? ? ? ? ? ? 2.179 ? ? 
metalc8  metalc ? ? F ZN  . ZN  ? ? ? 1_555 A CYS 47 SG  ? ? A ZN  2   A CYS 357 1_555 ? ? ? ? ? ? ? 2.295 ? ? 
metalc9  metalc ? ? G ZN  . ZN  ? ? ? 1_555 A CYS 36 SG  ? ? A ZN  3   A CYS 346 1_555 ? ? ? ? ? ? ? 2.354 ? ? 
metalc10 metalc ? ? G ZN  . ZN  ? ? ? 1_555 A CYS 39 SG  ? ? A ZN  3   A CYS 349 1_555 ? ? ? ? ? ? ? 2.336 ? ? 
metalc11 metalc ? ? G ZN  . ZN  ? ? ? 1_555 A CYS 63 SG  ? ? A ZN  3   A CYS 373 1_555 ? ? ? ? ? ? ? 2.353 ? ? 
metalc12 metalc ? ? G ZN  . ZN  ? ? ? 1_555 A CYS 66 SG  ? ? A ZN  3   A CYS 376 1_555 ? ? ? ? ? ? ? 2.366 ? ? 
metalc13 metalc ? ? H ZN  . ZN  ? ? ? 1_555 A HIS 22 NE2 ? ? A ZN  7   A HIS 332 1_555 ? ? ? ? ? ? ? 2.154 ? ? 
metalc14 metalc ? ? H ZN  . ZN  ? ? ? 1_555 A GLU 65 OE2 ? ? A ZN  7   A GLU 375 1_555 ? ? ? ? ? ? ? 2.021 ? ? 
metalc15 metalc ? ? H ZN  . ZN  ? ? ? 1_555 N HOH .  O   ? ? A ZN  7   B HOH 101 1_555 ? ? ? ? ? ? ? 2.336 ? ? 
metalc16 metalc ? ? H ZN  . ZN  ? ? ? 1_555 B HIS 7  ND1 ? ? A ZN  7   B HIS 317 1_555 ? ? ? ? ? ? ? 2.046 ? ? 
metalc17 metalc ? ? A HIS 7 ND1 ? ? ? 1_555 L ZN  .  ZN  ? ? A HIS 317 B ZN  8   1_555 ? ? ? ? ? ? ? 1.999 ? ? 
metalc18 metalc ? ? I ZN  . ZN  ? ? ? 1_555 B CYS 21 SG  ? ? B ZN  4   B CYS 331 1_555 ? ? ? ? ? ? ? 2.323 ? ? 
metalc19 metalc ? ? I ZN  . ZN  ? ? ? 1_555 B CYS 24 SG  ? ? B ZN  4   B CYS 334 1_555 ? ? ? ? ? ? ? 2.322 ? ? 
metalc20 metalc ? ? I ZN  . ZN  ? ? ? 1_555 B HIS 44 ND1 ? ? B ZN  4   B HIS 354 1_555 ? ? ? ? ? ? ? 2.155 ? ? 
metalc21 metalc ? ? I ZN  . ZN  ? ? ? 1_555 B CYS 47 SG  ? ? B ZN  4   B CYS 357 1_555 ? ? ? ? ? ? ? 2.373 ? ? 
metalc22 metalc ? ? J ZN  . ZN  ? ? ? 1_555 B CYS 5  SG  ? ? B ZN  5   B CYS 315 1_555 ? ? ? ? ? ? ? 2.404 ? ? 
metalc23 metalc ? ? J ZN  . ZN  ? ? ? 1_555 B CYS 8  SG  ? ? B ZN  5   B CYS 318 1_555 ? ? ? ? ? ? ? 2.365 ? ? 
metalc24 metalc ? ? J ZN  . ZN  ? ? ? 1_555 B CYS 16 SG  ? ? B ZN  5   B CYS 326 1_555 ? ? ? ? ? ? ? 2.371 ? ? 
metalc25 metalc ? ? J ZN  . ZN  ? ? ? 1_555 B CYS 19 SG  ? ? B ZN  5   B CYS 329 1_555 ? ? ? ? ? ? ? 2.314 ? ? 
metalc26 metalc ? ? K ZN  . ZN  ? ? ? 1_555 B CYS 36 SG  ? ? B ZN  6   B CYS 346 1_555 ? ? ? ? ? ? ? 2.363 ? ? 
metalc27 metalc ? ? K ZN  . ZN  ? ? ? 1_555 B CYS 39 SG  ? ? B ZN  6   B CYS 349 1_555 ? ? ? ? ? ? ? 2.359 ? ? 
metalc28 metalc ? ? K ZN  . ZN  ? ? ? 1_555 B CYS 63 SG  ? ? B ZN  6   B CYS 373 1_555 ? ? ? ? ? ? ? 2.360 ? ? 
metalc29 metalc ? ? K ZN  . ZN  ? ? ? 1_555 B CYS 66 SG  ? ? B ZN  6   B CYS 376 1_555 ? ? ? ? ? ? ? 2.347 ? ? 
metalc30 metalc ? ? L ZN  . ZN  ? ? ? 1_555 N HOH .  O   ? ? B ZN  8   B HOH 102 1_555 ? ? ? ? ? ? ? 2.100 ? ? 
metalc31 metalc ? ? L ZN  . ZN  ? ? ? 1_555 B HIS 22 NE2 ? ? B ZN  8   B HIS 332 1_555 ? ? ? ? ? ? ? 2.080 ? ? 
metalc32 metalc ? ? L ZN  . ZN  ? ? ? 1_555 B GLU 65 OE2 ? ? B ZN  8   B GLU 375 1_555 ? ? ? ? ? ? ? 2.004 ? ? 
# 
_struct_conn_type.id          metalc 
_struct_conn_type.criteria    ? 
_struct_conn_type.reference   ? 
# 
loop_
_pdbx_struct_conn_angle.id 
_pdbx_struct_conn_angle.ptnr1_label_atom_id 
_pdbx_struct_conn_angle.ptnr1_label_alt_id 
_pdbx_struct_conn_angle.ptnr1_label_asym_id 
_pdbx_struct_conn_angle.ptnr1_label_comp_id 
_pdbx_struct_conn_angle.ptnr1_label_seq_id 
_pdbx_struct_conn_angle.ptnr1_auth_atom_id 
_pdbx_struct_conn_angle.ptnr1_auth_asym_id 
_pdbx_struct_conn_angle.ptnr1_auth_comp_id 
_pdbx_struct_conn_angle.ptnr1_auth_seq_id 
_pdbx_struct_conn_angle.ptnr1_PDB_ins_code 
_pdbx_struct_conn_angle.ptnr1_symmetry 
_pdbx_struct_conn_angle.ptnr2_label_atom_id 
_pdbx_struct_conn_angle.ptnr2_label_alt_id 
_pdbx_struct_conn_angle.ptnr2_label_asym_id 
_pdbx_struct_conn_angle.ptnr2_label_comp_id 
_pdbx_struct_conn_angle.ptnr2_label_seq_id 
_pdbx_struct_conn_angle.ptnr2_auth_atom_id 
_pdbx_struct_conn_angle.ptnr2_auth_asym_id 
_pdbx_struct_conn_angle.ptnr2_auth_comp_id 
_pdbx_struct_conn_angle.ptnr2_auth_seq_id 
_pdbx_struct_conn_angle.ptnr2_PDB_ins_code 
_pdbx_struct_conn_angle.ptnr2_symmetry 
_pdbx_struct_conn_angle.ptnr3_label_atom_id 
_pdbx_struct_conn_angle.ptnr3_label_alt_id 
_pdbx_struct_conn_angle.ptnr3_label_asym_id 
_pdbx_struct_conn_angle.ptnr3_label_comp_id 
_pdbx_struct_conn_angle.ptnr3_label_seq_id 
_pdbx_struct_conn_angle.ptnr3_auth_atom_id 
_pdbx_struct_conn_angle.ptnr3_auth_asym_id 
_pdbx_struct_conn_angle.ptnr3_auth_comp_id 
_pdbx_struct_conn_angle.ptnr3_auth_seq_id 
_pdbx_struct_conn_angle.ptnr3_PDB_ins_code 
_pdbx_struct_conn_angle.ptnr3_symmetry 
_pdbx_struct_conn_angle.value 
_pdbx_struct_conn_angle.value_esd 
1  SG  ? A CYS 5  ? A CYS 315 ? 1_555 ZN ? E ZN . ? A ZN 1 ? 1_555 SG  ? A CYS 8  ? A CYS 318 ? 1_555 109.2 ? 
2  SG  ? A CYS 5  ? A CYS 315 ? 1_555 ZN ? E ZN . ? A ZN 1 ? 1_555 SG  ? A CYS 16 ? A CYS 326 ? 1_555 113.3 ? 
3  SG  ? A CYS 8  ? A CYS 318 ? 1_555 ZN ? E ZN . ? A ZN 1 ? 1_555 SG  ? A CYS 16 ? A CYS 326 ? 1_555 110.4 ? 
4  SG  ? A CYS 5  ? A CYS 315 ? 1_555 ZN ? E ZN . ? A ZN 1 ? 1_555 SG  ? A CYS 19 ? A CYS 329 ? 1_555 114.4 ? 
5  SG  ? A CYS 8  ? A CYS 318 ? 1_555 ZN ? E ZN . ? A ZN 1 ? 1_555 SG  ? A CYS 19 ? A CYS 329 ? 1_555 97.5  ? 
6  SG  ? A CYS 16 ? A CYS 326 ? 1_555 ZN ? E ZN . ? A ZN 1 ? 1_555 SG  ? A CYS 19 ? A CYS 329 ? 1_555 110.9 ? 
7  SG  ? A CYS 21 ? A CYS 331 ? 1_555 ZN ? F ZN . ? A ZN 2 ? 1_555 SG  ? A CYS 24 ? A CYS 334 ? 1_555 109.8 ? 
8  SG  ? A CYS 21 ? A CYS 331 ? 1_555 ZN ? F ZN . ? A ZN 2 ? 1_555 ND1 ? A HIS 44 ? A HIS 354 ? 1_555 99.4  ? 
9  SG  ? A CYS 24 ? A CYS 334 ? 1_555 ZN ? F ZN . ? A ZN 2 ? 1_555 ND1 ? A HIS 44 ? A HIS 354 ? 1_555 97.9  ? 
10 SG  ? A CYS 21 ? A CYS 331 ? 1_555 ZN ? F ZN . ? A ZN 2 ? 1_555 SG  ? A CYS 47 ? A CYS 357 ? 1_555 122.5 ? 
11 SG  ? A CYS 24 ? A CYS 334 ? 1_555 ZN ? F ZN . ? A ZN 2 ? 1_555 SG  ? A CYS 47 ? A CYS 357 ? 1_555 111.4 ? 
12 ND1 ? A HIS 44 ? A HIS 354 ? 1_555 ZN ? F ZN . ? A ZN 2 ? 1_555 SG  ? A CYS 47 ? A CYS 357 ? 1_555 112.4 ? 
13 SG  ? A CYS 36 ? A CYS 346 ? 1_555 ZN ? G ZN . ? A ZN 3 ? 1_555 SG  ? A CYS 39 ? A CYS 349 ? 1_555 106.2 ? 
14 SG  ? A CYS 36 ? A CYS 346 ? 1_555 ZN ? G ZN . ? A ZN 3 ? 1_555 SG  ? A CYS 63 ? A CYS 373 ? 1_555 108.3 ? 
15 SG  ? A CYS 39 ? A CYS 349 ? 1_555 ZN ? G ZN . ? A ZN 3 ? 1_555 SG  ? A CYS 63 ? A CYS 373 ? 1_555 114.5 ? 
16 SG  ? A CYS 36 ? A CYS 346 ? 1_555 ZN ? G ZN . ? A ZN 3 ? 1_555 SG  ? A CYS 66 ? A CYS 376 ? 1_555 108.8 ? 
17 SG  ? A CYS 39 ? A CYS 349 ? 1_555 ZN ? G ZN . ? A ZN 3 ? 1_555 SG  ? A CYS 66 ? A CYS 376 ? 1_555 110.7 ? 
18 SG  ? A CYS 63 ? A CYS 373 ? 1_555 ZN ? G ZN . ? A ZN 3 ? 1_555 SG  ? A CYS 66 ? A CYS 376 ? 1_555 108.1 ? 
19 NE2 ? A HIS 22 ? A HIS 332 ? 1_555 ZN ? H ZN . ? A ZN 7 ? 1_555 OE2 ? A GLU 65 ? A GLU 375 ? 1_555 109.1 ? 
20 NE2 ? A HIS 22 ? A HIS 332 ? 1_555 ZN ? H ZN . ? A ZN 7 ? 1_555 O   ? N HOH .  ? B HOH 101 ? 1_555 106.1 ? 
21 OE2 ? A GLU 65 ? A GLU 375 ? 1_555 ZN ? H ZN . ? A ZN 7 ? 1_555 O   ? N HOH .  ? B HOH 101 ? 1_555 106.9 ? 
22 NE2 ? A HIS 22 ? A HIS 332 ? 1_555 ZN ? H ZN . ? A ZN 7 ? 1_555 ND1 ? B HIS 7  ? B HIS 317 ? 1_555 105.7 ? 
23 OE2 ? A GLU 65 ? A GLU 375 ? 1_555 ZN ? H ZN . ? A ZN 7 ? 1_555 ND1 ? B HIS 7  ? B HIS 317 ? 1_555 120.9 ? 
24 O   ? N HOH .  ? B HOH 101 ? 1_555 ZN ? H ZN . ? A ZN 7 ? 1_555 ND1 ? B HIS 7  ? B HIS 317 ? 1_555 107.2 ? 
25 ND1 ? A HIS 7  ? A HIS 317 ? 1_555 ZN ? L ZN . ? B ZN 8 ? 1_555 O   ? N HOH .  ? B HOH 102 ? 1_555 112.6 ? 
26 ND1 ? A HIS 7  ? A HIS 317 ? 1_555 ZN ? L ZN . ? B ZN 8 ? 1_555 NE2 ? B HIS 22 ? B HIS 332 ? 1_555 111.9 ? 
27 O   ? N HOH .  ? B HOH 102 ? 1_555 ZN ? L ZN . ? B ZN 8 ? 1_555 NE2 ? B HIS 22 ? B HIS 332 ? 1_555 111.1 ? 
28 ND1 ? A HIS 7  ? A HIS 317 ? 1_555 ZN ? L ZN . ? B ZN 8 ? 1_555 OE2 ? B GLU 65 ? B GLU 375 ? 1_555 119.2 ? 
29 O   ? N HOH .  ? B HOH 102 ? 1_555 ZN ? L ZN . ? B ZN 8 ? 1_555 OE2 ? B GLU 65 ? B GLU 375 ? 1_555 88.8  ? 
30 NE2 ? B HIS 22 ? B HIS 332 ? 1_555 ZN ? L ZN . ? B ZN 8 ? 1_555 OE2 ? B GLU 65 ? B GLU 375 ? 1_555 111.3 ? 
31 SG  ? B CYS 21 ? B CYS 331 ? 1_555 ZN ? I ZN . ? B ZN 4 ? 1_555 SG  ? B CYS 24 ? B CYS 334 ? 1_555 110.9 ? 
32 SG  ? B CYS 21 ? B CYS 331 ? 1_555 ZN ? I ZN . ? B ZN 4 ? 1_555 ND1 ? B HIS 44 ? B HIS 354 ? 1_555 101.2 ? 
33 SG  ? B CYS 24 ? B CYS 334 ? 1_555 ZN ? I ZN . ? B ZN 4 ? 1_555 ND1 ? B HIS 44 ? B HIS 354 ? 1_555 99.1  ? 
34 SG  ? B CYS 21 ? B CYS 331 ? 1_555 ZN ? I ZN . ? B ZN 4 ? 1_555 SG  ? B CYS 47 ? B CYS 357 ? 1_555 121.8 ? 
35 SG  ? B CYS 24 ? B CYS 334 ? 1_555 ZN ? I ZN . ? B ZN 4 ? 1_555 SG  ? B CYS 47 ? B CYS 357 ? 1_555 108.8 ? 
36 ND1 ? B HIS 44 ? B HIS 354 ? 1_555 ZN ? I ZN . ? B ZN 4 ? 1_555 SG  ? B CYS 47 ? B CYS 357 ? 1_555 112.5 ? 
37 SG  ? B CYS 5  ? B CYS 315 ? 1_555 ZN ? J ZN . ? B ZN 5 ? 1_555 SG  ? B CYS 8  ? B CYS 318 ? 1_555 108.5 ? 
38 SG  ? B CYS 5  ? B CYS 315 ? 1_555 ZN ? J ZN . ? B ZN 5 ? 1_555 SG  ? B CYS 16 ? B CYS 326 ? 1_555 111.8 ? 
39 SG  ? B CYS 8  ? B CYS 318 ? 1_555 ZN ? J ZN . ? B ZN 5 ? 1_555 SG  ? B CYS 16 ? B CYS 326 ? 1_555 114.2 ? 
40 SG  ? B CYS 5  ? B CYS 315 ? 1_555 ZN ? J ZN . ? B ZN 5 ? 1_555 SG  ? B CYS 19 ? B CYS 329 ? 1_555 110.3 ? 
41 SG  ? B CYS 8  ? B CYS 318 ? 1_555 ZN ? J ZN . ? B ZN 5 ? 1_555 SG  ? B CYS 19 ? B CYS 329 ? 1_555 99.7  ? 
42 SG  ? B CYS 16 ? B CYS 326 ? 1_555 ZN ? J ZN . ? B ZN 5 ? 1_555 SG  ? B CYS 19 ? B CYS 329 ? 1_555 111.8 ? 
43 SG  ? B CYS 36 ? B CYS 346 ? 1_555 ZN ? K ZN . ? B ZN 6 ? 1_555 SG  ? B CYS 39 ? B CYS 349 ? 1_555 106.8 ? 
44 SG  ? B CYS 36 ? B CYS 346 ? 1_555 ZN ? K ZN . ? B ZN 6 ? 1_555 SG  ? B CYS 63 ? B CYS 373 ? 1_555 109.7 ? 
45 SG  ? B CYS 39 ? B CYS 349 ? 1_555 ZN ? K ZN . ? B ZN 6 ? 1_555 SG  ? B CYS 63 ? B CYS 373 ? 1_555 112.8 ? 
46 SG  ? B CYS 36 ? B CYS 346 ? 1_555 ZN ? K ZN . ? B ZN 6 ? 1_555 SG  ? B CYS 66 ? B CYS 376 ? 1_555 108.5 ? 
47 SG  ? B CYS 39 ? B CYS 349 ? 1_555 ZN ? K ZN . ? B ZN 6 ? 1_555 SG  ? B CYS 66 ? B CYS 376 ? 1_555 109.6 ? 
48 SG  ? B CYS 63 ? B CYS 373 ? 1_555 ZN ? K ZN . ? B ZN 6 ? 1_555 SG  ? B CYS 66 ? B CYS 376 ? 1_555 109.3 ? 
# 
loop_
_struct_mon_prot_cis.pdbx_id 
_struct_mon_prot_cis.label_comp_id 
_struct_mon_prot_cis.label_seq_id 
_struct_mon_prot_cis.label_asym_id 
_struct_mon_prot_cis.label_alt_id 
_struct_mon_prot_cis.pdbx_PDB_ins_code 
_struct_mon_prot_cis.auth_comp_id 
_struct_mon_prot_cis.auth_seq_id 
_struct_mon_prot_cis.auth_asym_id 
_struct_mon_prot_cis.pdbx_label_comp_id_2 
_struct_mon_prot_cis.pdbx_label_seq_id_2 
_struct_mon_prot_cis.pdbx_label_asym_id_2 
_struct_mon_prot_cis.pdbx_PDB_ins_code_2 
_struct_mon_prot_cis.pdbx_auth_comp_id_2 
_struct_mon_prot_cis.pdbx_auth_seq_id_2 
_struct_mon_prot_cis.pdbx_auth_asym_id_2 
_struct_mon_prot_cis.pdbx_PDB_model_num 
_struct_mon_prot_cis.pdbx_omega_angle 
1 ASP 49 A . ? ASP 359 A PRO 50 A ? PRO 360 A 1 7.59 
2 ASP 49 B . ? ASP 359 B PRO 50 B ? PRO 360 B 1 2.64 
# 
loop_
_struct_sheet.id 
_struct_sheet.type 
_struct_sheet.number_strands 
_struct_sheet.details 
A ? 2 ? 
B ? 2 ? 
# 
loop_
_struct_sheet_order.sheet_id 
_struct_sheet_order.range_id_1 
_struct_sheet_order.range_id_2 
_struct_sheet_order.offset 
_struct_sheet_order.sense 
A 1 2 ? anti-parallel 
B 1 2 ? anti-parallel 
# 
loop_
_struct_sheet_range.sheet_id 
_struct_sheet_range.id 
_struct_sheet_range.beg_label_comp_id 
_struct_sheet_range.beg_label_asym_id 
_struct_sheet_range.beg_label_seq_id 
_struct_sheet_range.pdbx_beg_PDB_ins_code 
_struct_sheet_range.end_label_comp_id 
_struct_sheet_range.end_label_asym_id 
_struct_sheet_range.end_label_seq_id 
_struct_sheet_range.pdbx_end_PDB_ins_code 
_struct_sheet_range.beg_auth_comp_id 
_struct_sheet_range.beg_auth_asym_id 
_struct_sheet_range.beg_auth_seq_id 
_struct_sheet_range.end_auth_comp_id 
_struct_sheet_range.end_auth_asym_id 
_struct_sheet_range.end_auth_seq_id 
A 1 GLN A 33 ? MET A 35 ? GLN A 343 MET A 345 
A 2 ALA A 42 ? HIS A 44 ? ALA A 352 HIS A 354 
B 1 GLN B 33 ? MET B 35 ? GLN B 343 MET B 345 
B 2 ALA B 42 ? HIS B 44 ? ALA B 352 HIS B 354 
# 
loop_
_pdbx_struct_sheet_hbond.sheet_id 
_pdbx_struct_sheet_hbond.range_id_1 
_pdbx_struct_sheet_hbond.range_id_2 
_pdbx_struct_sheet_hbond.range_1_label_atom_id 
_pdbx_struct_sheet_hbond.range_1_label_comp_id 
_pdbx_struct_sheet_hbond.range_1_label_asym_id 
_pdbx_struct_sheet_hbond.range_1_label_seq_id 
_pdbx_struct_sheet_hbond.range_1_PDB_ins_code 
_pdbx_struct_sheet_hbond.range_1_auth_atom_id 
_pdbx_struct_sheet_hbond.range_1_auth_comp_id 
_pdbx_struct_sheet_hbond.range_1_auth_asym_id 
_pdbx_struct_sheet_hbond.range_1_auth_seq_id 
_pdbx_struct_sheet_hbond.range_2_label_atom_id 
_pdbx_struct_sheet_hbond.range_2_label_comp_id 
_pdbx_struct_sheet_hbond.range_2_label_asym_id 
_pdbx_struct_sheet_hbond.range_2_label_seq_id 
_pdbx_struct_sheet_hbond.range_2_PDB_ins_code 
_pdbx_struct_sheet_hbond.range_2_auth_atom_id 
_pdbx_struct_sheet_hbond.range_2_auth_comp_id 
_pdbx_struct_sheet_hbond.range_2_auth_asym_id 
_pdbx_struct_sheet_hbond.range_2_auth_seq_id 
A 1 2 N LEU A 34 ? N LEU A 344 O PHE A 43 ? O PHE A 353 
B 1 2 N LEU B 34 ? N LEU B 344 O PHE B 43 ? O PHE B 353 
# 
loop_
_struct_site.id 
_struct_site.pdbx_evidence_code 
_struct_site.pdbx_auth_asym_id 
_struct_site.pdbx_auth_comp_id 
_struct_site.pdbx_auth_seq_id 
_struct_site.pdbx_auth_ins_code 
_struct_site.pdbx_num_residues 
_struct_site.details 
AC1 Software A ZN 1 ? 4 'BINDING SITE FOR RESIDUE ZN A 1' 
AC2 Software A ZN 2 ? 4 'BINDING SITE FOR RESIDUE ZN A 2' 
AC3 Software A ZN 3 ? 4 'BINDING SITE FOR RESIDUE ZN A 3' 
AC4 Software A ZN 7 ? 4 'BINDING SITE FOR RESIDUE ZN A 7' 
AC5 Software B ZN 4 ? 4 'BINDING SITE FOR RESIDUE ZN B 4' 
AC6 Software B ZN 5 ? 4 'BINDING SITE FOR RESIDUE ZN B 5' 
AC7 Software B ZN 6 ? 4 'BINDING SITE FOR RESIDUE ZN B 6' 
AC8 Software B ZN 8 ? 4 'BINDING SITE FOR RESIDUE ZN B 8' 
# 
loop_
_struct_site_gen.id 
_struct_site_gen.site_id 
_struct_site_gen.pdbx_num_res 
_struct_site_gen.label_comp_id 
_struct_site_gen.label_asym_id 
_struct_site_gen.label_seq_id 
_struct_site_gen.pdbx_auth_ins_code 
_struct_site_gen.auth_comp_id 
_struct_site_gen.auth_asym_id 
_struct_site_gen.auth_seq_id 
_struct_site_gen.label_atom_id 
_struct_site_gen.label_alt_id 
_struct_site_gen.symmetry 
_struct_site_gen.details 
1  AC1 4 CYS A 5  ? CYS A 315 . ? 1_555 ? 
2  AC1 4 CYS A 8  ? CYS A 318 . ? 1_555 ? 
3  AC1 4 CYS A 16 ? CYS A 326 . ? 1_555 ? 
4  AC1 4 CYS A 19 ? CYS A 329 . ? 1_555 ? 
5  AC2 4 CYS A 21 ? CYS A 331 . ? 1_555 ? 
6  AC2 4 CYS A 24 ? CYS A 334 . ? 1_555 ? 
7  AC2 4 HIS A 44 ? HIS A 354 . ? 1_555 ? 
8  AC2 4 CYS A 47 ? CYS A 357 . ? 1_555 ? 
9  AC3 4 CYS A 36 ? CYS A 346 . ? 1_555 ? 
10 AC3 4 CYS A 39 ? CYS A 349 . ? 1_555 ? 
11 AC3 4 CYS A 63 ? CYS A 373 . ? 1_555 ? 
12 AC3 4 CYS A 66 ? CYS A 376 . ? 1_555 ? 
13 AC4 4 HIS A 22 ? HIS A 332 . ? 1_555 ? 
14 AC4 4 GLU A 65 ? GLU A 375 . ? 1_555 ? 
15 AC4 4 HOH N .  ? HOH B 101 . ? 1_555 ? 
16 AC4 4 HIS B 7  ? HIS B 317 . ? 1_555 ? 
17 AC5 4 CYS B 21 ? CYS B 331 . ? 1_555 ? 
18 AC5 4 CYS B 24 ? CYS B 334 . ? 1_555 ? 
19 AC5 4 HIS B 44 ? HIS B 354 . ? 1_555 ? 
20 AC5 4 CYS B 47 ? CYS B 357 . ? 1_555 ? 
21 AC6 4 CYS B 5  ? CYS B 315 . ? 1_555 ? 
22 AC6 4 CYS B 8  ? CYS B 318 . ? 1_555 ? 
23 AC6 4 CYS B 16 ? CYS B 326 . ? 1_555 ? 
24 AC6 4 CYS B 19 ? CYS B 329 . ? 1_555 ? 
25 AC7 4 CYS B 36 ? CYS B 346 . ? 1_555 ? 
26 AC7 4 CYS B 39 ? CYS B 349 . ? 1_555 ? 
27 AC7 4 CYS B 63 ? CYS B 373 . ? 1_555 ? 
28 AC7 4 CYS B 66 ? CYS B 376 . ? 1_555 ? 
29 AC8 4 HIS A 7  ? HIS A 317 . ? 1_555 ? 
30 AC8 4 HOH N .  ? HOH B 102 . ? 1_555 ? 
31 AC8 4 HIS B 22 ? HIS B 332 . ? 1_555 ? 
32 AC8 4 GLU B 65 ? GLU B 375 . ? 1_555 ? 
# 
_pdbx_validate_close_contact.id               1 
_pdbx_validate_close_contact.PDB_model_num    1 
_pdbx_validate_close_contact.auth_atom_id_1   O 
_pdbx_validate_close_contact.auth_asym_id_1   B 
_pdbx_validate_close_contact.auth_comp_id_1   HOH 
_pdbx_validate_close_contact.auth_seq_id_1    102 
_pdbx_validate_close_contact.PDB_ins_code_1   ? 
_pdbx_validate_close_contact.label_alt_id_1   ? 
_pdbx_validate_close_contact.auth_atom_id_2   O 
_pdbx_validate_close_contact.auth_asym_id_2   B 
_pdbx_validate_close_contact.auth_comp_id_2   HOH 
_pdbx_validate_close_contact.auth_seq_id_2    108 
_pdbx_validate_close_contact.PDB_ins_code_2   ? 
_pdbx_validate_close_contact.label_alt_id_2   ? 
_pdbx_validate_close_contact.dist             2.15 
# 
loop_
_pdbx_validate_symm_contact.id 
_pdbx_validate_symm_contact.PDB_model_num 
_pdbx_validate_symm_contact.auth_atom_id_1 
_pdbx_validate_symm_contact.auth_asym_id_1 
_pdbx_validate_symm_contact.auth_comp_id_1 
_pdbx_validate_symm_contact.auth_seq_id_1 
_pdbx_validate_symm_contact.PDB_ins_code_1 
_pdbx_validate_symm_contact.label_alt_id_1 
_pdbx_validate_symm_contact.site_symmetry_1 
_pdbx_validate_symm_contact.auth_atom_id_2 
_pdbx_validate_symm_contact.auth_asym_id_2 
_pdbx_validate_symm_contact.auth_comp_id_2 
_pdbx_validate_symm_contact.auth_seq_id_2 
_pdbx_validate_symm_contact.PDB_ins_code_2 
_pdbx_validate_symm_contact.label_alt_id_2 
_pdbx_validate_symm_contact.site_symmetry_2 
_pdbx_validate_symm_contact.dist 
1 1 OD1 A ASP 369 ? ? 1_555 O B ASP 369 ? ? 5_655 2.05 
2 1 O   A HOH 112 ? ? 1_555 O A HOH 117 ? ? 7_556 2.15 
3 1 O   A HOH 111 ? ? 1_555 O B HOH 113 ? ? 4_555 2.15 
# 
loop_
_pdbx_validate_torsion.id 
_pdbx_validate_torsion.PDB_model_num 
_pdbx_validate_torsion.auth_comp_id 
_pdbx_validate_torsion.auth_asym_id 
_pdbx_validate_torsion.auth_seq_id 
_pdbx_validate_torsion.PDB_ins_code 
_pdbx_validate_torsion.label_alt_id 
_pdbx_validate_torsion.phi 
_pdbx_validate_torsion.psi 
1 1 ALA A 330 ? ? -127.00 -161.66 
2 1 ALA B 330 ? ? -123.14 -157.80 
# 
loop_
_pdbx_unobs_or_zero_occ_residues.id 
_pdbx_unobs_or_zero_occ_residues.PDB_model_num 
_pdbx_unobs_or_zero_occ_residues.polymer_flag 
_pdbx_unobs_or_zero_occ_residues.occupancy_flag 
_pdbx_unobs_or_zero_occ_residues.auth_asym_id 
_pdbx_unobs_or_zero_occ_residues.auth_comp_id 
_pdbx_unobs_or_zero_occ_residues.auth_seq_id 
_pdbx_unobs_or_zero_occ_residues.PDB_ins_code 
_pdbx_unobs_or_zero_occ_residues.label_asym_id 
_pdbx_unobs_or_zero_occ_residues.label_comp_id 
_pdbx_unobs_or_zero_occ_residues.label_seq_id 
1 1 Y 1 A SER 311 ? A SER 1 
2 1 Y 1 A GLY 312 ? A GLY 2 
3 1 Y 1 B SER 311 ? B SER 1 
4 1 Y 1 D LYS 9   ? C LYS 9 
5 1 Y 1 E LYS 9   ? D LYS 9 
# 
loop_
_chem_comp_atom.comp_id 
_chem_comp_atom.atom_id 
_chem_comp_atom.type_symbol 
_chem_comp_atom.pdbx_aromatic_flag 
_chem_comp_atom.pdbx_stereo_config 
_chem_comp_atom.pdbx_ordinal 
ALA N    N  N N 1   
ALA CA   C  N S 2   
ALA C    C  N N 3   
ALA O    O  N N 4   
ALA CB   C  N N 5   
ALA OXT  O  N N 6   
ALA H    H  N N 7   
ALA H2   H  N N 8   
ALA HA   H  N N 9   
ALA HB1  H  N N 10  
ALA HB2  H  N N 11  
ALA HB3  H  N N 12  
ALA HXT  H  N N 13  
ARG N    N  N N 14  
ARG CA   C  N S 15  
ARG C    C  N N 16  
ARG O    O  N N 17  
ARG CB   C  N N 18  
ARG CG   C  N N 19  
ARG CD   C  N N 20  
ARG NE   N  N N 21  
ARG CZ   C  N N 22  
ARG NH1  N  N N 23  
ARG NH2  N  N N 24  
ARG OXT  O  N N 25  
ARG H    H  N N 26  
ARG H2   H  N N 27  
ARG HA   H  N N 28  
ARG HB2  H  N N 29  
ARG HB3  H  N N 30  
ARG HG2  H  N N 31  
ARG HG3  H  N N 32  
ARG HD2  H  N N 33  
ARG HD3  H  N N 34  
ARG HE   H  N N 35  
ARG HH11 H  N N 36  
ARG HH12 H  N N 37  
ARG HH21 H  N N 38  
ARG HH22 H  N N 39  
ARG HXT  H  N N 40  
ASN N    N  N N 41  
ASN CA   C  N S 42  
ASN C    C  N N 43  
ASN O    O  N N 44  
ASN CB   C  N N 45  
ASN CG   C  N N 46  
ASN OD1  O  N N 47  
ASN ND2  N  N N 48  
ASN OXT  O  N N 49  
ASN H    H  N N 50  
ASN H2   H  N N 51  
ASN HA   H  N N 52  
ASN HB2  H  N N 53  
ASN HB3  H  N N 54  
ASN HD21 H  N N 55  
ASN HD22 H  N N 56  
ASN HXT  H  N N 57  
ASP N    N  N N 58  
ASP CA   C  N S 59  
ASP C    C  N N 60  
ASP O    O  N N 61  
ASP CB   C  N N 62  
ASP CG   C  N N 63  
ASP OD1  O  N N 64  
ASP OD2  O  N N 65  
ASP OXT  O  N N 66  
ASP H    H  N N 67  
ASP H2   H  N N 68  
ASP HA   H  N N 69  
ASP HB2  H  N N 70  
ASP HB3  H  N N 71  
ASP HD2  H  N N 72  
ASP HXT  H  N N 73  
CYS N    N  N N 74  
CYS CA   C  N R 75  
CYS C    C  N N 76  
CYS O    O  N N 77  
CYS CB   C  N N 78  
CYS SG   S  N N 79  
CYS OXT  O  N N 80  
CYS H    H  N N 81  
CYS H2   H  N N 82  
CYS HA   H  N N 83  
CYS HB2  H  N N 84  
CYS HB3  H  N N 85  
CYS HG   H  N N 86  
CYS HXT  H  N N 87  
GLN N    N  N N 88  
GLN CA   C  N S 89  
GLN C    C  N N 90  
GLN O    O  N N 91  
GLN CB   C  N N 92  
GLN CG   C  N N 93  
GLN CD   C  N N 94  
GLN OE1  O  N N 95  
GLN NE2  N  N N 96  
GLN OXT  O  N N 97  
GLN H    H  N N 98  
GLN H2   H  N N 99  
GLN HA   H  N N 100 
GLN HB2  H  N N 101 
GLN HB3  H  N N 102 
GLN HG2  H  N N 103 
GLN HG3  H  N N 104 
GLN HE21 H  N N 105 
GLN HE22 H  N N 106 
GLN HXT  H  N N 107 
GLU N    N  N N 108 
GLU CA   C  N S 109 
GLU C    C  N N 110 
GLU O    O  N N 111 
GLU CB   C  N N 112 
GLU CG   C  N N 113 
GLU CD   C  N N 114 
GLU OE1  O  N N 115 
GLU OE2  O  N N 116 
GLU OXT  O  N N 117 
GLU H    H  N N 118 
GLU H2   H  N N 119 
GLU HA   H  N N 120 
GLU HB2  H  N N 121 
GLU HB3  H  N N 122 
GLU HG2  H  N N 123 
GLU HG3  H  N N 124 
GLU HE2  H  N N 125 
GLU HXT  H  N N 126 
GLY N    N  N N 127 
GLY CA   C  N N 128 
GLY C    C  N N 129 
GLY O    O  N N 130 
GLY OXT  O  N N 131 
GLY H    H  N N 132 
GLY H2   H  N N 133 
GLY HA2  H  N N 134 
GLY HA3  H  N N 135 
GLY HXT  H  N N 136 
HIS N    N  N N 137 
HIS CA   C  N S 138 
HIS C    C  N N 139 
HIS O    O  N N 140 
HIS CB   C  N N 141 
HIS CG   C  Y N 142 
HIS ND1  N  Y N 143 
HIS CD2  C  Y N 144 
HIS CE1  C  Y N 145 
HIS NE2  N  Y N 146 
HIS OXT  O  N N 147 
HIS H    H  N N 148 
HIS H2   H  N N 149 
HIS HA   H  N N 150 
HIS HB2  H  N N 151 
HIS HB3  H  N N 152 
HIS HD1  H  N N 153 
HIS HD2  H  N N 154 
HIS HE1  H  N N 155 
HIS HE2  H  N N 156 
HIS HXT  H  N N 157 
HOH O    O  N N 158 
HOH H1   H  N N 159 
HOH H2   H  N N 160 
ILE N    N  N N 161 
ILE CA   C  N S 162 
ILE C    C  N N 163 
ILE O    O  N N 164 
ILE CB   C  N S 165 
ILE CG1  C  N N 166 
ILE CG2  C  N N 167 
ILE CD1  C  N N 168 
ILE OXT  O  N N 169 
ILE H    H  N N 170 
ILE H2   H  N N 171 
ILE HA   H  N N 172 
ILE HB   H  N N 173 
ILE HG12 H  N N 174 
ILE HG13 H  N N 175 
ILE HG21 H  N N 176 
ILE HG22 H  N N 177 
ILE HG23 H  N N 178 
ILE HD11 H  N N 179 
ILE HD12 H  N N 180 
ILE HD13 H  N N 181 
ILE HXT  H  N N 182 
LEU N    N  N N 183 
LEU CA   C  N S 184 
LEU C    C  N N 185 
LEU O    O  N N 186 
LEU CB   C  N N 187 
LEU CG   C  N N 188 
LEU CD1  C  N N 189 
LEU CD2  C  N N 190 
LEU OXT  O  N N 191 
LEU H    H  N N 192 
LEU H2   H  N N 193 
LEU HA   H  N N 194 
LEU HB2  H  N N 195 
LEU HB3  H  N N 196 
LEU HG   H  N N 197 
LEU HD11 H  N N 198 
LEU HD12 H  N N 199 
LEU HD13 H  N N 200 
LEU HD21 H  N N 201 
LEU HD22 H  N N 202 
LEU HD23 H  N N 203 
LEU HXT  H  N N 204 
LYS N    N  N N 205 
LYS CA   C  N S 206 
LYS C    C  N N 207 
LYS O    O  N N 208 
LYS CB   C  N N 209 
LYS CG   C  N N 210 
LYS CD   C  N N 211 
LYS CE   C  N N 212 
LYS NZ   N  N N 213 
LYS OXT  O  N N 214 
LYS H    H  N N 215 
LYS H2   H  N N 216 
LYS HA   H  N N 217 
LYS HB2  H  N N 218 
LYS HB3  H  N N 219 
LYS HG2  H  N N 220 
LYS HG3  H  N N 221 
LYS HD2  H  N N 222 
LYS HD3  H  N N 223 
LYS HE2  H  N N 224 
LYS HE3  H  N N 225 
LYS HZ1  H  N N 226 
LYS HZ2  H  N N 227 
LYS HZ3  H  N N 228 
LYS HXT  H  N N 229 
MET N    N  N N 230 
MET CA   C  N S 231 
MET C    C  N N 232 
MET O    O  N N 233 
MET CB   C  N N 234 
MET CG   C  N N 235 
MET SD   S  N N 236 
MET CE   C  N N 237 
MET OXT  O  N N 238 
MET H    H  N N 239 
MET H2   H  N N 240 
MET HA   H  N N 241 
MET HB2  H  N N 242 
MET HB3  H  N N 243 
MET HG2  H  N N 244 
MET HG3  H  N N 245 
MET HE1  H  N N 246 
MET HE2  H  N N 247 
MET HE3  H  N N 248 
MET HXT  H  N N 249 
PHE N    N  N N 250 
PHE CA   C  N S 251 
PHE C    C  N N 252 
PHE O    O  N N 253 
PHE CB   C  N N 254 
PHE CG   C  Y N 255 
PHE CD1  C  Y N 256 
PHE CD2  C  Y N 257 
PHE CE1  C  Y N 258 
PHE CE2  C  Y N 259 
PHE CZ   C  Y N 260 
PHE OXT  O  N N 261 
PHE H    H  N N 262 
PHE H2   H  N N 263 
PHE HA   H  N N 264 
PHE HB2  H  N N 265 
PHE HB3  H  N N 266 
PHE HD1  H  N N 267 
PHE HD2  H  N N 268 
PHE HE1  H  N N 269 
PHE HE2  H  N N 270 
PHE HZ   H  N N 271 
PHE HXT  H  N N 272 
PRO N    N  N N 273 
PRO CA   C  N S 274 
PRO C    C  N N 275 
PRO O    O  N N 276 
PRO CB   C  N N 277 
PRO CG   C  N N 278 
PRO CD   C  N N 279 
PRO OXT  O  N N 280 
PRO H    H  N N 281 
PRO HA   H  N N 282 
PRO HB2  H  N N 283 
PRO HB3  H  N N 284 
PRO HG2  H  N N 285 
PRO HG3  H  N N 286 
PRO HD2  H  N N 287 
PRO HD3  H  N N 288 
PRO HXT  H  N N 289 
SER N    N  N N 290 
SER CA   C  N S 291 
SER C    C  N N 292 
SER O    O  N N 293 
SER CB   C  N N 294 
SER OG   O  N N 295 
SER OXT  O  N N 296 
SER H    H  N N 297 
SER H2   H  N N 298 
SER HA   H  N N 299 
SER HB2  H  N N 300 
SER HB3  H  N N 301 
SER HG   H  N N 302 
SER HXT  H  N N 303 
THR N    N  N N 304 
THR CA   C  N S 305 
THR C    C  N N 306 
THR O    O  N N 307 
THR CB   C  N R 308 
THR OG1  O  N N 309 
THR CG2  C  N N 310 
THR OXT  O  N N 311 
THR H    H  N N 312 
THR H2   H  N N 313 
THR HA   H  N N 314 
THR HB   H  N N 315 
THR HG1  H  N N 316 
THR HG21 H  N N 317 
THR HG22 H  N N 318 
THR HG23 H  N N 319 
THR HXT  H  N N 320 
TRP N    N  N N 321 
TRP CA   C  N S 322 
TRP C    C  N N 323 
TRP O    O  N N 324 
TRP CB   C  N N 325 
TRP CG   C  Y N 326 
TRP CD1  C  Y N 327 
TRP CD2  C  Y N 328 
TRP NE1  N  Y N 329 
TRP CE2  C  Y N 330 
TRP CE3  C  Y N 331 
TRP CZ2  C  Y N 332 
TRP CZ3  C  Y N 333 
TRP CH2  C  Y N 334 
TRP OXT  O  N N 335 
TRP H    H  N N 336 
TRP H2   H  N N 337 
TRP HA   H  N N 338 
TRP HB2  H  N N 339 
TRP HB3  H  N N 340 
TRP HD1  H  N N 341 
TRP HE1  H  N N 342 
TRP HE3  H  N N 343 
TRP HZ2  H  N N 344 
TRP HZ3  H  N N 345 
TRP HH2  H  N N 346 
TRP HXT  H  N N 347 
TYR N    N  N N 348 
TYR CA   C  N S 349 
TYR C    C  N N 350 
TYR O    O  N N 351 
TYR CB   C  N N 352 
TYR CG   C  Y N 353 
TYR CD1  C  Y N 354 
TYR CD2  C  Y N 355 
TYR CE1  C  Y N 356 
TYR CE2  C  Y N 357 
TYR CZ   C  Y N 358 
TYR OH   O  N N 359 
TYR OXT  O  N N 360 
TYR H    H  N N 361 
TYR H2   H  N N 362 
TYR HA   H  N N 363 
TYR HB2  H  N N 364 
TYR HB3  H  N N 365 
TYR HD1  H  N N 366 
TYR HD2  H  N N 367 
TYR HE1  H  N N 368 
TYR HE2  H  N N 369 
TYR HH   H  N N 370 
TYR HXT  H  N N 371 
VAL N    N  N N 372 
VAL CA   C  N S 373 
VAL C    C  N N 374 
VAL O    O  N N 375 
VAL CB   C  N N 376 
VAL CG1  C  N N 377 
VAL CG2  C  N N 378 
VAL OXT  O  N N 379 
VAL H    H  N N 380 
VAL H2   H  N N 381 
VAL HA   H  N N 382 
VAL HB   H  N N 383 
VAL HG11 H  N N 384 
VAL HG12 H  N N 385 
VAL HG13 H  N N 386 
VAL HG21 H  N N 387 
VAL HG22 H  N N 388 
VAL HG23 H  N N 389 
VAL HXT  H  N N 390 
ZN  ZN   ZN N N 391 
# 
loop_
_chem_comp_bond.comp_id 
_chem_comp_bond.atom_id_1 
_chem_comp_bond.atom_id_2 
_chem_comp_bond.value_order 
_chem_comp_bond.pdbx_aromatic_flag 
_chem_comp_bond.pdbx_stereo_config 
_chem_comp_bond.pdbx_ordinal 
ALA N   CA   sing N N 1   
ALA N   H    sing N N 2   
ALA N   H2   sing N N 3   
ALA CA  C    sing N N 4   
ALA CA  CB   sing N N 5   
ALA CA  HA   sing N N 6   
ALA C   O    doub N N 7   
ALA C   OXT  sing N N 8   
ALA CB  HB1  sing N N 9   
ALA CB  HB2  sing N N 10  
ALA CB  HB3  sing N N 11  
ALA OXT HXT  sing N N 12  
ARG N   CA   sing N N 13  
ARG N   H    sing N N 14  
ARG N   H2   sing N N 15  
ARG CA  C    sing N N 16  
ARG CA  CB   sing N N 17  
ARG CA  HA   sing N N 18  
ARG C   O    doub N N 19  
ARG C   OXT  sing N N 20  
ARG CB  CG   sing N N 21  
ARG CB  HB2  sing N N 22  
ARG CB  HB3  sing N N 23  
ARG CG  CD   sing N N 24  
ARG CG  HG2  sing N N 25  
ARG CG  HG3  sing N N 26  
ARG CD  NE   sing N N 27  
ARG CD  HD2  sing N N 28  
ARG CD  HD3  sing N N 29  
ARG NE  CZ   sing N N 30  
ARG NE  HE   sing N N 31  
ARG CZ  NH1  sing N N 32  
ARG CZ  NH2  doub N N 33  
ARG NH1 HH11 sing N N 34  
ARG NH1 HH12 sing N N 35  
ARG NH2 HH21 sing N N 36  
ARG NH2 HH22 sing N N 37  
ARG OXT HXT  sing N N 38  
ASN N   CA   sing N N 39  
ASN N   H    sing N N 40  
ASN N   H2   sing N N 41  
ASN CA  C    sing N N 42  
ASN CA  CB   sing N N 43  
ASN CA  HA   sing N N 44  
ASN C   O    doub N N 45  
ASN C   OXT  sing N N 46  
ASN CB  CG   sing N N 47  
ASN CB  HB2  sing N N 48  
ASN CB  HB3  sing N N 49  
ASN CG  OD1  doub N N 50  
ASN CG  ND2  sing N N 51  
ASN ND2 HD21 sing N N 52  
ASN ND2 HD22 sing N N 53  
ASN OXT HXT  sing N N 54  
ASP N   CA   sing N N 55  
ASP N   H    sing N N 56  
ASP N   H2   sing N N 57  
ASP CA  C    sing N N 58  
ASP CA  CB   sing N N 59  
ASP CA  HA   sing N N 60  
ASP C   O    doub N N 61  
ASP C   OXT  sing N N 62  
ASP CB  CG   sing N N 63  
ASP CB  HB2  sing N N 64  
ASP CB  HB3  sing N N 65  
ASP CG  OD1  doub N N 66  
ASP CG  OD2  sing N N 67  
ASP OD2 HD2  sing N N 68  
ASP OXT HXT  sing N N 69  
CYS N   CA   sing N N 70  
CYS N   H    sing N N 71  
CYS N   H2   sing N N 72  
CYS CA  C    sing N N 73  
CYS CA  CB   sing N N 74  
CYS CA  HA   sing N N 75  
CYS C   O    doub N N 76  
CYS C   OXT  sing N N 77  
CYS CB  SG   sing N N 78  
CYS CB  HB2  sing N N 79  
CYS CB  HB3  sing N N 80  
CYS SG  HG   sing N N 81  
CYS OXT HXT  sing N N 82  
GLN N   CA   sing N N 83  
GLN N   H    sing N N 84  
GLN N   H2   sing N N 85  
GLN CA  C    sing N N 86  
GLN CA  CB   sing N N 87  
GLN CA  HA   sing N N 88  
GLN C   O    doub N N 89  
GLN C   OXT  sing N N 90  
GLN CB  CG   sing N N 91  
GLN CB  HB2  sing N N 92  
GLN CB  HB3  sing N N 93  
GLN CG  CD   sing N N 94  
GLN CG  HG2  sing N N 95  
GLN CG  HG3  sing N N 96  
GLN CD  OE1  doub N N 97  
GLN CD  NE2  sing N N 98  
GLN NE2 HE21 sing N N 99  
GLN NE2 HE22 sing N N 100 
GLN OXT HXT  sing N N 101 
GLU N   CA   sing N N 102 
GLU N   H    sing N N 103 
GLU N   H2   sing N N 104 
GLU CA  C    sing N N 105 
GLU CA  CB   sing N N 106 
GLU CA  HA   sing N N 107 
GLU C   O    doub N N 108 
GLU C   OXT  sing N N 109 
GLU CB  CG   sing N N 110 
GLU CB  HB2  sing N N 111 
GLU CB  HB3  sing N N 112 
GLU CG  CD   sing N N 113 
GLU CG  HG2  sing N N 114 
GLU CG  HG3  sing N N 115 
GLU CD  OE1  doub N N 116 
GLU CD  OE2  sing N N 117 
GLU OE2 HE2  sing N N 118 
GLU OXT HXT  sing N N 119 
GLY N   CA   sing N N 120 
GLY N   H    sing N N 121 
GLY N   H2   sing N N 122 
GLY CA  C    sing N N 123 
GLY CA  HA2  sing N N 124 
GLY CA  HA3  sing N N 125 
GLY C   O    doub N N 126 
GLY C   OXT  sing N N 127 
GLY OXT HXT  sing N N 128 
HIS N   CA   sing N N 129 
HIS N   H    sing N N 130 
HIS N   H2   sing N N 131 
HIS CA  C    sing N N 132 
HIS CA  CB   sing N N 133 
HIS CA  HA   sing N N 134 
HIS C   O    doub N N 135 
HIS C   OXT  sing N N 136 
HIS CB  CG   sing N N 137 
HIS CB  HB2  sing N N 138 
HIS CB  HB3  sing N N 139 
HIS CG  ND1  sing Y N 140 
HIS CG  CD2  doub Y N 141 
HIS ND1 CE1  doub Y N 142 
HIS ND1 HD1  sing N N 143 
HIS CD2 NE2  sing Y N 144 
HIS CD2 HD2  sing N N 145 
HIS CE1 NE2  sing Y N 146 
HIS CE1 HE1  sing N N 147 
HIS NE2 HE2  sing N N 148 
HIS OXT HXT  sing N N 149 
HOH O   H1   sing N N 150 
HOH O   H2   sing N N 151 
ILE N   CA   sing N N 152 
ILE N   H    sing N N 153 
ILE N   H2   sing N N 154 
ILE CA  C    sing N N 155 
ILE CA  CB   sing N N 156 
ILE CA  HA   sing N N 157 
ILE C   O    doub N N 158 
ILE C   OXT  sing N N 159 
ILE CB  CG1  sing N N 160 
ILE CB  CG2  sing N N 161 
ILE CB  HB   sing N N 162 
ILE CG1 CD1  sing N N 163 
ILE CG1 HG12 sing N N 164 
ILE CG1 HG13 sing N N 165 
ILE CG2 HG21 sing N N 166 
ILE CG2 HG22 sing N N 167 
ILE CG2 HG23 sing N N 168 
ILE CD1 HD11 sing N N 169 
ILE CD1 HD12 sing N N 170 
ILE CD1 HD13 sing N N 171 
ILE OXT HXT  sing N N 172 
LEU N   CA   sing N N 173 
LEU N   H    sing N N 174 
LEU N   H2   sing N N 175 
LEU CA  C    sing N N 176 
LEU CA  CB   sing N N 177 
LEU CA  HA   sing N N 178 
LEU C   O    doub N N 179 
LEU C   OXT  sing N N 180 
LEU CB  CG   sing N N 181 
LEU CB  HB2  sing N N 182 
LEU CB  HB3  sing N N 183 
LEU CG  CD1  sing N N 184 
LEU CG  CD2  sing N N 185 
LEU CG  HG   sing N N 186 
LEU CD1 HD11 sing N N 187 
LEU CD1 HD12 sing N N 188 
LEU CD1 HD13 sing N N 189 
LEU CD2 HD21 sing N N 190 
LEU CD2 HD22 sing N N 191 
LEU CD2 HD23 sing N N 192 
LEU OXT HXT  sing N N 193 
LYS N   CA   sing N N 194 
LYS N   H    sing N N 195 
LYS N   H2   sing N N 196 
LYS CA  C    sing N N 197 
LYS CA  CB   sing N N 198 
LYS CA  HA   sing N N 199 
LYS C   O    doub N N 200 
LYS C   OXT  sing N N 201 
LYS CB  CG   sing N N 202 
LYS CB  HB2  sing N N 203 
LYS CB  HB3  sing N N 204 
LYS CG  CD   sing N N 205 
LYS CG  HG2  sing N N 206 
LYS CG  HG3  sing N N 207 
LYS CD  CE   sing N N 208 
LYS CD  HD2  sing N N 209 
LYS CD  HD3  sing N N 210 
LYS CE  NZ   sing N N 211 
LYS CE  HE2  sing N N 212 
LYS CE  HE3  sing N N 213 
LYS NZ  HZ1  sing N N 214 
LYS NZ  HZ2  sing N N 215 
LYS NZ  HZ3  sing N N 216 
LYS OXT HXT  sing N N 217 
MET N   CA   sing N N 218 
MET N   H    sing N N 219 
MET N   H2   sing N N 220 
MET CA  C    sing N N 221 
MET CA  CB   sing N N 222 
MET CA  HA   sing N N 223 
MET C   O    doub N N 224 
MET C   OXT  sing N N 225 
MET CB  CG   sing N N 226 
MET CB  HB2  sing N N 227 
MET CB  HB3  sing N N 228 
MET CG  SD   sing N N 229 
MET CG  HG2  sing N N 230 
MET CG  HG3  sing N N 231 
MET SD  CE   sing N N 232 
MET CE  HE1  sing N N 233 
MET CE  HE2  sing N N 234 
MET CE  HE3  sing N N 235 
MET OXT HXT  sing N N 236 
PHE N   CA   sing N N 237 
PHE N   H    sing N N 238 
PHE N   H2   sing N N 239 
PHE CA  C    sing N N 240 
PHE CA  CB   sing N N 241 
PHE CA  HA   sing N N 242 
PHE C   O    doub N N 243 
PHE C   OXT  sing N N 244 
PHE CB  CG   sing N N 245 
PHE CB  HB2  sing N N 246 
PHE CB  HB3  sing N N 247 
PHE CG  CD1  doub Y N 248 
PHE CG  CD2  sing Y N 249 
PHE CD1 CE1  sing Y N 250 
PHE CD1 HD1  sing N N 251 
PHE CD2 CE2  doub Y N 252 
PHE CD2 HD2  sing N N 253 
PHE CE1 CZ   doub Y N 254 
PHE CE1 HE1  sing N N 255 
PHE CE2 CZ   sing Y N 256 
PHE CE2 HE2  sing N N 257 
PHE CZ  HZ   sing N N 258 
PHE OXT HXT  sing N N 259 
PRO N   CA   sing N N 260 
PRO N   CD   sing N N 261 
PRO N   H    sing N N 262 
PRO CA  C    sing N N 263 
PRO CA  CB   sing N N 264 
PRO CA  HA   sing N N 265 
PRO C   O    doub N N 266 
PRO C   OXT  sing N N 267 
PRO CB  CG   sing N N 268 
PRO CB  HB2  sing N N 269 
PRO CB  HB3  sing N N 270 
PRO CG  CD   sing N N 271 
PRO CG  HG2  sing N N 272 
PRO CG  HG3  sing N N 273 
PRO CD  HD2  sing N N 274 
PRO CD  HD3  sing N N 275 
PRO OXT HXT  sing N N 276 
SER N   CA   sing N N 277 
SER N   H    sing N N 278 
SER N   H2   sing N N 279 
SER CA  C    sing N N 280 
SER CA  CB   sing N N 281 
SER CA  HA   sing N N 282 
SER C   O    doub N N 283 
SER C   OXT  sing N N 284 
SER CB  OG   sing N N 285 
SER CB  HB2  sing N N 286 
SER CB  HB3  sing N N 287 
SER OG  HG   sing N N 288 
SER OXT HXT  sing N N 289 
THR N   CA   sing N N 290 
THR N   H    sing N N 291 
THR N   H2   sing N N 292 
THR CA  C    sing N N 293 
THR CA  CB   sing N N 294 
THR CA  HA   sing N N 295 
THR C   O    doub N N 296 
THR C   OXT  sing N N 297 
THR CB  OG1  sing N N 298 
THR CB  CG2  sing N N 299 
THR CB  HB   sing N N 300 
THR OG1 HG1  sing N N 301 
THR CG2 HG21 sing N N 302 
THR CG2 HG22 sing N N 303 
THR CG2 HG23 sing N N 304 
THR OXT HXT  sing N N 305 
TRP N   CA   sing N N 306 
TRP N   H    sing N N 307 
TRP N   H2   sing N N 308 
TRP CA  C    sing N N 309 
TRP CA  CB   sing N N 310 
TRP CA  HA   sing N N 311 
TRP C   O    doub N N 312 
TRP C   OXT  sing N N 313 
TRP CB  CG   sing N N 314 
TRP CB  HB2  sing N N 315 
TRP CB  HB3  sing N N 316 
TRP CG  CD1  doub Y N 317 
TRP CG  CD2  sing Y N 318 
TRP CD1 NE1  sing Y N 319 
TRP CD1 HD1  sing N N 320 
TRP CD2 CE2  doub Y N 321 
TRP CD2 CE3  sing Y N 322 
TRP NE1 CE2  sing Y N 323 
TRP NE1 HE1  sing N N 324 
TRP CE2 CZ2  sing Y N 325 
TRP CE3 CZ3  doub Y N 326 
TRP CE3 HE3  sing N N 327 
TRP CZ2 CH2  doub Y N 328 
TRP CZ2 HZ2  sing N N 329 
TRP CZ3 CH2  sing Y N 330 
TRP CZ3 HZ3  sing N N 331 
TRP CH2 HH2  sing N N 332 
TRP OXT HXT  sing N N 333 
TYR N   CA   sing N N 334 
TYR N   H    sing N N 335 
TYR N   H2   sing N N 336 
TYR CA  C    sing N N 337 
TYR CA  CB   sing N N 338 
TYR CA  HA   sing N N 339 
TYR C   O    doub N N 340 
TYR C   OXT  sing N N 341 
TYR CB  CG   sing N N 342 
TYR CB  HB2  sing N N 343 
TYR CB  HB3  sing N N 344 
TYR CG  CD1  doub Y N 345 
TYR CG  CD2  sing Y N 346 
TYR CD1 CE1  sing Y N 347 
TYR CD1 HD1  sing N N 348 
TYR CD2 CE2  doub Y N 349 
TYR CD2 HD2  sing N N 350 
TYR CE1 CZ   doub Y N 351 
TYR CE1 HE1  sing N N 352 
TYR CE2 CZ   sing Y N 353 
TYR CE2 HE2  sing N N 354 
TYR CZ  OH   sing N N 355 
TYR OH  HH   sing N N 356 
TYR OXT HXT  sing N N 357 
VAL N   CA   sing N N 358 
VAL N   H    sing N N 359 
VAL N   H2   sing N N 360 
VAL CA  C    sing N N 361 
VAL CA  CB   sing N N 362 
VAL CA  HA   sing N N 363 
VAL C   O    doub N N 364 
VAL C   OXT  sing N N 365 
VAL CB  CG1  sing N N 366 
VAL CB  CG2  sing N N 367 
VAL CB  HB   sing N N 368 
VAL CG1 HG11 sing N N 369 
VAL CG1 HG12 sing N N 370 
VAL CG1 HG13 sing N N 371 
VAL CG2 HG21 sing N N 372 
VAL CG2 HG22 sing N N 373 
VAL CG2 HG23 sing N N 374 
VAL OXT HXT  sing N N 375 
# 
_atom_sites.entry_id                    3SOU 
_atom_sites.fract_transf_matrix[1][1]   0.01762412 
_atom_sites.fract_transf_matrix[1][2]   0.00517577 
_atom_sites.fract_transf_matrix[1][3]   0.01407179 
_atom_sites.fract_transf_matrix[2][1]   0.00293452 
_atom_sites.fract_transf_matrix[2][2]   0.02010587 
_atom_sites.fract_transf_matrix[2][3]   -0.01107050 
_atom_sites.fract_transf_matrix[3][1]   -0.00344727 
_atom_sites.fract_transf_matrix[3][2]   0.00239531 
_atom_sites.fract_transf_matrix[3][3]   0.00343649 
_atom_sites.fract_transf_vector[1]      0.495612 
_atom_sites.fract_transf_vector[2]      0.043662 
_atom_sites.fract_transf_vector[3]      0.370197 
# 
loop_
_atom_type.symbol 
C  
N  
O  
S  
ZN 
# 
loop_
_atom_site.group_PDB 
_atom_site.id 
_atom_site.type_symbol 
_atom_site.label_atom_id 
_atom_site.label_alt_id 
_atom_site.label_comp_id 
_atom_site.label_asym_id 
_atom_site.label_entity_id 
_atom_site.label_seq_id 
_atom_site.pdbx_PDB_ins_code 
_atom_site.Cartn_x 
_atom_site.Cartn_y 
_atom_site.Cartn_z 
_atom_site.occupancy 
_atom_site.B_iso_or_equiv 
_atom_site.pdbx_formal_charge 
_atom_site.auth_seq_id 
_atom_site.auth_comp_id 
_atom_site.auth_asym_id 
_atom_site.auth_atom_id 
_atom_site.pdbx_PDB_model_num 
ATOM   1    N  N   . PRO A 1 3  ? 10.694  7.098   -10.483 1.00 48.47 ? 313 PRO A N   1 
ATOM   2    C  CA  . PRO A 1 3  ? 10.092  8.400   -10.189 1.00 45.26 ? 313 PRO A CA  1 
ATOM   3    C  C   . PRO A 1 3  ? 10.043  8.616   -8.693  1.00 43.62 ? 313 PRO A C   1 
ATOM   4    O  O   . PRO A 1 3  ? 10.740  7.919   -7.948  1.00 45.83 ? 313 PRO A O   1 
ATOM   5    C  CB  . PRO A 1 3  ? 8.669   8.264   -10.746 1.00 44.08 ? 313 PRO A CB  1 
ATOM   6    C  CG  . PRO A 1 3  ? 8.747   7.146   -11.731 1.00 44.58 ? 313 PRO A CG  1 
ATOM   7    C  CD  . PRO A 1 3  ? 9.738   6.193   -11.137 1.00 47.43 ? 313 PRO A CD  1 
ATOM   8    N  N   . SER A 1 4  ? 9.230   9.561   -8.245  1.00 44.17 ? 314 SER A N   1 
ATOM   9    C  CA  . SER A 1 4  ? 9.104   9.785   -6.817  1.00 44.32 ? 314 SER A CA  1 
ATOM   10   C  C   . SER A 1 4  ? 8.385   8.594   -6.180  1.00 42.73 ? 314 SER A C   1 
ATOM   11   O  O   . SER A 1 4  ? 8.802   8.092   -5.134  1.00 44.67 ? 314 SER A O   1 
ATOM   12   C  CB  . SER A 1 4  ? 8.365   11.092  -6.530  1.00 47.65 ? 314 SER A CB  1 
ATOM   13   O  OG  . SER A 1 4  ? 8.472   11.431  -5.160  1.00 52.05 ? 314 SER A OG  1 
ATOM   14   N  N   . CYS A 1 5  ? 7.307   8.148   -6.816  1.00 37.13 ? 315 CYS A N   1 
ATOM   15   C  CA  . CYS A 1 5  ? 6.572   6.984   -6.335  1.00 35.49 ? 315 CYS A CA  1 
ATOM   16   C  C   . CYS A 1 5  ? 6.718   5.797   -7.285  1.00 33.08 ? 315 CYS A C   1 
ATOM   17   O  O   . CYS A 1 5  ? 6.339   5.875   -8.452  1.00 32.87 ? 315 CYS A O   1 
ATOM   18   C  CB  . CYS A 1 5  ? 5.093   7.318   -6.145  1.00 34.06 ? 315 CYS A CB  1 
ATOM   19   S  SG  . CYS A 1 5  ? 4.122   5.929   -5.523  1.00 31.02 ? 315 CYS A SG  1 
ATOM   20   N  N   . LYS A 1 6  ? 7.246   4.692   -6.777  1.00 32.96 ? 316 LYS A N   1 
ATOM   21   C  CA  . LYS A 1 6  ? 7.507   3.531   -7.623  1.00 34.71 ? 316 LYS A CA  1 
ATOM   22   C  C   . LYS A 1 6  ? 6.253   2.726   -7.953  1.00 32.28 ? 316 LYS A C   1 
ATOM   23   O  O   . LYS A 1 6  ? 6.263   1.883   -8.847  1.00 31.06 ? 316 LYS A O   1 
ATOM   24   C  CB  . LYS A 1 6  ? 8.593   2.634   -7.009  1.00 38.09 ? 316 LYS A CB  1 
ATOM   25   C  CG  . LYS A 1 6  ? 8.278   2.083   -5.623  1.00 36.01 ? 316 LYS A CG  1 
ATOM   26   C  CD  . LYS A 1 6  ? 9.466   1.305   -5.074  1.00 39.84 ? 316 LYS A CD  1 
ATOM   27   C  CE  . LYS A 1 6  ? 9.281   0.957   -3.596  1.00 45.68 ? 316 LYS A CE  1 
ATOM   28   N  NZ  . LYS A 1 6  ? 10.475  0.216   -3.063  1.00 47.50 ? 316 LYS A NZ  1 
ATOM   29   N  N   . HIS A 1 7  ? 5.159   3.004   -7.251  1.00 31.49 ? 317 HIS A N   1 
ATOM   30   C  CA  . HIS A 1 7  ? 3.913   2.289   -7.513  1.00 30.98 ? 317 HIS A CA  1 
ATOM   31   C  C   . HIS A 1 7  ? 3.148   2.851   -8.702  1.00 30.50 ? 317 HIS A C   1 
ATOM   32   O  O   . HIS A 1 7  ? 2.591   2.099   -9.497  1.00 31.65 ? 317 HIS A O   1 
ATOM   33   C  CB  . HIS A 1 7  ? 3.015   2.275   -6.270  1.00 29.21 ? 317 HIS A CB  1 
ATOM   34   C  CG  . HIS A 1 7  ? 3.715   1.828   -5.026  1.00 29.53 ? 317 HIS A CG  1 
ATOM   35   N  ND1 . HIS A 1 7  ? 3.781   0.508   -4.640  1.00 29.58 ? 317 HIS A ND1 1 
ATOM   36   C  CD2 . HIS A 1 7  ? 4.384   2.526   -4.080  1.00 30.29 ? 317 HIS A CD2 1 
ATOM   37   C  CE1 . HIS A 1 7  ? 4.455   0.411   -3.509  1.00 31.49 ? 317 HIS A CE1 1 
ATOM   38   N  NE2 . HIS A 1 7  ? 4.820   1.625   -3.140  1.00 28.70 ? 317 HIS A NE2 1 
ATOM   39   N  N   . CYS A 1 8  ? 3.108   4.173   -8.827  1.00 29.54 ? 318 CYS A N   1 
ATOM   40   C  CA  . CYS A 1 8  ? 2.328   4.788   -9.896  1.00 30.00 ? 318 CYS A CA  1 
ATOM   41   C  C   . CYS A 1 8  ? 3.212   5.517   -10.900 1.00 31.38 ? 318 CYS A C   1 
ATOM   42   O  O   . CYS A 1 8  ? 2.718   6.010   -11.907 1.00 32.48 ? 318 CYS A O   1 
ATOM   43   C  CB  . CYS A 1 8  ? 1.299   5.773   -9.321  1.00 28.84 ? 318 CYS A CB  1 
ATOM   44   S  SG  . CYS A 1 8  ? 2.084   7.215   -8.564  1.00 29.93 ? 318 CYS A SG  1 
ATOM   45   N  N   . LYS A 1 9  ? 4.510   5.586   -10.605 1.00 31.79 ? 319 LYS A N   1 
ATOM   46   C  CA  . LYS A 1 9  ? 5.473   6.318   -11.433 1.00 33.48 ? 319 LYS A CA  1 
ATOM   47   C  C   . LYS A 1 9  ? 5.078   7.784   -11.665 1.00 38.12 ? 319 LYS A C   1 
ATOM   48   O  O   . LYS A 1 9  ? 5.477   8.402   -12.658 1.00 38.91 ? 319 LYS A O   1 
ATOM   49   C  CB  . LYS A 1 9  ? 5.730   5.569   -12.748 1.00 37.16 ? 319 LYS A CB  1 
ATOM   50   C  CG  . LYS A 1 9  ? 6.140   4.104   -12.526 1.00 36.36 ? 319 LYS A CG  1 
ATOM   51   C  CD  . LYS A 1 9  ? 6.697   3.453   -13.790 1.00 45.51 ? 319 LYS A CD  1 
ATOM   52   C  CE  . LYS A 1 9  ? 6.971   1.959   -13.590 1.00 50.69 ? 319 LYS A CE  1 
ATOM   53   N  NZ  . LYS A 1 9  ? 7.769   1.653   -12.355 1.00 50.88 ? 319 LYS A NZ  1 
ATOM   54   N  N   . ASP A 1 10 ? 4.300   8.332   -10.731 1.00 36.81 ? 320 ASP A N   1 
ATOM   55   C  CA  . ASP A 1 10 ? 3.905   9.742   -10.752 1.00 36.52 ? 320 ASP A CA  1 
ATOM   56   C  C   . ASP A 1 10 ? 2.906   10.108  -11.855 1.00 36.62 ? 320 ASP A C   1 
ATOM   57   O  O   . ASP A 1 10 ? 2.686   11.288  -12.137 1.00 39.32 ? 320 ASP A O   1 
ATOM   58   C  CB  . ASP A 1 10 ? 5.138   10.652  -10.826 1.00 37.08 ? 320 ASP A CB  1 
ATOM   59   C  CG  . ASP A 1 10 ? 6.078   10.475  -9.639  1.00 39.53 ? 320 ASP A CG  1 
ATOM   60   O  OD1 . ASP A 1 10 ? 5.651   9.943   -8.590  1.00 35.08 ? 320 ASP A OD1 1 
ATOM   61   O  OD2 . ASP A 1 10 ? 7.257   10.879  -9.753  1.00 39.98 ? 320 ASP A OD2 1 
ATOM   62   N  N   . ASP A 1 11 ? 2.285   9.103   -12.460 1.00 35.10 ? 321 ASP A N   1 
ATOM   63   C  CA  . ASP A 1 11 ? 1.332   9.331   -13.536 1.00 35.78 ? 321 ASP A CA  1 
ATOM   64   C  C   . ASP A 1 11 ? 0.055   9.988   -13.006 1.00 36.16 ? 321 ASP A C   1 
ATOM   65   O  O   . ASP A 1 11 ? -0.743  9.346   -12.329 1.00 35.13 ? 321 ASP A O   1 
ATOM   66   C  CB  . ASP A 1 11 ? 1.021   8.004   -14.225 1.00 34.13 ? 321 ASP A CB  1 
ATOM   67   C  CG  . ASP A 1 11 ? 0.118   8.155   -15.428 1.00 37.22 ? 321 ASP A CG  1 
ATOM   68   O  OD1 . ASP A 1 11 ? -0.395  9.270   -15.678 1.00 37.13 ? 321 ASP A OD1 1 
ATOM   69   O  OD2 . ASP A 1 11 ? -0.089  7.131   -16.123 1.00 39.66 ? 321 ASP A OD2 1 
ATOM   70   N  N   . VAL A 1 12 ? -0.136  11.261  -13.343 1.00 35.81 ? 322 VAL A N   1 
ATOM   71   C  CA  . VAL A 1 12 ? -1.252  12.059  -12.840 1.00 35.09 ? 322 VAL A CA  1 
ATOM   72   C  C   . VAL A 1 12 ? -2.604  11.463  -13.203 1.00 34.88 ? 322 VAL A C   1 
ATOM   73   O  O   . VAL A 1 12 ? -3.616  11.778  -12.579 1.00 34.92 ? 322 VAL A O   1 
ATOM   74   C  CB  . VAL A 1 12 ? -1.197  13.500  -13.398 1.00 36.28 ? 322 VAL A CB  1 
ATOM   75   C  CG1 . VAL A 1 12 ? -1.406  13.484  -14.899 1.00 38.80 ? 322 VAL A CG1 1 
ATOM   76   C  CG2 . VAL A 1 12 ? -2.233  14.388  -12.723 1.00 42.47 ? 322 VAL A CG2 1 
ATOM   77   N  N   . ASN A 1 13 ? -2.628  10.610  -14.218 1.00 34.29 ? 323 ASN A N   1 
ATOM   78   C  CA  . ASN A 1 13 ? -3.874  9.993   -14.650 1.00 33.28 ? 323 ASN A CA  1 
ATOM   79   C  C   . ASN A 1 13 ? -4.116  8.618   -14.042 1.00 31.85 ? 323 ASN A C   1 
ATOM   80   O  O   . ASN A 1 13 ? -5.066  7.929   -14.407 1.00 33.69 ? 323 ASN A O   1 
ATOM   81   C  CB  . ASN A 1 13 ? -3.921  9.900   -16.169 1.00 40.44 ? 323 ASN A CB  1 
ATOM   82   C  CG  . ASN A 1 13 ? -4.137  11.249  -16.822 1.00 44.80 ? 323 ASN A CG  1 
ATOM   83   O  OD1 . ASN A 1 13 ? -3.358  11.671  -17.681 1.00 45.76 ? 323 ASN A OD1 1 
ATOM   84   N  ND2 . ASN A 1 13 ? -5.191  11.941  -16.405 1.00 40.62 ? 323 ASN A ND2 1 
ATOM   85   N  N   . ARG A 1 14 ? -3.239  8.212   -13.133 1.00 33.50 ? 324 ARG A N   1 
ATOM   86   C  CA  . ARG A 1 14 ? -3.374  6.919   -12.472 1.00 32.32 ? 324 ARG A CA  1 
ATOM   87   C  C   . ARG A 1 14 ? -3.764  7.141   -11.016 1.00 27.50 ? 324 ARG A C   1 
ATOM   88   O  O   . ARG A 1 14 ? -3.296  8.086   -10.392 1.00 28.68 ? 324 ARG A O   1 
ATOM   89   C  CB  . ARG A 1 14 ? -2.055  6.144   -12.529 1.00 33.63 ? 324 ARG A CB  1 
ATOM   90   C  CG  . ARG A 1 14 ? -1.558  5.832   -13.945 1.00 38.69 ? 324 ARG A CG  1 
ATOM   91   C  CD  . ARG A 1 14 ? -2.401  4.746   -14.639 1.00 42.07 ? 324 ARG A CD  1 
ATOM   92   N  NE  . ARG A 1 14 ? -2.133  3.402   -14.119 1.00 43.69 ? 324 ARG A NE  1 
ATOM   93   C  CZ  . ARG A 1 14 ? -2.832  2.317   -14.449 1.00 42.55 ? 324 ARG A CZ  1 
ATOM   94   N  NH1 . ARG A 1 14 ? -3.844  2.411   -15.299 1.00 41.99 ? 324 ARG A NH1 1 
ATOM   95   N  NH2 . ARG A 1 14 ? -2.525  1.135   -13.927 1.00 46.26 ? 324 ARG A NH2 1 
ATOM   96   N  N   . LEU A 1 15 ? -4.597  6.254   -10.482 1.00 29.32 ? 325 LEU A N   1 
ATOM   97   C  CA  . LEU A 1 15 ? -4.869  6.234   -9.043  1.00 28.13 ? 325 LEU A CA  1 
ATOM   98   C  C   . LEU A 1 15 ? -3.637  5.753   -8.315  1.00 26.26 ? 325 LEU A C   1 
ATOM   99   O  O   . LEU A 1 15 ? -2.920  4.893   -8.817  1.00 27.65 ? 325 LEU A O   1 
ATOM   100  C  CB  . LEU A 1 15 ? -5.997  5.247   -8.732  1.00 30.97 ? 325 LEU A CB  1 
ATOM   101  C  CG  . LEU A 1 15 ? -7.332  5.545   -9.387  1.00 32.04 ? 325 LEU A CG  1 
ATOM   102  C  CD1 . LEU A 1 15 ? -8.401  4.587   -8.859  1.00 34.10 ? 325 LEU A CD1 1 
ATOM   103  C  CD2 . LEU A 1 15 ? -7.662  6.987   -9.116  1.00 31.03 ? 325 LEU A CD2 1 
ATOM   104  N  N   . CYS A 1 16 ? -3.405  6.267   -7.116  1.00 22.83 ? 326 CYS A N   1 
ATOM   105  C  CA  . CYS A 1 16 ? -2.391  5.704   -6.243  1.00 25.68 ? 326 CYS A CA  1 
ATOM   106  C  C   . CYS A 1 16 ? -2.724  5.868   -4.765  1.00 23.90 ? 326 CYS A C   1 
ATOM   107  O  O   . CYS A 1 16 ? -2.752  6.987   -4.254  1.00 24.86 ? 326 CYS A O   1 
ATOM   108  C  CB  . CYS A 1 16 ? -1.031  6.329   -6.507  1.00 25.86 ? 326 CYS A CB  1 
ATOM   109  S  SG  . CYS A 1 16 ? 0.267   5.406   -5.665  1.00 25.37 ? 326 CYS A SG  1 
ATOM   110  N  N   . ARG A 1 17 ? -2.972  4.752   -4.079  1.00 23.81 ? 327 ARG A N   1 
ATOM   111  C  CA  . ARG A 1 17 ? -3.282  4.807   -2.654  1.00 24.52 ? 327 ARG A CA  1 
ATOM   112  C  C   . ARG A 1 17 ? -2.043  4.931   -1.789  1.00 26.08 ? 327 ARG A C   1 
ATOM   113  O  O   . ARG A 1 17 ? -2.136  4.946   -0.568  1.00 26.90 ? 327 ARG A O   1 
ATOM   114  C  CB  . ARG A 1 17 ? -4.139  3.604   -2.234  1.00 24.75 ? 327 ARG A CB  1 
ATOM   115  C  CG  . ARG A 1 17 ? -5.461  3.609   -2.944  1.00 24.79 ? 327 ARG A CG  1 
ATOM   116  C  CD  . ARG A 1 17 ? -6.349  2.453   -2.529  1.00 30.37 ? 327 ARG A CD  1 
ATOM   117  N  NE  . ARG A 1 17 ? -7.685  2.623   -3.084  1.00 28.12 ? 327 ARG A NE  1 
ATOM   118  C  CZ  . ARG A 1 17 ? -8.069  2.196   -4.279  1.00 32.28 ? 327 ARG A CZ  1 
ATOM   119  N  NH1 . ARG A 1 17 ? -7.213  1.558   -5.069  1.00 37.06 ? 327 ARG A NH1 1 
ATOM   120  N  NH2 . ARG A 1 17 ? -9.317  2.406   -4.688  1.00 34.09 ? 327 ARG A NH2 1 
ATOM   121  N  N   . VAL A 1 18 ? -0.874  5.033   -2.416  1.00 25.83 ? 328 VAL A N   1 
ATOM   122  C  CA  . VAL A 1 18 ? 0.345   5.211   -1.633  1.00 27.61 ? 328 VAL A CA  1 
ATOM   123  C  C   . VAL A 1 18 ? 0.761   6.669   -1.517  1.00 24.96 ? 328 VAL A C   1 
ATOM   124  O  O   . VAL A 1 18 ? 1.044   7.135   -0.423  1.00 31.08 ? 328 VAL A O   1 
ATOM   125  C  CB  . VAL A 1 18 ? 1.519   4.358   -2.171  1.00 27.04 ? 328 VAL A CB  1 
ATOM   126  C  CG1 . VAL A 1 18 ? 2.738   4.540   -1.267  1.00 29.75 ? 328 VAL A CG1 1 
ATOM   127  C  CG2 . VAL A 1 18 ? 1.103   2.892   -2.237  1.00 30.51 ? 328 VAL A CG2 1 
ATOM   128  N  N   . CYS A 1 19 ? 0.767   7.395   -2.633  1.00 24.63 ? 329 CYS A N   1 
ATOM   129  C  CA  . CYS A 1 19 ? 1.205   8.791   -2.655  1.00 28.43 ? 329 CYS A CA  1 
ATOM   130  C  C   . CYS A 1 19 ? 0.053   9.786   -2.803  1.00 27.28 ? 329 CYS A C   1 
ATOM   131  O  O   . CYS A 1 19 ? 0.263   11.003  -2.791  1.00 26.82 ? 329 CYS A O   1 
ATOM   132  C  CB  . CYS A 1 19 ? 2.235   9.017   -3.771  1.00 27.69 ? 329 CYS A CB  1 
ATOM   133  S  SG  . CYS A 1 19 ? 1.616   9.018   -5.489  1.00 27.62 ? 329 CYS A SG  1 
ATOM   134  N  N   . ALA A 1 20 ? -1.162  9.269   -2.950  1.00 23.92 ? 330 ALA A N   1 
ATOM   135  C  CA  . ALA A 1 20 ? -2.352  10.121  -2.990  1.00 22.69 ? 330 ALA A CA  1 
ATOM   136  C  C   . ALA A 1 20 ? -3.342  9.603   -1.952  1.00 21.91 ? 330 ALA A C   1 
ATOM   137  O  O   . ALA A 1 20 ? -2.946  8.881   -1.037  1.00 23.12 ? 330 ALA A O   1 
ATOM   138  C  CB  . ALA A 1 20 ? -2.962  10.157  -4.382  1.00 22.55 ? 330 ALA A CB  1 
ATOM   139  N  N   . CYS A 1 21 ? -4.609  9.971   -2.058  1.00 21.15 ? 331 CYS A N   1 
ATOM   140  C  CA  . CYS A 1 21 ? -5.549  9.579   -1.002  1.00 20.44 ? 331 CYS A CA  1 
ATOM   141  C  C   . CYS A 1 21 ? -5.478  8.067   -0.778  1.00 22.22 ? 331 CYS A C   1 
ATOM   142  O  O   . CYS A 1 21 ? -5.624  7.286   -1.729  1.00 21.43 ? 331 CYS A O   1 
ATOM   143  C  CB  . CYS A 1 21 ? -6.974  9.995   -1.330  1.00 22.26 ? 331 CYS A CB  1 
ATOM   144  S  SG  . CYS A 1 21 ? -8.193  9.389   -0.091  1.00 20.98 ? 331 CYS A SG  1 
ATOM   145  N  N   . HIS A 1 22 ? -5.254  7.651   0.461   1.00 19.11 ? 332 HIS A N   1 
ATOM   146  C  CA  . HIS A 1 22 ? -5.081  6.232   0.762   1.00 21.69 ? 332 HIS A CA  1 
ATOM   147  C  C   . HIS A 1 22 ? -6.359  5.429   0.556   1.00 24.33 ? 332 HIS A C   1 
ATOM   148  O  O   . HIS A 1 22 ? -6.327  4.195   0.424   1.00 20.03 ? 332 HIS A O   1 
ATOM   149  C  CB  . HIS A 1 22 ? -4.558  6.054   2.189   1.00 22.99 ? 332 HIS A CB  1 
ATOM   150  C  CG  . HIS A 1 22 ? -4.050  4.682   2.476   1.00 25.51 ? 332 HIS A CG  1 
ATOM   151  N  ND1 . HIS A 1 22 ? -3.040  4.096   1.740   1.00 26.99 ? 332 HIS A ND1 1 
ATOM   152  C  CD2 . HIS A 1 22 ? -4.402  3.776   3.419   1.00 28.14 ? 332 HIS A CD2 1 
ATOM   153  C  CE1 . HIS A 1 22 ? -2.801  2.887   2.214   1.00 29.75 ? 332 HIS A CE1 1 
ATOM   154  N  NE2 . HIS A 1 22 ? -3.608  2.672   3.237   1.00 30.92 ? 332 HIS A NE2 1 
ATOM   155  N  N   . LEU A 1 23 ? -7.491  6.123   0.533   1.00 21.37 ? 333 LEU A N   1 
ATOM   156  C  CA  . LEU A 1 23 ? -8.771  5.429   0.382   1.00 23.59 ? 333 LEU A CA  1 
ATOM   157  C  C   . LEU A 1 23 ? -9.230  5.349   -1.080  1.00 23.85 ? 333 LEU A C   1 
ATOM   158  O  O   . LEU A 1 23 ? -9.626  4.278   -1.554  1.00 25.08 ? 333 LEU A O   1 
ATOM   159  C  CB  . LEU A 1 23 ? -9.841  6.082   1.263   1.00 22.22 ? 333 LEU A CB  1 
ATOM   160  C  CG  . LEU A 1 23 ? -9.609  6.014   2.783   1.00 22.41 ? 333 LEU A CG  1 
ATOM   161  C  CD1 . LEU A 1 23 ? -10.641 6.896   3.537   1.00 22.36 ? 333 LEU A CD1 1 
ATOM   162  C  CD2 . LEU A 1 23 ? -9.661  4.581   3.287   1.00 30.55 ? 333 LEU A CD2 1 
ATOM   163  N  N   . CYS A 1 24 ? -9.157  6.461   -1.805  1.00 20.13 ? 334 CYS A N   1 
ATOM   164  C  CA  . CYS A 1 24 ? -9.671  6.494   -3.190  1.00 22.34 ? 334 CYS A CA  1 
ATOM   165  C  C   . CYS A 1 24 ? -8.584  6.549   -4.255  1.00 24.20 ? 334 CYS A C   1 
ATOM   166  O  O   . CYS A 1 24 ? -8.868  6.352   -5.440  1.00 22.09 ? 334 CYS A O   1 
ATOM   167  C  CB  . CYS A 1 24 ? -10.638 7.672   -3.407  1.00 23.49 ? 334 CYS A CB  1 
ATOM   168  S  SG  . CYS A 1 24 ? -9.867  9.310   -3.608  1.00 19.82 ? 334 CYS A SG  1 
ATOM   169  N  N   . GLY A 1 25 ? -7.363  6.858   -3.831  1.00 21.15 ? 335 GLY A N   1 
ATOM   170  C  CA  . GLY A 1 25 ? -6.226  6.997   -4.728  1.00 22.34 ? 335 GLY A CA  1 
ATOM   171  C  C   . GLY A 1 25 ? -6.188  8.273   -5.548  1.00 21.47 ? 335 GLY A C   1 
ATOM   172  O  O   . GLY A 1 25 ? -5.378  8.393   -6.471  1.00 23.43 ? 335 GLY A O   1 
ATOM   173  N  N   . GLY A 1 26 ? -7.056  9.226   -5.228  1.00 22.46 ? 336 GLY A N   1 
ATOM   174  C  CA  . GLY A 1 26 ? -7.163  10.457  -6.002  1.00 22.10 ? 336 GLY A CA  1 
ATOM   175  C  C   . GLY A 1 26 ? -6.236  11.557  -5.514  1.00 23.01 ? 336 GLY A C   1 
ATOM   176  O  O   . GLY A 1 26 ? -5.928  11.617  -4.329  1.00 20.11 ? 336 GLY A O   1 
ATOM   177  N  N   . ARG A 1 27 ? -5.792  12.426  -6.427  1.00 22.15 ? 337 ARG A N   1 
ATOM   178  C  CA  . ARG A 1 27 ? -4.790  13.449  -6.110  1.00 23.76 ? 337 ARG A CA  1 
ATOM   179  C  C   . ARG A 1 27 ? -5.409  14.830  -5.937  1.00 27.43 ? 337 ARG A C   1 
ATOM   180  O  O   . ARG A 1 27 ? -4.730  15.777  -5.542  1.00 25.10 ? 337 ARG A O   1 
ATOM   181  C  CB  . ARG A 1 27 ? -3.738  13.524  -7.227  1.00 26.48 ? 337 ARG A CB  1 
ATOM   182  C  CG  . ARG A 1 27 ? -3.124  12.179  -7.593  1.00 26.17 ? 337 ARG A CG  1 
ATOM   183  C  CD  . ARG A 1 27 ? -2.272  12.277  -8.862  1.00 32.20 ? 337 ARG A CD  1 
ATOM   184  N  NE  . ARG A 1 27 ? -1.864  10.949  -9.321  1.00 32.57 ? 337 ARG A NE  1 
ATOM   185  C  CZ  . ARG A 1 27 ? -0.818  10.296  -8.832  1.00 32.72 ? 337 ARG A CZ  1 
ATOM   186  N  NH1 . ARG A 1 27 ? -0.094  10.860  -7.889  1.00 34.26 ? 337 ARG A NH1 1 
ATOM   187  N  NH2 . ARG A 1 27 ? -0.495  9.084   -9.285  1.00 32.53 ? 337 ARG A NH2 1 
ATOM   188  N  N   . GLN A 1 28 ? -6.702  14.931  -6.233  1.00 24.73 ? 338 GLN A N   1 
ATOM   189  C  CA  . GLN A 1 28 ? -7.418  16.195  -6.178  1.00 27.03 ? 338 GLN A CA  1 
ATOM   190  C  C   . GLN A 1 28 ? -7.517  16.738  -4.749  1.00 25.69 ? 338 GLN A C   1 
ATOM   191  O  O   . GLN A 1 28 ? -7.387  15.991  -3.777  1.00 23.58 ? 338 GLN A O   1 
ATOM   192  C  CB  . GLN A 1 28 ? -8.827  16.025  -6.791  1.00 27.11 ? 338 GLN A CB  1 
ATOM   193  C  CG  . GLN A 1 28 ? -9.927  15.452  -5.834  1.00 27.87 ? 338 GLN A CG  1 
ATOM   194  C  CD  . GLN A 1 28 ? -10.080 13.914  -5.849  1.00 29.41 ? 338 GLN A CD  1 
ATOM   195  O  OE1 . GLN A 1 28 ? -11.066 13.360  -5.310  1.00 28.11 ? 338 GLN A OE1 1 
ATOM   196  N  NE2 . GLN A 1 28 ? -9.121  13.230  -6.464  1.00 25.20 ? 338 GLN A NE2 1 
ATOM   197  N  N   . ASP A 1 29 ? -7.737  18.045  -4.622  1.00 23.31 ? 339 ASP A N   1 
ATOM   198  C  CA  . ASP A 1 29 ? -8.043  18.638  -3.319  1.00 24.86 ? 339 ASP A CA  1 
ATOM   199  C  C   . ASP A 1 29 ? -7.026  18.332  -2.220  1.00 23.85 ? 339 ASP A C   1 
ATOM   200  O  O   . ASP A 1 29 ? -7.398  17.898  -1.134  1.00 23.89 ? 339 ASP A O   1 
ATOM   201  C  CB  . ASP A 1 29 ? -9.438  18.204  -2.855  1.00 23.82 ? 339 ASP A CB  1 
ATOM   202  C  CG  . ASP A 1 29 ? -10.528 18.638  -3.813  1.00 26.96 ? 339 ASP A CG  1 
ATOM   203  O  OD1 . ASP A 1 29 ? -10.360 19.704  -4.429  1.00 26.56 ? 339 ASP A OD1 1 
ATOM   204  O  OD2 . ASP A 1 29 ? -11.552 17.914  -3.947  1.00 23.95 ? 339 ASP A OD2 1 
ATOM   205  N  N   . PRO A 1 30 ? -5.731  18.580  -2.486  1.00 24.24 ? 340 PRO A N   1 
ATOM   206  C  CA  . PRO A 1 30 ? -4.695  18.315  -1.476  1.00 25.04 ? 340 PRO A CA  1 
ATOM   207  C  C   . PRO A 1 30 ? -4.943  19.128  -0.200  1.00 24.67 ? 340 PRO A C   1 
ATOM   208  O  O   . PRO A 1 30 ? -4.493  18.745  0.867   1.00 25.98 ? 340 PRO A O   1 
ATOM   209  C  CB  . PRO A 1 30 ? -3.395  18.781  -2.152  1.00 29.92 ? 340 PRO A CB  1 
ATOM   210  C  CG  . PRO A 1 30 ? -3.820  19.556  -3.385  1.00 28.25 ? 340 PRO A CG  1 
ATOM   211  C  CD  . PRO A 1 30 ? -5.170  19.040  -3.774  1.00 25.44 ? 340 PRO A CD  1 
ATOM   212  N  N   . ASP A 1 31 ? -5.672  20.225  -0.335  1.00 23.08 ? 341 ASP A N   1 
ATOM   213  C  CA  . ASP A 1 31 ? -6.051  21.086  0.787   1.00 27.24 ? 341 ASP A CA  1 
ATOM   214  C  C   . ASP A 1 31 ? -7.061  20.410  1.709   1.00 26.20 ? 341 ASP A C   1 
ATOM   215  O  O   . ASP A 1 31 ? -7.340  20.905  2.802   1.00 23.61 ? 341 ASP A O   1 
ATOM   216  C  CB  . ASP A 1 31 ? -6.645  22.406  0.263   1.00 30.38 ? 341 ASP A CB  1 
ATOM   217  C  CG  . ASP A 1 31 ? -7.656  22.191  -0.862  1.00 31.90 ? 341 ASP A CG  1 
ATOM   218  O  OD1 . ASP A 1 31 ? -7.309  21.524  -1.859  1.00 33.74 ? 341 ASP A OD1 1 
ATOM   219  O  OD2 . ASP A 1 31 ? -8.789  22.714  -0.765  1.00 37.25 ? 341 ASP A OD2 1 
ATOM   220  N  N   . LYS A 1 32 ? -7.600  19.278  1.248   1.00 23.79 ? 342 LYS A N   1 
ATOM   221  C  CA  . LYS A 1 32 ? -8.590  18.512  1.996   1.00 23.14 ? 342 LYS A CA  1 
ATOM   222  C  C   . LYS A 1 32 ? -8.098  17.106  2.292   1.00 22.66 ? 342 LYS A C   1 
ATOM   223  O  O   . LYS A 1 32 ? -8.879  16.265  2.744   1.00 23.66 ? 342 LYS A O   1 
ATOM   224  C  CB  . LYS A 1 32 ? -9.918  18.442  1.215   1.00 25.10 ? 342 LYS A CB  1 
ATOM   225  C  CG  . LYS A 1 32 ? -10.661 19.753  1.161   1.00 25.99 ? 342 LYS A CG  1 
ATOM   226  C  CD  . LYS A 1 32 ? -11.858 19.717  0.213   1.00 29.96 ? 342 LYS A CD  1 
ATOM   227  C  CE  . LYS A 1 32 ? -12.663 21.016  0.325   1.00 33.88 ? 342 LYS A CE  1 
ATOM   228  N  NZ  . LYS A 1 32 ? -13.775 21.124  -0.661  1.00 30.55 ? 342 LYS A NZ  1 
ATOM   229  N  N   . GLN A 1 33 ? -6.813  16.848  2.033   1.00 23.57 ? 343 GLN A N   1 
ATOM   230  C  CA  . GLN A 1 33 ? -6.201  15.564  2.354   1.00 24.02 ? 343 GLN A CA  1 
ATOM   231  C  C   . GLN A 1 33 ? -5.422  15.643  3.659   1.00 25.75 ? 343 GLN A C   1 
ATOM   232  O  O   . GLN A 1 33 ? -4.347  16.252  3.706   1.00 24.05 ? 343 GLN A O   1 
ATOM   233  C  CB  . GLN A 1 33 ? -5.249  15.105  1.250   1.00 23.94 ? 343 GLN A CB  1 
ATOM   234  C  CG  . GLN A 1 33 ? -5.911  14.744  -0.060  1.00 22.09 ? 343 GLN A CG  1 
ATOM   235  C  CD  . GLN A 1 33 ? -4.884  14.240  -1.064  1.00 28.12 ? 343 GLN A CD  1 
ATOM   236  O  OE1 . GLN A 1 33 ? -3.884  13.629  -0.684  1.00 32.47 ? 343 GLN A OE1 1 
ATOM   237  N  NE2 . GLN A 1 33 ? -5.099  14.529  -2.339  1.00 26.88 ? 343 GLN A NE2 1 
ATOM   238  N  N   . LEU A 1 34 ? -5.977  15.032  4.706   1.00 22.12 ? 344 LEU A N   1 
ATOM   239  C  CA  . LEU A 1 34 ? -5.371  15.024  6.031   1.00 24.59 ? 344 LEU A CA  1 
ATOM   240  C  C   . LEU A 1 34 ? -4.227  14.046  6.062   1.00 24.69 ? 344 LEU A C   1 
ATOM   241  O  O   . LEU A 1 34 ? -4.328  12.962  5.517   1.00 22.67 ? 344 LEU A O   1 
ATOM   242  C  CB  . LEU A 1 34 ? -6.391  14.568  7.071   1.00 21.63 ? 344 LEU A CB  1 
ATOM   243  C  CG  . LEU A 1 34 ? -7.728  15.299  7.095   1.00 22.16 ? 344 LEU A CG  1 
ATOM   244  C  CD1 . LEU A 1 34 ? -8.598  14.796  8.237   1.00 23.11 ? 344 LEU A CD1 1 
ATOM   245  C  CD2 . LEU A 1 34 ? -7.513  16.786  7.207   1.00 26.39 ? 344 LEU A CD2 1 
ATOM   246  N  N   . MET A 1 35 ? -3.147  14.393  6.751   1.00 23.42 ? 345 MET A N   1 
ATOM   247  C  CA  . MET A 1 35 ? -1.989  13.506  6.786   1.00 24.97 ? 345 MET A CA  1 
ATOM   248  C  C   . MET A 1 35 ? -1.943  12.841  8.150   1.00 27.80 ? 345 MET A C   1 
ATOM   249  O  O   . MET A 1 35 ? -1.976  13.526  9.180   1.00 26.01 ? 345 MET A O   1 
ATOM   250  C  CB  . MET A 1 35 ? -0.707  14.314  6.529   1.00 25.20 ? 345 MET A CB  1 
ATOM   251  C  CG  . MET A 1 35 ? -0.752  15.150  5.274   1.00 25.99 ? 345 MET A CG  1 
ATOM   252  S  SD  . MET A 1 35 ? -0.863  14.178  3.751   1.00 29.11 ? 345 MET A SD  1 
ATOM   253  C  CE  . MET A 1 35 ? 0.709   13.343  3.722   1.00 30.47 ? 345 MET A CE  1 
ATOM   254  N  N   . CYS A 1 36 ? -1.913  11.510  8.170   1.00 25.34 ? 346 CYS A N   1 
ATOM   255  C  CA  . CYS A 1 36 ? -1.966  10.795  9.436   1.00 24.99 ? 346 CYS A CA  1 
ATOM   256  C  C   . CYS A 1 36 ? -0.666  10.991  10.202  1.00 27.68 ? 346 CYS A C   1 
ATOM   257  O  O   . CYS A 1 36 ? 0.428   10.814  9.656   1.00 26.72 ? 346 CYS A O   1 
ATOM   258  C  CB  . CYS A 1 36 ? -2.238  9.310   9.240   1.00 25.36 ? 346 CYS A CB  1 
ATOM   259  S  SG  . CYS A 1 36 ? -2.270  8.390   10.789  1.00 25.76 ? 346 CYS A SG  1 
ATOM   260  N  N   . ASP A 1 37 ? -0.803  11.376  11.464  1.00 27.21 ? 347 ASP A N   1 
ATOM   261  C  CA  . ASP A 1 37 ? 0.349   11.662  12.289  1.00 30.39 ? 347 ASP A CA  1 
ATOM   262  C  C   . ASP A 1 37 ? 1.010   10.403  12.843  1.00 32.82 ? 347 ASP A C   1 
ATOM   263  O  O   . ASP A 1 37 ? 1.995   10.493  13.585  1.00 34.01 ? 347 ASP A O   1 
ATOM   264  C  CB  . ASP A 1 37 ? -0.029  12.648  13.399  1.00 29.33 ? 347 ASP A CB  1 
ATOM   265  C  CG  . ASP A 1 37 ? -0.139  14.061  12.885  1.00 31.36 ? 347 ASP A CG  1 
ATOM   266  O  OD1 . ASP A 1 37 ? 0.809   14.495  12.209  1.00 32.67 ? 347 ASP A OD1 1 
ATOM   267  O  OD2 . ASP A 1 37 ? -1.167  14.733  13.129  1.00 29.29 ? 347 ASP A OD2 1 
ATOM   268  N  N   . GLU A 1 38 ? 0.478   9.235   12.488  1.00 31.71 ? 348 GLU A N   1 
ATOM   269  C  CA  . GLU A 1 38 ? 1.192   7.991   12.748  1.00 30.66 ? 348 GLU A CA  1 
ATOM   270  C  C   . GLU A 1 38 ? 1.824   7.392   11.483  1.00 33.47 ? 348 GLU A C   1 
ATOM   271  O  O   . GLU A 1 38 ? 3.029   7.163   11.459  1.00 35.96 ? 348 GLU A O   1 
ATOM   272  C  CB  . GLU A 1 38 ? 0.345   6.956   13.505  1.00 34.72 ? 348 GLU A CB  1 
ATOM   273  C  CG  . GLU A 1 38 ? 1.198   5.768   13.966  1.00 39.27 ? 348 GLU A CG  1 
ATOM   274  C  CD  . GLU A 1 38 ? 0.417   4.649   14.627  1.00 41.97 ? 348 GLU A CD  1 
ATOM   275  O  OE1 . GLU A 1 38 ? -0.487  4.923   15.453  1.00 40.30 ? 348 GLU A OE1 1 
ATOM   276  O  OE2 . GLU A 1 38 ? 0.732   3.475   14.321  1.00 45.88 ? 348 GLU A OE2 1 
ATOM   277  N  N   . CYS A 1 39 ? 1.039   7.164   10.429  1.00 29.46 ? 349 CYS A N   1 
ATOM   278  C  CA  . CYS A 1 39 ? 1.547   6.451   9.246   1.00 30.96 ? 349 CYS A CA  1 
ATOM   279  C  C   . CYS A 1 39 ? 1.909   7.354   8.073   1.00 28.81 ? 349 CYS A C   1 
ATOM   280  O  O   . CYS A 1 39 ? 2.491   6.896   7.084   1.00 29.02 ? 349 CYS A O   1 
ATOM   281  C  CB  . CYS A 1 39 ? 0.541   5.393   8.782   1.00 34.44 ? 349 CYS A CB  1 
ATOM   282  S  SG  . CYS A 1 39 ? -0.987  6.112   8.099   1.00 29.59 ? 349 CYS A SG  1 
ATOM   283  N  N   . ASP A 1 40 ? 1.576   8.636   8.199   1.00 27.20 ? 350 ASP A N   1 
ATOM   284  C  CA  . ASP A 1 40 ? 1.800   9.652   7.162   1.00 29.04 ? 350 ASP A CA  1 
ATOM   285  C  C   . ASP A 1 40 ? 1.126   9.387   5.819   1.00 30.60 ? 350 ASP A C   1 
ATOM   286  O  O   . ASP A 1 40 ? 1.595   9.872   4.783   1.00 30.91 ? 350 ASP A O   1 
ATOM   287  C  CB  . ASP A 1 40 ? 3.292   9.931   6.926   1.00 30.46 ? 350 ASP A CB  1 
ATOM   288  C  CG  . ASP A 1 40 ? 3.549   11.377  6.504   1.00 37.81 ? 350 ASP A CG  1 
ATOM   289  O  OD1 . ASP A 1 40 ? 2.701   12.248  6.824   1.00 35.33 ? 350 ASP A OD1 1 
ATOM   290  O  OD2 . ASP A 1 40 ? 4.586   11.653  5.857   1.00 40.29 ? 350 ASP A OD2 1 
ATOM   291  N  N   . MET A 1 41 ? 0.040   8.625   5.822   1.00 29.74 ? 351 MET A N   1 
ATOM   292  C  CA  . MET A 1 41 ? -0.761  8.492   4.612   1.00 29.63 ? 351 MET A CA  1 
ATOM   293  C  C   . MET A 1 41 ? -1.771  9.642   4.549   1.00 25.64 ? 351 MET A C   1 
ATOM   294  O  O   . MET A 1 41 ? -2.107  10.258  5.577   1.00 24.24 ? 351 MET A O   1 
ATOM   295  C  CB  . MET A 1 41 ? -1.475  7.140   4.547   1.00 28.19 ? 351 MET A CB  1 
ATOM   296  C  CG  . MET A 1 41 ? -0.566  5.923   4.359   1.00 31.15 ? 351 MET A CG  1 
ATOM   297  S  SD  . MET A 1 41 ? 0.211   5.881   2.736   1.00 35.37 ? 351 MET A SD  1 
ATOM   298  C  CE  . MET A 1 41 ? 0.955   4.241   2.751   1.00 40.37 ? 351 MET A CE  1 
ATOM   299  N  N   . ALA A 1 42 ? -2.211  9.944   3.329   1.00 23.88 ? 352 ALA A N   1 
ATOM   300  C  CA  . ALA A 1 42 ? -3.152  11.040  3.060   1.00 22.81 ? 352 ALA A CA  1 
ATOM   301  C  C   . ALA A 1 42 ? -4.569  10.501  2.937   1.00 22.93 ? 352 ALA A C   1 
ATOM   302  O  O   . ALA A 1 42 ? -4.774  9.405   2.405   1.00 22.06 ? 352 ALA A O   1 
ATOM   303  C  CB  . ALA A 1 42 ? -2.761  11.772  1.782   1.00 23.06 ? 352 ALA A CB  1 
ATOM   304  N  N   . PHE A 1 43 ? -5.540  11.266  3.434   1.00 21.08 ? 353 PHE A N   1 
ATOM   305  C  CA  . PHE A 1 43 ? -6.953  10.887  3.357   1.00 20.64 ? 353 PHE A CA  1 
ATOM   306  C  C   . PHE A 1 43 ? -7.820  12.096  3.066   1.00 20.83 ? 353 PHE A C   1 
ATOM   307  O  O   . PHE A 1 43 ? -7.836  13.030  3.870   1.00 22.12 ? 353 PHE A O   1 
ATOM   308  C  CB  . PHE A 1 43 ? -7.419  10.301  4.703   1.00 21.17 ? 353 PHE A CB  1 
ATOM   309  C  CG  . PHE A 1 43 ? -6.681  9.059   5.120   1.00 23.07 ? 353 PHE A CG  1 
ATOM   310  C  CD1 . PHE A 1 43 ? -5.417  9.142   5.683   1.00 23.75 ? 353 PHE A CD1 1 
ATOM   311  C  CD2 . PHE A 1 43 ? -7.256  7.814   4.956   1.00 24.29 ? 353 PHE A CD2 1 
ATOM   312  C  CE1 . PHE A 1 43 ? -4.735  8.007   6.059   1.00 24.98 ? 353 PHE A CE1 1 
ATOM   313  C  CE2 . PHE A 1 43 ? -6.584  6.671   5.340   1.00 25.50 ? 353 PHE A CE2 1 
ATOM   314  C  CZ  . PHE A 1 43 ? -5.316  6.771   5.895   1.00 25.18 ? 353 PHE A CZ  1 
ATOM   315  N  N   . HIS A 1 44 ? -8.571  12.102  1.957   1.00 19.57 ? 354 HIS A N   1 
ATOM   316  C  CA  . HIS A 1 44 ? -9.562  13.163  1.768   1.00 18.68 ? 354 HIS A CA  1 
ATOM   317  C  C   . HIS A 1 44 ? -10.534 13.184  2.927   1.00 20.11 ? 354 HIS A C   1 
ATOM   318  O  O   . HIS A 1 44 ? -11.007 12.124  3.367   1.00 19.46 ? 354 HIS A O   1 
ATOM   319  C  CB  . HIS A 1 44 ? -10.404 12.972  0.501   1.00 19.95 ? 354 HIS A CB  1 
ATOM   320  C  CG  . HIS A 1 44 ? -9.658  13.174  -0.784  1.00 19.92 ? 354 HIS A CG  1 
ATOM   321  N  ND1 . HIS A 1 44 ? -9.503  12.168  -1.713  1.00 19.38 ? 354 HIS A ND1 1 
ATOM   322  C  CD2 . HIS A 1 44 ? -9.072  14.273  -1.320  1.00 21.39 ? 354 HIS A CD2 1 
ATOM   323  C  CE1 . HIS A 1 44 ? -8.816  12.625  -2.749  1.00 21.89 ? 354 HIS A CE1 1 
ATOM   324  N  NE2 . HIS A 1 44 ? -8.563  13.906  -2.544  1.00 21.63 ? 354 HIS A NE2 1 
ATOM   325  N  N   . ILE A 1 45 ? -10.896 14.375  3.400   1.00 18.64 ? 355 ILE A N   1 
ATOM   326  C  CA  . ILE A 1 45 ? -11.848 14.450  4.516   1.00 19.01 ? 355 ILE A CA  1 
ATOM   327  C  C   . ILE A 1 45 ? -13.141 13.761  4.105   1.00 18.58 ? 355 ILE A C   1 
ATOM   328  O  O   . ILE A 1 45 ? -13.829 13.164  4.947   1.00 18.58 ? 355 ILE A O   1 
ATOM   329  C  CB  . ILE A 1 45 ? -12.170 15.896  4.958   1.00 21.58 ? 355 ILE A CB  1 
ATOM   330  C  CG1 . ILE A 1 45 ? -12.583 16.751  3.768   1.00 21.51 ? 355 ILE A CG1 1 
ATOM   331  C  CG2 . ILE A 1 45 ? -10.966 16.510  5.678   1.00 19.96 ? 355 ILE A CG2 1 
ATOM   332  C  CD1 . ILE A 1 45 ? -12.909 18.202  4.177   1.00 24.30 ? 355 ILE A CD1 1 
ATOM   333  N  N   . TYR A 1 46 ? -13.459 13.865  2.816   1.00 18.77 ? 356 TYR A N   1 
ATOM   334  C  CA  . TYR A 1 46 ? -14.716 13.339  2.305   1.00 21.44 ? 356 TYR A CA  1 
ATOM   335  C  C   . TYR A 1 46 ? -14.697 11.848  1.972   1.00 20.01 ? 356 TYR A C   1 
ATOM   336  O  O   . TYR A 1 46 ? -15.740 11.282  1.617   1.00 21.81 ? 356 TYR A O   1 
ATOM   337  C  CB  . TYR A 1 46 ? -15.223 14.176  1.129   1.00 20.45 ? 356 TYR A CB  1 
ATOM   338  C  CG  . TYR A 1 46 ? -14.216 14.471  0.015   1.00 19.01 ? 356 TYR A CG  1 
ATOM   339  C  CD1 . TYR A 1 46 ? -13.722 13.464  -0.787  1.00 20.47 ? 356 TYR A CD1 1 
ATOM   340  C  CD2 . TYR A 1 46 ? -13.807 15.782  -0.250  1.00 20.78 ? 356 TYR A CD2 1 
ATOM   341  C  CE1 . TYR A 1 46 ? -12.836 13.741  -1.842  1.00 21.31 ? 356 TYR A CE1 1 
ATOM   342  C  CE2 . TYR A 1 46 ? -12.916 16.070  -1.284  1.00 21.01 ? 356 TYR A CE2 1 
ATOM   343  C  CZ  . TYR A 1 46 ? -12.441 15.043  -2.079  1.00 21.56 ? 356 TYR A CZ  1 
ATOM   344  O  OH  . TYR A 1 46 ? -11.575 15.317  -3.114  1.00 20.05 ? 356 TYR A OH  1 
ATOM   345  N  N   . CYS A 1 47 ? -13.541 11.204  2.101   1.00 19.56 ? 357 CYS A N   1 
ATOM   346  C  CA  . CYS A 1 47 ? -13.444 9.757   1.877   1.00 20.69 ? 357 CYS A CA  1 
ATOM   347  C  C   . CYS A 1 47 ? -13.527 8.982   3.177   1.00 19.77 ? 357 CYS A C   1 
ATOM   348  O  O   . CYS A 1 47 ? -13.779 7.765   3.184   1.00 22.47 ? 357 CYS A O   1 
ATOM   349  C  CB  . CYS A 1 47 ? -12.156 9.398   1.138   1.00 22.29 ? 357 CYS A CB  1 
ATOM   350  S  SG  . CYS A 1 47 ? -12.222 9.892   -0.594  1.00 20.56 ? 357 CYS A SG  1 
ATOM   351  N  N   . LEU A 1 48 ? -13.309 9.680   4.282   1.00 19.53 ? 358 LEU A N   1 
ATOM   352  C  CA  . LEU A 1 48 ? -13.338 9.043   5.601   1.00 18.28 ? 358 LEU A CA  1 
ATOM   353  C  C   . LEU A 1 48 ? -14.750 8.574   5.916   1.00 21.50 ? 358 LEU A C   1 
ATOM   354  O  O   . LEU A 1 48 ? -15.710 9.058   5.319   1.00 19.95 ? 358 LEU A O   1 
ATOM   355  C  CB  . LEU A 1 48 ? -12.886 10.041  6.668   1.00 20.49 ? 358 LEU A CB  1 
ATOM   356  C  CG  . LEU A 1 48 ? -11.429 10.472  6.510   1.00 18.56 ? 358 LEU A CG  1 
ATOM   357  C  CD1 . LEU A 1 48 ? -11.179 11.687  7.414   1.00 20.20 ? 358 LEU A CD1 1 
ATOM   358  C  CD2 . LEU A 1 48 ? -10.506 9.338   6.905   1.00 21.58 ? 358 LEU A CD2 1 
ATOM   359  N  N   . ASP A 1 49 ? -14.863 7.635   6.860   1.00 22.36 ? 359 ASP A N   1 
ATOM   360  C  CA  . ASP A 1 49 ? -16.165 7.135   7.321   1.00 26.64 ? 359 ASP A CA  1 
ATOM   361  C  C   . ASP A 1 49 ? -16.139 7.206   8.837   1.00 24.38 ? 359 ASP A C   1 
ATOM   362  O  O   . ASP A 1 49 ? -15.528 6.350   9.496   1.00 23.96 ? 359 ASP A O   1 
ATOM   363  C  CB  . ASP A 1 49 ? -16.358 5.680   6.872   1.00 28.75 ? 359 ASP A CB  1 
ATOM   364  C  CG  . ASP A 1 49 ? -17.719 5.117   7.256   1.00 33.78 ? 359 ASP A CG  1 
ATOM   365  O  OD1 . ASP A 1 49 ? -18.515 5.805   7.937   1.00 28.77 ? 359 ASP A OD1 1 
ATOM   366  O  OD2 . ASP A 1 49 ? -17.990 3.970   6.859   1.00 38.52 ? 359 ASP A OD2 1 
ATOM   367  N  N   . PRO A 1 50 ? -16.793 8.228   9.409   1.00 24.55 ? 360 PRO A N   1 
ATOM   368  C  CA  . PRO A 1 50 ? -17.658 9.195   8.729   1.00 22.52 ? 360 PRO A CA  1 
ATOM   369  C  C   . PRO A 1 50 ? -16.862 10.274  8.015   1.00 20.43 ? 360 PRO A C   1 
ATOM   370  O  O   . PRO A 1 50 ? -15.774 10.636  8.462   1.00 21.44 ? 360 PRO A O   1 
ATOM   371  C  CB  . PRO A 1 50 ? -18.406 9.854   9.886   1.00 22.98 ? 360 PRO A CB  1 
ATOM   372  C  CG  . PRO A 1 50 ? -17.381 9.810   11.025  1.00 24.10 ? 360 PRO A CG  1 
ATOM   373  C  CD  . PRO A 1 50 ? -16.755 8.446   10.865  1.00 26.66 ? 360 PRO A CD  1 
ATOM   374  N  N   . PRO A 1 51 ? -17.427 10.821  6.942   1.00 22.31 ? 361 PRO A N   1 
ATOM   375  C  CA  . PRO A 1 51 ? -16.739 11.888  6.218   1.00 20.39 ? 361 PRO A CA  1 
ATOM   376  C  C   . PRO A 1 51 ? -16.832 13.191  7.012   1.00 22.85 ? 361 PRO A C   1 
ATOM   377  O  O   . PRO A 1 51 ? -17.840 13.420  7.673   1.00 21.17 ? 361 PRO A O   1 
ATOM   378  C  CB  . PRO A 1 51 ? -17.522 11.999  4.913   1.00 23.09 ? 361 PRO A CB  1 
ATOM   379  C  CG  . PRO A 1 51 ? -18.875 11.398  5.210   1.00 22.95 ? 361 PRO A CG  1 
ATOM   380  C  CD  . PRO A 1 51 ? -18.705 10.423  6.320   1.00 22.16 ? 361 PRO A CD  1 
ATOM   381  N  N   . LEU A 1 52 ? -15.789 14.016  6.961   1.00 20.58 ? 362 LEU A N   1 
ATOM   382  C  CA  . LEU A 1 52 ? -15.774 15.281  7.711   1.00 19.43 ? 362 LEU A CA  1 
ATOM   383  C  C   . LEU A 1 52 ? -16.064 16.429  6.758   1.00 22.11 ? 362 LEU A C   1 
ATOM   384  O  O   . LEU A 1 52 ? -15.565 16.417  5.638   1.00 20.60 ? 362 LEU A O   1 
ATOM   385  C  CB  . LEU A 1 52 ? -14.400 15.499  8.348   1.00 21.77 ? 362 LEU A CB  1 
ATOM   386  C  CG  . LEU A 1 52 ? -13.806 14.410  9.233   1.00 23.98 ? 362 LEU A CG  1 
ATOM   387  C  CD1 . LEU A 1 52 ? -12.453 14.849  9.791   1.00 24.81 ? 362 LEU A CD1 1 
ATOM   388  C  CD2 . LEU A 1 52 ? -14.743 14.019  10.365  1.00 26.39 ? 362 LEU A CD2 1 
ATOM   389  N  N   . SER A 1 53 ? -16.869 17.410  7.188   1.00 20.39 ? 363 SER A N   1 
ATOM   390  C  CA  . SER A 1 53 ? -17.219 18.552  6.331   1.00 24.34 ? 363 SER A CA  1 
ATOM   391  C  C   . SER A 1 53 ? -16.099 19.576  6.269   1.00 25.11 ? 363 SER A C   1 
ATOM   392  O  O   . SER A 1 53 ? -16.116 20.461  5.407   1.00 27.62 ? 363 SER A O   1 
ATOM   393  C  CB  . SER A 1 53 ? -18.473 19.284  6.839   1.00 25.85 ? 363 SER A CB  1 
ATOM   394  O  OG  . SER A 1 53 ? -19.547 18.404  7.058   1.00 28.04 ? 363 SER A OG  1 
ATOM   395  N  N   . SER A 1 54 ? -15.153 19.500  7.202   1.00 24.17 ? 364 SER A N   1 
ATOM   396  C  CA  . SER A 1 54 ? -13.995 20.387  7.162   1.00 24.87 ? 364 SER A CA  1 
ATOM   397  C  C   . SER A 1 54 ? -12.769 19.804  7.865   1.00 25.76 ? 364 SER A C   1 
ATOM   398  O  O   . SER A 1 54 ? -12.865 18.810  8.583   1.00 24.05 ? 364 SER A O   1 
ATOM   399  C  CB  . SER A 1 54 ? -14.347 21.771  7.716   1.00 31.55 ? 364 SER A CB  1 
ATOM   400  O  OG  . SER A 1 54 ? -14.886 21.667  9.014   1.00 28.98 ? 364 SER A OG  1 
ATOM   401  N  N   . VAL A 1 55 ? -11.606 20.417  7.628   1.00 25.38 ? 365 VAL A N   1 
ATOM   402  C  CA  . VAL A 1 55 ? -10.359 19.955  8.235   1.00 24.94 ? 365 VAL A CA  1 
ATOM   403  C  C   . VAL A 1 55 ? -10.377 20.206  9.741   1.00 28.51 ? 365 VAL A C   1 
ATOM   404  O  O   . VAL A 1 55 ? -10.680 21.312  10.164  1.00 28.06 ? 365 VAL A O   1 
ATOM   405  C  CB  . VAL A 1 55 ? -9.155  20.682  7.600   1.00 29.18 ? 365 VAL A CB  1 
ATOM   406  C  CG1 . VAL A 1 55 ? -7.871  20.326  8.316   1.00 27.98 ? 365 VAL A CG1 1 
ATOM   407  C  CG2 . VAL A 1 55 ? -9.061  20.358  6.101   1.00 29.56 ? 365 VAL A CG2 1 
ATOM   408  N  N   . PRO A 1 56 ? -10.075 19.179  10.555  1.00 25.21 ? 366 PRO A N   1 
ATOM   409  C  CA  . PRO A 1 56 ? -10.069 19.335  12.018  1.00 27.92 ? 366 PRO A CA  1 
ATOM   410  C  C   . PRO A 1 56 ? -9.094  20.424  12.479  1.00 29.61 ? 366 PRO A C   1 
ATOM   411  O  O   . PRO A 1 56 ? -8.061  20.603  11.851  1.00 30.88 ? 366 PRO A O   1 
ATOM   412  C  CB  . PRO A 1 56 ? -9.566  17.986  12.517  1.00 28.73 ? 366 PRO A CB  1 
ATOM   413  C  CG  . PRO A 1 56 ? -9.888  17.022  11.405  1.00 30.92 ? 366 PRO A CG  1 
ATOM   414  C  CD  . PRO A 1 56 ? -9.771  17.794  10.142  1.00 26.03 ? 366 PRO A CD  1 
ATOM   415  N  N   . SER A 1 57 ? -9.423  21.103  13.575  1.00 29.12 ? 367 SER A N   1 
ATOM   416  C  CA  . SER A 1 57 ? -8.585  22.169  14.120  1.00 35.12 ? 367 SER A CA  1 
ATOM   417  C  C   . SER A 1 57 ? -7.444  21.638  14.975  1.00 33.36 ? 367 SER A C   1 
ATOM   418  O  O   . SER A 1 57 ? -6.459  22.337  15.182  1.00 34.61 ? 367 SER A O   1 
ATOM   419  C  CB  . SER A 1 57 ? -9.427  23.108  14.996  1.00 36.04 ? 367 SER A CB  1 
ATOM   420  O  OG  . SER A 1 57 ? -10.382 23.816  14.224  1.00 43.18 ? 367 SER A OG  1 
ATOM   421  N  N   . GLU A 1 58 ? -7.586  20.427  15.514  1.00 32.24 ? 368 GLU A N   1 
ATOM   422  C  CA  . GLU A 1 58 ? -6.611  19.968  16.499  1.00 34.11 ? 368 GLU A CA  1 
ATOM   423  C  C   . GLU A 1 58 ? -5.272  19.651  15.864  1.00 34.95 ? 368 GLU A C   1 
ATOM   424  O  O   . GLU A 1 58 ? -5.198  19.317  14.676  1.00 30.25 ? 368 GLU A O   1 
ATOM   425  C  CB  . GLU A 1 58 ? -7.122  18.789  17.341  1.00 35.84 ? 368 GLU A CB  1 
ATOM   426  C  CG  . GLU A 1 58 ? -8.204  17.957  16.696  1.00 41.64 ? 368 GLU A CG  1 
ATOM   427  C  CD  . GLU A 1 58 ? -9.585  18.582  16.822  1.00 40.72 ? 368 GLU A CD  1 
ATOM   428  O  OE1 . GLU A 1 58 ? -9.889  19.216  17.856  1.00 45.12 ? 368 GLU A OE1 1 
ATOM   429  O  OE2 . GLU A 1 58 ? -10.376 18.426  15.876  1.00 43.02 ? 368 GLU A OE2 1 
ATOM   430  N  N   . ASP A 1 59 ? -4.224  19.755  16.674  1.00 31.90 ? 369 ASP A N   1 
ATOM   431  C  CA  . ASP A 1 59 ? -2.847  19.624  16.215  1.00 33.25 ? 369 ASP A CA  1 
ATOM   432  C  C   . ASP A 1 59 ? -2.643  18.363  15.418  1.00 31.81 ? 369 ASP A C   1 
ATOM   433  O  O   . ASP A 1 59 ? -2.127  18.395  14.286  1.00 33.53 ? 369 ASP A O   1 
ATOM   434  C  CB  . ASP A 1 59 ? -1.904  19.562  17.413  1.00 34.07 ? 369 ASP A CB  1 
ATOM   435  C  CG  . ASP A 1 59 ? -1.686  20.900  18.041  1.00 40.48 ? 369 ASP A CG  1 
ATOM   436  O  OD1 . ASP A 1 59 ? -1.706  21.891  17.291  1.00 40.50 ? 369 ASP A OD1 1 
ATOM   437  O  OD2 . ASP A 1 59 ? -1.486  20.957  19.274  1.00 42.57 ? 369 ASP A OD2 1 
ATOM   438  N  N   . GLU A 1 60 ? -3.012  17.243  16.032  1.00 31.84 ? 370 GLU A N   1 
ATOM   439  C  CA  . GLU A 1 60 ? -2.742  15.941  15.438  1.00 30.52 ? 370 GLU A CA  1 
ATOM   440  C  C   . GLU A 1 60 ? -4.006  15.248  14.993  1.00 29.27 ? 370 GLU A C   1 
ATOM   441  O  O   . GLU A 1 60 ? -5.090  15.454  15.538  1.00 27.02 ? 370 GLU A O   1 
ATOM   442  C  CB  . GLU A 1 60 ? -2.035  15.023  16.419  1.00 34.45 ? 370 GLU A CB  1 
ATOM   443  C  CG  . GLU A 1 60 ? -0.816  15.604  17.065  1.00 38.31 ? 370 GLU A CG  1 
ATOM   444  C  CD  . GLU A 1 60 ? -0.963  15.574  18.560  1.00 44.28 ? 370 GLU A CD  1 
ATOM   445  O  OE1 . GLU A 1 60 ? -0.897  16.658  19.165  1.00 48.92 ? 370 GLU A OE1 1 
ATOM   446  O  OE2 . GLU A 1 60 ? -1.189  14.474  19.120  1.00 48.63 ? 370 GLU A OE2 1 
ATOM   447  N  N   . TRP A 1 61 ? -3.842  14.402  13.994  1.00 29.37 ? 371 TRP A N   1 
ATOM   448  C  CA  . TRP A 1 61 ? -4.955  13.651  13.466  1.00 28.58 ? 371 TRP A CA  1 
ATOM   449  C  C   . TRP A 1 61 ? -4.462  12.254  13.153  1.00 26.46 ? 371 TRP A C   1 
ATOM   450  O  O   . TRP A 1 61 ? -3.365  12.074  12.626  1.00 27.25 ? 371 TRP A O   1 
ATOM   451  C  CB  . TRP A 1 61 ? -5.511  14.335  12.219  1.00 27.08 ? 371 TRP A CB  1 
ATOM   452  C  CG  . TRP A 1 61 ? -6.598  13.552  11.618  1.00 25.32 ? 371 TRP A CG  1 
ATOM   453  C  CD1 . TRP A 1 61 ? -7.910  13.545  11.994  1.00 24.65 ? 371 TRP A CD1 1 
ATOM   454  C  CD2 . TRP A 1 61 ? -6.474  12.625  10.547  1.00 24.23 ? 371 TRP A CD2 1 
ATOM   455  N  NE1 . TRP A 1 61 ? -8.619  12.659  11.215  1.00 25.71 ? 371 TRP A NE1 1 
ATOM   456  C  CE2 . TRP A 1 61 ? -7.757  12.089  10.309  1.00 24.30 ? 371 TRP A CE2 1 
ATOM   457  C  CE3 . TRP A 1 61 ? -5.400  12.191  9.767   1.00 23.11 ? 371 TRP A CE3 1 
ATOM   458  C  CZ2 . TRP A 1 61 ? -7.992  11.146  9.324   1.00 22.08 ? 371 TRP A CZ2 1 
ATOM   459  C  CZ3 . TRP A 1 61 ? -5.637  11.273  8.781   1.00 23.38 ? 371 TRP A CZ3 1 
ATOM   460  C  CH2 . TRP A 1 61 ? -6.920  10.742  8.575   1.00 23.87 ? 371 TRP A CH2 1 
ATOM   461  N  N   . TYR A 1 62 ? -5.274  11.266  13.515  1.00 27.21 ? 372 TYR A N   1 
ATOM   462  C  CA  . TYR A 1 62 ? -4.950  9.862   13.277  1.00 28.02 ? 372 TYR A CA  1 
ATOM   463  C  C   . TYR A 1 62 ? -6.026  9.191   12.436  1.00 26.37 ? 372 TYR A C   1 
ATOM   464  O  O   . TYR A 1 62 ? -7.229  9.351   12.687  1.00 25.27 ? 372 TYR A O   1 
ATOM   465  C  CB  . TYR A 1 62 ? -4.741  9.140   14.607  1.00 29.07 ? 372 TYR A CB  1 
ATOM   466  C  CG  . TYR A 1 62 ? -3.614  9.788   15.358  1.00 30.59 ? 372 TYR A CG  1 
ATOM   467  C  CD1 . TYR A 1 62 ? -2.296  9.526   15.013  1.00 29.97 ? 372 TYR A CD1 1 
ATOM   468  C  CD2 . TYR A 1 62 ? -3.861  10.724  16.355  1.00 33.37 ? 372 TYR A CD2 1 
ATOM   469  C  CE1 . TYR A 1 62 ? -1.242  10.150  15.667  1.00 33.41 ? 372 TYR A CE1 1 
ATOM   470  C  CE2 . TYR A 1 62 ? -2.812  11.353  17.023  1.00 33.67 ? 372 TYR A CE2 1 
ATOM   471  C  CZ  . TYR A 1 62 ? -1.504  11.053  16.673  1.00 34.25 ? 372 TYR A CZ  1 
ATOM   472  O  OH  . TYR A 1 62 ? -0.446  11.664  17.320  1.00 36.27 ? 372 TYR A OH  1 
ATOM   473  N  N   . CYS A 1 63 ? -5.566  8.452   11.435  1.00 25.82 ? 373 CYS A N   1 
ATOM   474  C  CA  . CYS A 1 63 ? -6.432  7.845   10.438  1.00 25.76 ? 373 CYS A CA  1 
ATOM   475  C  C   . CYS A 1 63 ? -7.166  6.625   10.993  1.00 28.87 ? 373 CYS A C   1 
ATOM   476  O  O   . CYS A 1 63 ? -6.925  6.203   12.123  1.00 28.55 ? 373 CYS A O   1 
ATOM   477  C  CB  . CYS A 1 63 ? -5.610  7.473   9.198   1.00 26.45 ? 373 CYS A CB  1 
ATOM   478  S  SG  . CYS A 1 63 ? -4.736  5.889   9.303   1.00 25.76 ? 373 CYS A SG  1 
ATOM   479  N  N   . PRO A 1 64 ? -8.103  6.078   10.214  1.00 26.66 ? 374 PRO A N   1 
ATOM   480  C  CA  . PRO A 1 64 ? -8.877  4.935   10.717  1.00 29.34 ? 374 PRO A CA  1 
ATOM   481  C  C   . PRO A 1 64 ? -8.001  3.721   11.020  1.00 27.62 ? 374 PRO A C   1 
ATOM   482  O  O   . PRO A 1 64 ? -8.383  2.887   11.828  1.00 28.95 ? 374 PRO A O   1 
ATOM   483  C  CB  . PRO A 1 64 ? -9.821  4.615   9.558   1.00 29.11 ? 374 PRO A CB  1 
ATOM   484  C  CG  . PRO A 1 64 ? -9.956  5.896   8.813   1.00 32.69 ? 374 PRO A CG  1 
ATOM   485  C  CD  . PRO A 1 64 ? -8.635  6.596   8.942   1.00 28.37 ? 374 PRO A CD  1 
ATOM   486  N  N   . GLU A 1 65 ? -6.848  3.613   10.376  1.00 27.13 ? 375 GLU A N   1 
ATOM   487  C  CA  . GLU A 1 65 ? -5.982  2.458   10.592  1.00 29.16 ? 375 GLU A CA  1 
ATOM   488  C  C   . GLU A 1 65 ? -5.139  2.597   11.849  1.00 31.55 ? 375 GLU A C   1 
ATOM   489  O  O   . GLU A 1 65 ? -4.668  1.605   12.410  1.00 32.50 ? 375 GLU A O   1 
ATOM   490  C  CB  . GLU A 1 65 ? -5.069  2.252   9.386   1.00 30.17 ? 375 GLU A CB  1 
ATOM   491  C  CG  . GLU A 1 65 ? -5.835  2.042   8.109   1.00 27.63 ? 375 GLU A CG  1 
ATOM   492  C  CD  . GLU A 1 65 ? -4.922  1.793   6.923   1.00 29.91 ? 375 GLU A CD  1 
ATOM   493  O  OE1 . GLU A 1 65 ? -3.692  1.916   7.075   1.00 30.96 ? 375 GLU A OE1 1 
ATOM   494  O  OE2 . GLU A 1 65 ? -5.453  1.499   5.844   1.00 30.84 ? 375 GLU A OE2 1 
ATOM   495  N  N   . CYS A 1 66 ? -4.946  3.834   12.287  1.00 31.55 ? 376 CYS A N   1 
ATOM   496  C  CA  . CYS A 1 66 ? -4.003  4.112   13.366  1.00 31.89 ? 376 CYS A CA  1 
ATOM   497  C  C   . CYS A 1 66 ? -4.683  4.571   14.645  1.00 32.76 ? 376 CYS A C   1 
ATOM   498  O  O   . CYS A 1 66 ? -4.121  4.415   15.719  1.00 35.86 ? 376 CYS A O   1 
ATOM   499  C  CB  . CYS A 1 66 ? -2.974  5.157   12.925  1.00 30.45 ? 376 CYS A CB  1 
ATOM   500  S  SG  . CYS A 1 66 ? -1.912  4.647   11.556  1.00 30.89 ? 376 CYS A SG  1 
ATOM   501  N  N   . ARG A 1 67 ? -5.886  5.128   14.525  1.00 31.01 ? 377 ARG A N   1 
ATOM   502  C  CA  . ARG A 1 67 ? -6.591  5.712   15.674  1.00 34.59 ? 377 ARG A CA  1 
ATOM   503  C  C   . ARG A 1 67 ? -6.934  4.655   16.732  1.00 38.10 ? 377 ARG A C   1 
ATOM   504  O  O   . ARG A 1 67 ? -7.295  3.527   16.396  1.00 35.35 ? 377 ARG A O   1 
ATOM   505  C  CB  . ARG A 1 67 ? -7.879  6.401   15.206  1.00 34.19 ? 377 ARG A CB  1 
ATOM   506  C  CG  . ARG A 1 67 ? -8.614  7.188   16.283  1.00 40.03 ? 377 ARG A CG  1 
ATOM   507  C  CD  . ARG A 1 67 ? -9.723  8.072   15.692  1.00 39.69 ? 377 ARG A CD  1 
ATOM   508  N  NE  . ARG A 1 67 ? -10.436 8.862   16.704  1.00 42.17 ? 377 ARG A NE  1 
ATOM   509  C  CZ  . ARG A 1 67 ? -11.173 9.936   16.424  1.00 45.37 ? 377 ARG A CZ  1 
ATOM   510  N  NH1 . ARG A 1 67 ? -11.285 10.350  15.163  1.00 45.05 ? 377 ARG A NH1 1 
ATOM   511  N  NH2 . ARG A 1 67 ? -11.791 10.606  17.398  1.00 43.54 ? 377 ARG A NH2 1 
ATOM   512  N  N   . ASN A 1 68 ? -6.823  5.027   18.005  1.00 40.00 ? 378 ASN A N   1 
ATOM   513  C  CA  . ASN A 1 68 ? -7.246  4.156   19.099  1.00 39.70 ? 378 ASN A CA  1 
ATOM   514  C  C   . ASN A 1 68 ? -8.757  3.971   19.117  1.00 42.47 ? 378 ASN A C   1 
ATOM   515  O  O   . ASN A 1 68 ? -9.507  4.838   18.648  1.00 39.98 ? 378 ASN A O   1 
ATOM   516  C  CB  . ASN A 1 68 ? -6.833  4.750   20.446  1.00 40.44 ? 378 ASN A CB  1 
ATOM   517  C  CG  . ASN A 1 68 ? -5.339  4.951   20.569  1.00 43.21 ? 378 ASN A CG  1 
ATOM   518  O  OD1 . ASN A 1 68 ? -4.543  4.174   20.028  1.00 44.40 ? 378 ASN A OD1 1 
ATOM   519  N  ND2 . ASN A 1 68 ? -4.943  5.993   21.300  1.00 44.14 ? 378 ASN A ND2 1 
ATOM   520  N  N   . ASP A 1 69 ? -9.205  2.861   19.700  1.00 43.05 ? 379 ASP A N   1 
ATOM   521  C  CA  . ASP A 1 69 ? -10.636 2.615   19.878  1.00 42.67 ? 379 ASP A CA  1 
ATOM   522  C  C   . ASP A 1 69 ? -11.271 3.735   20.704  1.00 41.62 ? 379 ASP A C   1 
ATOM   523  O  O   . ASP A 1 69 ? -10.736 4.125   21.747  1.00 41.81 ? 379 ASP A O   1 
ATOM   524  C  CB  . ASP A 1 69 ? -10.877 1.261   20.561  1.00 44.29 ? 379 ASP A CB  1 
ATOM   525  C  CG  . ASP A 1 69 ? -10.262 0.097   19.795  1.00 52.57 ? 379 ASP A CG  1 
ATOM   526  O  OD1 . ASP A 1 69 ? -10.186 0.174   18.546  1.00 48.24 ? 379 ASP A OD1 1 
ATOM   527  O  OD2 . ASP A 1 69 ? -9.860  -0.898  20.447  1.00 54.66 ? 379 ASP A OD2 1 
ATOM   528  N  N   . ALA A 1 70 ? -12.405 4.250   20.236  1.00 40.95 ? 380 ALA A N   1 
ATOM   529  C  CA  . ALA A 1 70 ? -13.049 5.397   20.882  1.00 42.55 ? 380 ALA A CA  1 
ATOM   530  C  C   . ALA A 1 70 ? -13.846 4.977   22.110  1.00 41.69 ? 380 ALA A C   1 
ATOM   531  O  O   . ALA A 1 70 ? -14.120 5.796   22.995  1.00 39.90 ? 380 ALA A O   1 
ATOM   532  C  CB  . ALA A 1 70 ? -13.941 6.149   19.896  1.00 40.82 ? 380 ALA A CB  1 
ATOM   533  O  OXT . ALA A 1 70 ? -14.218 3.804   22.247  1.00 40.90 ? 380 ALA A OXT 1 
ATOM   534  N  N   . GLY B 1 2  ? -1.845  -6.742  19.093  1.00 51.92 ? 312 GLY B N   1 
ATOM   535  C  CA  . GLY B 1 2  ? -2.758  -6.452  18.001  1.00 45.15 ? 312 GLY B CA  1 
ATOM   536  C  C   . GLY B 1 2  ? -2.285  -7.059  16.693  1.00 47.73 ? 312 GLY B C   1 
ATOM   537  O  O   . GLY B 1 2  ? -1.292  -7.794  16.672  1.00 45.74 ? 312 GLY B O   1 
ATOM   538  N  N   . PRO B 1 3  ? -2.986  -6.748  15.587  1.00 47.70 ? 313 PRO B N   1 
ATOM   539  C  CA  . PRO B 1 3  ? -2.702  -7.369  14.286  1.00 43.24 ? 313 PRO B CA  1 
ATOM   540  C  C   . PRO B 1 3  ? -1.304  -7.052  13.780  1.00 42.54 ? 313 PRO B C   1 
ATOM   541  O  O   . PRO B 1 3  ? -0.684  -6.087  14.228  1.00 43.44 ? 313 PRO B O   1 
ATOM   542  C  CB  . PRO B 1 3  ? -3.756  -6.750  13.355  1.00 40.03 ? 313 PRO B CB  1 
ATOM   543  C  CG  . PRO B 1 3  ? -4.202  -5.495  14.044  1.00 42.26 ? 313 PRO B CG  1 
ATOM   544  C  CD  . PRO B 1 3  ? -4.117  -5.805  15.513  1.00 46.86 ? 313 PRO B CD  1 
ATOM   545  N  N   . SER B 1 4  ? -0.809  -7.876  12.862  1.00 41.90 ? 314 SER B N   1 
ATOM   546  C  CA  . SER B 1 4  ? 0.465   -7.612  12.212  1.00 38.95 ? 314 SER B CA  1 
ATOM   547  C  C   . SER B 1 4  ? 0.302   -6.509  11.157  1.00 39.36 ? 314 SER B C   1 
ATOM   548  O  O   . SER B 1 4  ? 1.217   -5.715  10.937  1.00 40.33 ? 314 SER B O   1 
ATOM   549  C  CB  . SER B 1 4  ? 1.011   -8.888  11.563  1.00 43.61 ? 314 SER B CB  1 
ATOM   550  O  OG  . SER B 1 4  ? 1.192   -9.924  12.517  1.00 46.30 ? 314 SER B OG  1 
ATOM   551  N  N   . CYS B 1 5  ? -0.864  -6.462  10.516  1.00 35.81 ? 315 CYS B N   1 
ATOM   552  C  CA  . CYS B 1 5  ? -1.103  -5.503  9.444   1.00 35.12 ? 315 CYS B CA  1 
ATOM   553  C  C   . CYS B 1 5  ? -2.271  -4.570  9.741   1.00 31.70 ? 315 CYS B C   1 
ATOM   554  O  O   . CYS B 1 5  ? -3.418  -5.002  9.841   1.00 28.88 ? 315 CYS B O   1 
ATOM   555  C  CB  . CYS B 1 5  ? -1.344  -6.218  8.113   1.00 31.80 ? 315 CYS B CB  1 
ATOM   556  S  SG  . CYS B 1 5  ? -1.484  -5.087  6.725   1.00 27.88 ? 315 CYS B SG  1 
ATOM   557  N  N   . LYS B 1 6  ? -1.970  -3.283  9.877   1.00 32.78 ? 316 LYS B N   1 
ATOM   558  C  CA  . LYS B 1 6  ? -2.999  -2.294  10.199  1.00 31.36 ? 316 LYS B CA  1 
ATOM   559  C  C   . LYS B 1 6  ? -3.930  -2.029  9.021   1.00 31.60 ? 316 LYS B C   1 
ATOM   560  O  O   . LYS B 1 6  ? -5.018  -1.487  9.198   1.00 31.42 ? 316 LYS B O   1 
ATOM   561  C  CB  . LYS B 1 6  ? -2.353  -0.983  10.660  1.00 34.57 ? 316 LYS B CB  1 
ATOM   562  C  CG  . LYS B 1 6  ? -1.606  -0.251  9.546   1.00 36.22 ? 316 LYS B CG  1 
ATOM   563  C  CD  . LYS B 1 6  ? -0.613  0.778   10.068  1.00 37.83 ? 316 LYS B CD  1 
ATOM   564  C  CE  . LYS B 1 6  ? 0.282   1.268   8.922   1.00 42.44 ? 316 LYS B CE  1 
ATOM   565  N  NZ  . LYS B 1 6  ? 1.592   1.831   9.385   1.00 49.01 ? 316 LYS B NZ  1 
ATOM   566  N  N   . HIS B 1 7  ? -3.513  -2.401  7.811   1.00 31.14 ? 317 HIS B N   1 
ATOM   567  C  CA  . HIS B 1 7  ? -4.359  -2.174  6.642   1.00 28.82 ? 317 HIS B CA  1 
ATOM   568  C  C   . HIS B 1 7  ? -5.544  -3.130  6.567   1.00 28.23 ? 317 HIS B C   1 
ATOM   569  O  O   . HIS B 1 7  ? -6.656  -2.705  6.296   1.00 29.87 ? 317 HIS B O   1 
ATOM   570  C  CB  . HIS B 1 7  ? -3.533  -2.232  5.345   1.00 29.35 ? 317 HIS B CB  1 
ATOM   571  C  CG  . HIS B 1 7  ? -2.361  -1.301  5.343   1.00 31.75 ? 317 HIS B CG  1 
ATOM   572  N  ND1 . HIS B 1 7  ? -2.423  -0.023  4.832   1.00 32.98 ? 317 HIS B ND1 1 
ATOM   573  C  CD2 . HIS B 1 7  ? -1.102  -1.451  5.821   1.00 33.77 ? 317 HIS B CD2 1 
ATOM   574  C  CE1 . HIS B 1 7  ? -1.249  0.569   4.978   1.00 32.85 ? 317 HIS B CE1 1 
ATOM   575  N  NE2 . HIS B 1 7  ? -0.431  -0.276  5.579   1.00 33.24 ? 317 HIS B NE2 1 
ATOM   576  N  N   . CYS B 1 8  ? -5.313  -4.417  6.826   1.00 27.73 ? 318 CYS B N   1 
ATOM   577  C  CA  . CYS B 1 8  ? -6.373  -5.425  6.684   1.00 29.32 ? 318 CYS B CA  1 
ATOM   578  C  C   . CYS B 1 8  ? -6.776  -6.020  8.028   1.00 30.49 ? 318 CYS B C   1 
ATOM   579  O  O   . CYS B 1 8  ? -7.727  -6.794  8.098   1.00 30.75 ? 318 CYS B O   1 
ATOM   580  C  CB  . CYS B 1 8  ? -5.925  -6.567  5.765   1.00 30.24 ? 318 CYS B CB  1 
ATOM   581  S  SG  . CYS B 1 8  ? -4.507  -7.486  6.425   1.00 27.68 ? 318 CYS B SG  1 
ATOM   582  N  N   . LYS B 1 9  ? -6.044  -5.656  9.077   1.00 32.03 ? 319 LYS B N   1 
ATOM   583  C  CA  . LYS B 1 9  ? -6.226  -6.245  10.409  1.00 34.28 ? 319 LYS B CA  1 
ATOM   584  C  C   . LYS B 1 9  ? -6.166  -7.776  10.397  1.00 34.93 ? 319 LYS B C   1 
ATOM   585  O  O   . LYS B 1 9  ? -6.874  -8.441  11.159  1.00 34.40 ? 319 LYS B O   1 
ATOM   586  C  CB  . LYS B 1 9  ? -7.544  -5.777  11.043  1.00 33.80 ? 319 LYS B CB  1 
ATOM   587  C  CG  . LYS B 1 9  ? -7.695  -4.273  11.149  1.00 34.69 ? 319 LYS B CG  1 
ATOM   588  C  CD  . LYS B 1 9  ? -8.977  -3.924  11.910  1.00 38.26 ? 319 LYS B CD  1 
ATOM   589  C  CE  . LYS B 1 9  ? -9.522  -2.539  11.549  1.00 44.03 ? 319 LYS B CE  1 
ATOM   590  N  NZ  . LYS B 1 9  ? -8.529  -1.443  11.724  1.00 44.07 ? 319 LYS B NZ  1 
ATOM   591  N  N   . ASP B 1 10 ? -5.320  -8.321  9.528   1.00 34.50 ? 320 ASP B N   1 
ATOM   592  C  CA  . ASP B 1 10 ? -5.079  -9.765  9.445   1.00 35.97 ? 320 ASP B CA  1 
ATOM   593  C  C   . ASP B 1 10 ? -6.316  -10.601 9.121   1.00 33.74 ? 320 ASP B C   1 
ATOM   594  O  O   . ASP B 1 10 ? -6.343  -11.799 9.404   1.00 38.07 ? 320 ASP B O   1 
ATOM   595  C  CB  . ASP B 1 10 ? -4.435  -10.287 10.730  1.00 36.22 ? 320 ASP B CB  1 
ATOM   596  C  CG  . ASP B 1 10 ? -3.098  -9.647  11.015  1.00 40.89 ? 320 ASP B CG  1 
ATOM   597  O  OD1 . ASP B 1 10 ? -2.558  -8.948  10.126  1.00 35.14 ? 320 ASP B OD1 1 
ATOM   598  O  OD2 . ASP B 1 10 ? -2.590  -9.849  12.142  1.00 41.04 ? 320 ASP B OD2 1 
ATOM   599  N  N   . ASP B 1 11 ? -7.318  -9.975  8.514   1.00 32.03 ? 321 ASP B N   1 
ATOM   600  C  CA  . ASP B 1 11 ? -8.555  -10.651 8.156   1.00 33.04 ? 321 ASP B CA  1 
ATOM   601  C  C   . ASP B 1 11 ? -8.352  -11.588 6.954   1.00 36.16 ? 321 ASP B C   1 
ATOM   602  O  O   . ASP B 1 11 ? -8.163  -11.131 5.828   1.00 33.98 ? 321 ASP B O   1 
ATOM   603  C  CB  . ASP B 1 11 ? -9.619  -9.608  7.831   1.00 34.41 ? 321 ASP B CB  1 
ATOM   604  C  CG  . ASP B 1 11 ? -10.989 -10.206 7.663   1.00 36.93 ? 321 ASP B CG  1 
ATOM   605  O  OD1 . ASP B 1 11 ? -11.085 -11.430 7.462   1.00 36.74 ? 321 ASP B OD1 1 
ATOM   606  O  OD2 . ASP B 1 11 ? -11.972 -9.447  7.715   1.00 37.89 ? 321 ASP B OD2 1 
ATOM   607  N  N   . VAL B 1 12 ? -8.403  -12.895 7.195   1.00 34.88 ? 322 VAL B N   1 
ATOM   608  C  CA  . VAL B 1 12 ? -8.098  -13.873 6.145   1.00 33.36 ? 322 VAL B CA  1 
ATOM   609  C  C   . VAL B 1 12 ? -9.030  -13.761 4.938   1.00 34.68 ? 322 VAL B C   1 
ATOM   610  O  O   . VAL B 1 12 ? -8.690  -14.234 3.851   1.00 35.18 ? 322 VAL B O   1 
ATOM   611  C  CB  . VAL B 1 12 ? -8.187  -15.318 6.683   1.00 37.61 ? 322 VAL B CB  1 
ATOM   612  C  CG1 . VAL B 1 12 ? -9.636  -15.666 6.981   1.00 38.47 ? 322 VAL B CG1 1 
ATOM   613  C  CG2 . VAL B 1 12 ? -7.605  -16.303 5.689   1.00 38.85 ? 322 VAL B CG2 1 
ATOM   614  N  N   . ASN B 1 13 ? -10.196 -13.145 5.126   1.00 33.32 ? 323 ASN B N   1 
ATOM   615  C  CA  . ASN B 1 13 ? -11.196 -13.029 4.063   1.00 33.97 ? 323 ASN B CA  1 
ATOM   616  C  C   . ASN B 1 13 ? -11.153 -11.715 3.300   1.00 31.26 ? 323 ASN B C   1 
ATOM   617  O  O   . ASN B 1 13 ? -11.959 -11.488 2.398   1.00 32.34 ? 323 ASN B O   1 
ATOM   618  C  CB  . ASN B 1 13 ? -12.603 -13.253 4.607   1.00 36.24 ? 323 ASN B CB  1 
ATOM   619  C  CG  . ASN B 1 13 ? -12.875 -14.708 4.920   1.00 40.67 ? 323 ASN B CG  1 
ATOM   620  O  OD1 . ASN B 1 13 ? -13.237 -15.057 6.044   1.00 40.63 ? 323 ASN B OD1 1 
ATOM   621  N  ND2 . ASN B 1 13 ? -12.688 -15.568 3.928   1.00 37.59 ? 323 ASN B ND2 1 
ATOM   622  N  N   . ARG B 1 14 ? -10.209 -10.857 3.652   1.00 32.77 ? 324 ARG B N   1 
ATOM   623  C  CA  . ARG B 1 14 ? -10.042 -9.607  2.933   1.00 33.36 ? 324 ARG B CA  1 
ATOM   624  C  C   . ARG B 1 14 ? -8.736  -9.573  2.142   1.00 28.94 ? 324 ARG B C   1 
ATOM   625  O  O   . ARG B 1 14 ? -7.733  -10.131 2.570   1.00 28.30 ? 324 ARG B O   1 
ATOM   626  C  CB  . ARG B 1 14 ? -10.118 -8.418  3.888   1.00 34.26 ? 324 ARG B CB  1 
ATOM   627  C  CG  . ARG B 1 14 ? -11.548 -8.094  4.297   1.00 41.36 ? 324 ARG B CG  1 
ATOM   628  C  CD  . ARG B 1 14 ? -11.643 -6.727  4.960   1.00 43.58 ? 324 ARG B CD  1 
ATOM   629  N  NE  . ARG B 1 14 ? -11.055 -5.679  4.127   1.00 48.15 ? 324 ARG B NE  1 
ATOM   630  C  CZ  . ARG B 1 14 ? -11.749 -4.910  3.289   1.00 48.86 ? 324 ARG B CZ  1 
ATOM   631  N  NH1 . ARG B 1 14 ? -13.061 -5.075  3.159   1.00 45.65 ? 324 ARG B NH1 1 
ATOM   632  N  NH2 . ARG B 1 14 ? -11.127 -3.973  2.578   1.00 48.85 ? 324 ARG B NH2 1 
ATOM   633  N  N   . LEU B 1 15 ? -8.778  -8.920  0.986   1.00 30.64 ? 325 LEU B N   1 
ATOM   634  C  CA  . LEU B 1 15 ? -7.592  -8.719  0.161   1.00 27.83 ? 325 LEU B CA  1 
ATOM   635  C  C   . LEU B 1 15 ? -6.694  -7.721  0.834   1.00 30.70 ? 325 LEU B C   1 
ATOM   636  O  O   . LEU B 1 15 ? -7.175  -6.768  1.452   1.00 29.45 ? 325 LEU B O   1 
ATOM   637  C  CB  . LEU B 1 15 ? -7.980  -8.088  -1.166  1.00 30.58 ? 325 LEU B CB  1 
ATOM   638  C  CG  . LEU B 1 15 ? -8.973  -8.807  -2.048  1.00 31.89 ? 325 LEU B CG  1 
ATOM   639  C  CD1 . LEU B 1 15 ? -9.174  -7.978  -3.315  1.00 29.79 ? 325 LEU B CD1 1 
ATOM   640  C  CD2 . LEU B 1 15 ? -8.451  -10.200 -2.345  1.00 30.91 ? 325 LEU B CD2 1 
ATOM   641  N  N   . CYS B 1 16 ? -5.390  -7.885  0.667   1.00 25.06 ? 326 CYS B N   1 
ATOM   642  C  CA  . CYS B 1 16 ? -4.476  -6.856  1.119   1.00 26.18 ? 326 CYS B CA  1 
ATOM   643  C  C   . CYS B 1 16 ? -3.232  -6.856  0.256   1.00 25.46 ? 326 CYS B C   1 
ATOM   644  O  O   . CYS B 1 16 ? -2.495  -7.827  0.237   1.00 23.63 ? 326 CYS B O   1 
ATOM   645  C  CB  . CYS B 1 16 ? -4.070  -7.073  2.570   1.00 28.15 ? 326 CYS B CB  1 
ATOM   646  S  SG  . CYS B 1 16 ? -3.113  -5.677  3.171   1.00 25.16 ? 326 CYS B SG  1 
ATOM   647  N  N   . ARG B 1 17 ? -3.006  -5.761  -0.458  1.00 24.48 ? 327 ARG B N   1 
ATOM   648  C  CA  . ARG B 1 17 ? -1.837  -5.665  -1.299  1.00 24.41 ? 327 ARG B CA  1 
ATOM   649  C  C   . ARG B 1 17 ? -0.622  -5.214  -0.521  1.00 27.33 ? 327 ARG B C   1 
ATOM   650  O  O   . ARG B 1 17 ? 0.449   -5.008  -1.103  1.00 26.21 ? 327 ARG B O   1 
ATOM   651  C  CB  . ARG B 1 17 ? -2.116  -4.738  -2.487  1.00 27.93 ? 327 ARG B CB  1 
ATOM   652  C  CG  . ARG B 1 17 ? -3.148  -5.301  -3.424  1.00 26.38 ? 327 ARG B CG  1 
ATOM   653  C  CD  . ARG B 1 17 ? -3.374  -4.414  -4.619  1.00 29.24 ? 327 ARG B CD  1 
ATOM   654  N  NE  . ARG B 1 17 ? -4.276  -5.040  -5.580  1.00 29.41 ? 327 ARG B NE  1 
ATOM   655  C  CZ  . ARG B 1 17 ? -5.596  -5.107  -5.445  1.00 32.65 ? 327 ARG B CZ  1 
ATOM   656  N  NH1 . ARG B 1 17 ? -6.189  -4.587  -4.377  1.00 37.87 ? 327 ARG B NH1 1 
ATOM   657  N  NH2 . ARG B 1 17 ? -6.330  -5.696  -6.382  1.00 35.66 ? 327 ARG B NH2 1 
ATOM   658  N  N   . VAL B 1 18 ? -0.759  -5.098  0.800   1.00 25.33 ? 328 VAL B N   1 
ATOM   659  C  CA  . VAL B 1 18 ? 0.380   -4.700  1.621   1.00 23.85 ? 328 VAL B CA  1 
ATOM   660  C  C   . VAL B 1 18 ? 1.047   -5.904  2.270   1.00 25.99 ? 328 VAL B C   1 
ATOM   661  O  O   . VAL B 1 18 ? 2.266   -6.047  2.221   1.00 29.41 ? 328 VAL B O   1 
ATOM   662  C  CB  . VAL B 1 18 ? 0.000   -3.661  2.715   1.00 27.70 ? 328 VAL B CB  1 
ATOM   663  C  CG1 . VAL B 1 18 ? 1.235   -3.268  3.498   1.00 28.46 ? 328 VAL B CG1 1 
ATOM   664  C  CG2 . VAL B 1 18 ? -0.639  -2.437  2.074   1.00 27.90 ? 328 VAL B CG2 1 
ATOM   665  N  N   . CYS B 1 19 ? 0.257   -6.794  2.855   1.00 22.64 ? 329 CYS B N   1 
ATOM   666  C  CA  . CYS B 1 19 ? 0.832   -7.968  3.492   1.00 25.68 ? 329 CYS B CA  1 
ATOM   667  C  C   . CYS B 1 19 ? 0.566   -9.263  2.726   1.00 26.25 ? 329 CYS B C   1 
ATOM   668  O  O   . CYS B 1 19 ? 1.018   -10.329 3.135   1.00 30.20 ? 329 CYS B O   1 
ATOM   669  C  CB  . CYS B 1 19 ? 0.333   -8.120  4.933   1.00 27.06 ? 329 CYS B CB  1 
ATOM   670  S  SG  . CYS B 1 19 ? -1.386  -8.586  5.069   1.00 26.27 ? 329 CYS B SG  1 
ATOM   671  N  N   . ALA B 1 20 ? -0.158  -9.180  1.618   1.00 25.10 ? 330 ALA B N   1 
ATOM   672  C  CA  . ALA B 1 20 ? -0.296  -10.350 0.757   1.00 23.22 ? 330 ALA B CA  1 
ATOM   673  C  C   . ALA B 1 20 ? 0.188   -9.984  -0.643  1.00 22.58 ? 330 ALA B C   1 
ATOM   674  O  O   . ALA B 1 20 ? 0.958   -9.036  -0.792  1.00 23.35 ? 330 ALA B O   1 
ATOM   675  C  CB  . ALA B 1 20 ? -1.723  -10.862 0.757   1.00 22.06 ? 330 ALA B CB  1 
ATOM   676  N  N   . CYS B 1 21 ? -0.249  -10.714 -1.664  1.00 23.00 ? 331 CYS B N   1 
ATOM   677  C  CA  . CYS B 1 21 ? 0.299   -10.484 -3.000  1.00 22.51 ? 331 CYS B CA  1 
ATOM   678  C  C   . CYS B 1 21 ? 0.110   -9.027  -3.335  1.00 23.40 ? 331 CYS B C   1 
ATOM   679  O  O   . CYS B 1 21 ? -1.005  -8.522  -3.271  1.00 21.51 ? 331 CYS B O   1 
ATOM   680  C  CB  . CYS B 1 21 ? -0.400  -11.333 -4.060  1.00 23.24 ? 331 CYS B CB  1 
ATOM   681  S  SG  . CYS B 1 21 ? 0.179   -10.942 -5.760  1.00 19.50 ? 331 CYS B SG  1 
ATOM   682  N  N   . HIS B 1 22 ? 1.199   -8.347  -3.685  1.00 19.51 ? 332 HIS B N   1 
ATOM   683  C  CA  . HIS B 1 22 ? 1.121   -6.930  -4.003  1.00 23.48 ? 332 HIS B CA  1 
ATOM   684  C  C   . HIS B 1 22 ? 0.256   -6.600  -5.222  1.00 24.25 ? 332 HIS B C   1 
ATOM   685  O  O   . HIS B 1 22 ? -0.215  -5.455  -5.383  1.00 22.01 ? 332 HIS B O   1 
ATOM   686  C  CB  . HIS B 1 22 ? 2.528   -6.343  -4.163  1.00 23.09 ? 332 HIS B CB  1 
ATOM   687  C  CG  . HIS B 1 22 ? 2.540   -4.853  -4.174  1.00 27.63 ? 332 HIS B CG  1 
ATOM   688  N  ND1 . HIS B 1 22 ? 1.973   -4.107  -3.162  1.00 27.84 ? 332 HIS B ND1 1 
ATOM   689  C  CD2 . HIS B 1 22 ? 3.035   -3.966  -5.068  1.00 27.66 ? 332 HIS B CD2 1 
ATOM   690  C  CE1 . HIS B 1 22 ? 2.114   -2.823  -3.436  1.00 30.33 ? 332 HIS B CE1 1 
ATOM   691  N  NE2 . HIS B 1 22 ? 2.758   -2.711  -4.583  1.00 31.57 ? 332 HIS B NE2 1 
ATOM   692  N  N   . LEU B 1 23 ? 0.026   -7.591  -6.077  1.00 23.00 ? 333 LEU B N   1 
ATOM   693  C  CA  . LEU B 1 23 ? -0.704  -7.343  -7.317  1.00 24.30 ? 333 LEU B CA  1 
ATOM   694  C  C   . LEU B 1 23 ? -2.197  -7.662  -7.200  1.00 24.81 ? 333 LEU B C   1 
ATOM   695  O  O   . LEU B 1 23 ? -3.036  -6.869  -7.620  1.00 26.07 ? 333 LEU B O   1 
ATOM   696  C  CB  . LEU B 1 23 ? -0.064  -8.103  -8.494  1.00 24.38 ? 333 LEU B CB  1 
ATOM   697  C  CG  . LEU B 1 23 ? 1.356   -7.657  -8.898  1.00 25.97 ? 333 LEU B CG  1 
ATOM   698  C  CD1 . LEU B 1 23 ? 1.959   -8.614  -9.926  1.00 23.40 ? 333 LEU B CD1 1 
ATOM   699  C  CD2 . LEU B 1 23 ? 1.332   -6.236  -9.439  1.00 26.68 ? 333 LEU B CD2 1 
ATOM   700  N  N   . CYS B 1 24 ? -2.532  -8.807  -6.621  1.00 23.89 ? 334 CYS B N   1 
ATOM   701  C  CA  . CYS B 1 24 ? -3.939  -9.232  -6.548  1.00 24.24 ? 334 CYS B CA  1 
ATOM   702  C  C   . CYS B 1 24 ? -4.524  -9.170  -5.131  1.00 24.80 ? 334 CYS B C   1 
ATOM   703  O  O   . CYS B 1 24 ? -5.753  -9.246  -4.948  1.00 22.58 ? 334 CYS B O   1 
ATOM   704  C  CB  . CYS B 1 24 ? -4.098  -10.655 -7.100  1.00 24.67 ? 334 CYS B CB  1 
ATOM   705  S  SG  . CYS B 1 24 ? -3.507  -11.945 -5.982  1.00 22.38 ? 334 CYS B SG  1 
ATOM   706  N  N   . GLY B 1 25 ? -3.655  -9.062  -4.129  1.00 21.26 ? 335 GLY B N   1 
ATOM   707  C  CA  . GLY B 1 25 ? -4.092  -8.971  -2.737  1.00 23.18 ? 335 GLY B CA  1 
ATOM   708  C  C   . GLY B 1 25 ? -4.428  -10.300 -2.078  1.00 24.42 ? 335 GLY B C   1 
ATOM   709  O  O   . GLY B 1 25 ? -4.937  -10.348 -0.944  1.00 24.82 ? 335 GLY B O   1 
ATOM   710  N  N   . GLY B 1 26 ? -4.152  -11.387 -2.780  1.00 21.91 ? 336 GLY B N   1 
ATOM   711  C  CA  . GLY B 1 26 ? -4.527  -12.701 -2.294  1.00 24.00 ? 336 GLY B CA  1 
ATOM   712  C  C   . GLY B 1 26 ? -3.457  -13.301 -1.420  1.00 22.28 ? 336 GLY B C   1 
ATOM   713  O  O   . GLY B 1 26 ? -2.276  -13.025 -1.643  1.00 21.76 ? 336 GLY B O   1 
ATOM   714  N  N   . ARG B 1 27 ? -3.874  -14.144 -0.468  1.00 22.25 ? 337 ARG B N   1 
ATOM   715  C  CA  . ARG B 1 27 ? -2.989  -14.780 0.514   1.00 25.33 ? 337 ARG B CA  1 
ATOM   716  C  C   . ARG B 1 27 ? -2.650  -16.220 0.174   1.00 26.10 ? 337 ARG B C   1 
ATOM   717  O  O   . ARG B 1 27 ? -1.837  -16.858 0.852   1.00 25.50 ? 337 ARG B O   1 
ATOM   718  C  CB  . ARG B 1 27 ? -3.670  -14.794 1.886   1.00 27.91 ? 337 ARG B CB  1 
ATOM   719  C  CG  . ARG B 1 27 ? -4.166  -13.441 2.324   1.00 27.99 ? 337 ARG B CG  1 
ATOM   720  C  CD  . ARG B 1 27 ? -4.821  -13.507 3.702   1.00 33.11 ? 337 ARG B CD  1 
ATOM   721  N  NE  . ARG B 1 27 ? -5.438  -12.220 4.022   1.00 31.71 ? 337 ARG B NE  1 
ATOM   722  C  CZ  . ARG B 1 27 ? -4.773  -11.179 4.509   1.00 31.75 ? 337 ARG B CZ  1 
ATOM   723  N  NH1 . ARG B 1 27 ? -3.468  -11.264 4.744   1.00 31.77 ? 337 ARG B NH1 1 
ATOM   724  N  NH2 . ARG B 1 27 ? -5.419  -10.047 4.757   1.00 33.95 ? 337 ARG B NH2 1 
ATOM   725  N  N   . GLN B 1 28 ? -3.298  -16.751 -0.850  1.00 25.39 ? 338 GLN B N   1 
ATOM   726  C  CA  . GLN B 1 28 ? -3.154  -18.168 -1.151  1.00 26.79 ? 338 GLN B CA  1 
ATOM   727  C  C   . GLN B 1 28 ? -1.771  -18.458 -1.720  1.00 25.40 ? 338 GLN B C   1 
ATOM   728  O  O   . GLN B 1 28 ? -1.069  -17.549 -2.143  1.00 23.15 ? 338 GLN B O   1 
ATOM   729  C  CB  . GLN B 1 28 ? -4.232  -18.624 -2.138  1.00 26.94 ? 338 GLN B CB  1 
ATOM   730  C  CG  . GLN B 1 28 ? -3.994  -18.214 -3.602  1.00 26.95 ? 338 GLN B CG  1 
ATOM   731  C  CD  . GLN B 1 28 ? -4.412  -16.771 -3.949  1.00 30.08 ? 338 GLN B CD  1 
ATOM   732  O  OE1 . GLN B 1 28 ? -4.818  -15.990 -3.079  1.00 26.59 ? 338 GLN B OE1 1 
ATOM   733  N  NE2 . GLN B 1 28 ? -4.331  -16.430 -5.241  1.00 26.78 ? 338 GLN B NE2 1 
ATOM   734  N  N   . ASP B 1 29 ? -1.401  -19.734 -1.729  1.00 23.84 ? 339 ASP B N   1 
ATOM   735  C  CA  . ASP B 1 29 ? -0.143  -20.168 -2.322  1.00 24.12 ? 339 ASP B CA  1 
ATOM   736  C  C   . ASP B 1 29 ? 1.065   -19.343 -1.890  1.00 24.14 ? 339 ASP B C   1 
ATOM   737  O  O   . ASP B 1 29 ? 1.772   -18.814 -2.732  1.00 22.19 ? 339 ASP B O   1 
ATOM   738  C  CB  . ASP B 1 29 ? -0.231  -20.140 -3.861  1.00 24.27 ? 339 ASP B CB  1 
ATOM   739  C  CG  . ASP B 1 29 ? -1.337  -20.999 -4.403  1.00 26.54 ? 339 ASP B CG  1 
ATOM   740  O  OD1 . ASP B 1 29 ? -1.558  -22.102 -3.867  1.00 29.16 ? 339 ASP B OD1 1 
ATOM   741  O  OD2 . ASP B 1 29 ? -1.989  -20.580 -5.386  1.00 25.94 ? 339 ASP B OD2 1 
ATOM   742  N  N   . PRO B 1 30 ? 1.335   -19.264 -0.581  1.00 25.44 ? 340 PRO B N   1 
ATOM   743  C  CA  . PRO B 1 30 ? 2.503   -18.464 -0.164  1.00 22.00 ? 340 PRO B CA  1 
ATOM   744  C  C   . PRO B 1 30 ? 3.820   -19.082 -0.600  1.00 24.49 ? 340 PRO B C   1 
ATOM   745  O  O   . PRO B 1 30 ? 4.839   -18.399 -0.641  1.00 24.09 ? 340 PRO B O   1 
ATOM   746  C  CB  . PRO B 1 30 ? 2.405   -18.440 1.375   1.00 28.32 ? 340 PRO B CB  1 
ATOM   747  C  CG  . PRO B 1 30 ? 1.314   -19.396 1.748   1.00 27.76 ? 340 PRO B CG  1 
ATOM   748  C  CD  . PRO B 1 30 ? 0.743   -20.036 0.522   1.00 25.38 ? 340 PRO B CD  1 
ATOM   749  N  N   . ASP B 1 31 ? 3.792   -20.370 -0.925  1.00 25.69 ? 341 ASP B N   1 
ATOM   750  C  CA  . ASP B 1 31 ? 4.950   -21.071 -1.454  1.00 26.45 ? 341 ASP B CA  1 
ATOM   751  C  C   . ASP B 1 31 ? 5.302   -20.587 -2.864  1.00 26.27 ? 341 ASP B C   1 
ATOM   752  O  O   . ASP B 1 31 ? 6.361   -20.907 -3.400  1.00 24.73 ? 341 ASP B O   1 
ATOM   753  C  CB  . ASP B 1 31 ? 4.645   -22.567 -1.505  1.00 30.15 ? 341 ASP B CB  1 
ATOM   754  C  CG  . ASP B 1 31 ? 3.318   -22.858 -2.184  1.00 29.82 ? 341 ASP B CG  1 
ATOM   755  O  OD1 . ASP B 1 31 ? 2.283   -22.325 -1.724  1.00 31.18 ? 341 ASP B OD1 1 
ATOM   756  O  OD2 . ASP B 1 31 ? 3.301   -23.616 -3.180  1.00 36.82 ? 341 ASP B OD2 1 
ATOM   757  N  N   . LYS B 1 32 ? 4.383   -19.837 -3.463  1.00 25.12 ? 342 LYS B N   1 
ATOM   758  C  CA  . LYS B 1 32 ? 4.550   -19.306 -4.814  1.00 22.42 ? 342 LYS B CA  1 
ATOM   759  C  C   . LYS B 1 32 ? 4.552   -17.772 -4.821  1.00 22.48 ? 342 LYS B C   1 
ATOM   760  O  O   . LYS B 1 32 ? 4.464   -17.152 -5.881  1.00 21.31 ? 342 LYS B O   1 
ATOM   761  C  CB  . LYS B 1 32 ? 3.427   -19.818 -5.729  1.00 22.05 ? 342 LYS B CB  1 
ATOM   762  C  CG  . LYS B 1 32 ? 3.547   -21.295 -6.106  1.00 25.31 ? 342 LYS B CG  1 
ATOM   763  C  CD  . LYS B 1 32 ? 2.253   -21.816 -6.725  1.00 27.97 ? 342 LYS B CD  1 
ATOM   764  C  CE  . LYS B 1 32 ? 2.354   -23.295 -7.060  1.00 31.53 ? 342 LYS B CE  1 
ATOM   765  N  NZ  . LYS B 1 32 ? 1.064   -23.828 -7.609  1.00 28.61 ? 342 LYS B NZ  1 
ATOM   766  N  N   . GLN B 1 33 ? 4.646   -17.166 -3.635  1.00 21.86 ? 343 GLN B N   1 
ATOM   767  C  CA  . GLN B 1 33 ? 4.758   -15.726 -3.535  1.00 22.17 ? 343 GLN B CA  1 
ATOM   768  C  C   . GLN B 1 33 ? 6.209   -15.331 -3.367  1.00 23.81 ? 343 GLN B C   1 
ATOM   769  O  O   . GLN B 1 33 ? 6.806   -15.587 -2.309  1.00 23.21 ? 343 GLN B O   1 
ATOM   770  C  CB  . GLN B 1 33 ? 3.947   -15.189 -2.348  1.00 22.54 ? 343 GLN B CB  1 
ATOM   771  C  CG  . GLN B 1 33 ? 2.430   -15.331 -2.503  1.00 23.55 ? 343 GLN B CG  1 
ATOM   772  C  CD  . GLN B 1 33 ? 1.663   -14.730 -1.338  1.00 26.78 ? 343 GLN B CD  1 
ATOM   773  O  OE1 . GLN B 1 33 ? 2.055   -13.706 -0.783  1.00 31.07 ? 343 GLN B OE1 1 
ATOM   774  N  NE2 . GLN B 1 33 ? 0.571   -15.380 -0.948  1.00 27.42 ? 343 GLN B NE2 1 
ATOM   775  N  N   . LEU B 1 34 ? 6.766   -14.688 -4.392  1.00 21.44 ? 344 LEU B N   1 
ATOM   776  C  CA  . LEU B 1 34 ? 8.154   -14.225 -4.352  1.00 22.19 ? 344 LEU B CA  1 
ATOM   777  C  C   . LEU B 1 34 ? 8.274   -12.960 -3.502  1.00 24.41 ? 344 LEU B C   1 
ATOM   778  O  O   . LEU B 1 34 ? 7.431   -12.076 -3.601  1.00 21.61 ? 344 LEU B O   1 
ATOM   779  C  CB  . LEU B 1 34 ? 8.660   -13.914 -5.766  1.00 22.00 ? 344 LEU B CB  1 
ATOM   780  C  CG  . LEU B 1 34 ? 8.694   -15.057 -6.787  1.00 24.93 ? 344 LEU B CG  1 
ATOM   781  C  CD1 . LEU B 1 34 ? 9.373   -14.610 -8.072  1.00 22.55 ? 344 LEU B CD1 1 
ATOM   782  C  CD2 . LEU B 1 34 ? 9.395   -16.279 -6.226  1.00 25.86 ? 344 LEU B CD2 1 
ATOM   783  N  N   . MET B 1 35 ? 9.323   -12.875 -2.674  1.00 23.68 ? 345 MET B N   1 
ATOM   784  C  CA  . MET B 1 35 ? 9.539   -11.711 -1.815  1.00 23.78 ? 345 MET B CA  1 
ATOM   785  C  C   . MET B 1 35 ? 10.646  -10.860 -2.422  1.00 24.38 ? 345 MET B C   1 
ATOM   786  O  O   . MET B 1 35 ? 11.739  -11.359 -2.703  1.00 26.95 ? 345 MET B O   1 
ATOM   787  C  CB  . MET B 1 35 ? 9.907   -12.128 -0.386  1.00 26.61 ? 345 MET B CB  1 
ATOM   788  C  CG  . MET B 1 35 ? 8.976   -13.157 0.226   1.00 27.11 ? 345 MET B CG  1 
ATOM   789  S  SD  . MET B 1 35 ? 7.288   -12.561 0.392   1.00 28.74 ? 345 MET B SD  1 
ATOM   790  C  CE  . MET B 1 35 ? 7.507   -11.318 1.677   1.00 30.54 ? 345 MET B CE  1 
ATOM   791  N  N   . CYS B 1 36 ? 10.352  -9.587  -2.658  1.00 24.58 ? 346 CYS B N   1 
ATOM   792  C  CA  . CYS B 1 36 ? 11.310  -8.712  -3.303  1.00 24.90 ? 346 CYS B CA  1 
ATOM   793  C  C   . CYS B 1 36 ? 12.466  -8.437  -2.347  1.00 27.82 ? 346 CYS B C   1 
ATOM   794  O  O   . CYS B 1 36 ? 12.256  -8.111  -1.180  1.00 27.79 ? 346 CYS B O   1 
ATOM   795  C  CB  . CYS B 1 36 ? 10.659  -7.394  -3.706  1.00 25.75 ? 346 CYS B CB  1 
ATOM   796  S  SG  . CYS B 1 36 ? 11.799  -6.247  -4.512  1.00 27.40 ? 346 CYS B SG  1 
ATOM   797  N  N   . ASP B 1 37 ? 13.684  -8.563  -2.845  1.00 29.71 ? 347 ASP B N   1 
ATOM   798  C  CA  . ASP B 1 37 ? 14.852  -8.319  -2.002  1.00 30.79 ? 347 ASP B CA  1 
ATOM   799  C  C   . ASP B 1 37 ? 15.187  -6.843  -1.815  1.00 32.25 ? 347 ASP B C   1 
ATOM   800  O  O   . ASP B 1 37 ? 16.169  -6.504  -1.144  1.00 35.60 ? 347 ASP B O   1 
ATOM   801  C  CB  . ASP B 1 37 ? 16.050  -9.110  -2.505  1.00 31.97 ? 347 ASP B CB  1 
ATOM   802  C  CG  . ASP B 1 37 ? 15.902  -10.576 -2.232  1.00 32.15 ? 347 ASP B CG  1 
ATOM   803  O  OD1 . ASP B 1 37 ? 15.485  -10.925 -1.104  1.00 31.56 ? 347 ASP B OD1 1 
ATOM   804  O  OD2 . ASP B 1 37 ? 16.176  -11.375 -3.139  1.00 34.26 ? 347 ASP B OD2 1 
ATOM   805  N  N   . GLU B 1 38 ? 14.376  -5.965  -2.395  1.00 29.61 ? 348 GLU B N   1 
ATOM   806  C  CA  . GLU B 1 38 ? 14.499  -4.539  -2.090  1.00 30.94 ? 348 GLU B CA  1 
ATOM   807  C  C   . GLU B 1 38 ? 13.363  -4.030  -1.212  1.00 30.93 ? 348 GLU B C   1 
ATOM   808  O  O   . GLU B 1 38 ? 13.609  -3.406  -0.177  1.00 32.37 ? 348 GLU B O   1 
ATOM   809  C  CB  . GLU B 1 38 ? 14.603  -3.677  -3.346  1.00 31.37 ? 348 GLU B CB  1 
ATOM   810  C  CG  . GLU B 1 38 ? 14.612  -2.179  -3.013  1.00 33.68 ? 348 GLU B CG  1 
ATOM   811  C  CD  . GLU B 1 38 ? 14.986  -1.300  -4.191  1.00 36.61 ? 348 GLU B CD  1 
ATOM   812  O  OE1 . GLU B 1 38 ? 15.476  -1.820  -5.206  1.00 37.38 ? 348 GLU B OE1 1 
ATOM   813  O  OE2 . GLU B 1 38 ? 14.785  -0.076  -4.108  1.00 36.65 ? 348 GLU B OE2 1 
ATOM   814  N  N   . CYS B 1 39 ? 12.121  -4.288  -1.608  1.00 28.22 ? 349 CYS B N   1 
ATOM   815  C  CA  . CYS B 1 39 ? 10.977  -3.683  -0.914  1.00 24.88 ? 349 CYS B CA  1 
ATOM   816  C  C   . CYS B 1 39 ? 10.241  -4.654  -0.001  1.00 28.96 ? 349 CYS B C   1 
ATOM   817  O  O   . CYS B 1 39 ? 9.423   -4.237  0.815   1.00 27.47 ? 349 CYS B O   1 
ATOM   818  C  CB  . CYS B 1 39 ? 9.991   -3.027  -1.893  1.00 29.46 ? 349 CYS B CB  1 
ATOM   819  S  SG  . CYS B 1 39 ? 9.036   -4.197  -2.921  1.00 27.19 ? 349 CYS B SG  1 
ATOM   820  N  N   . ASP B 1 40 ? 10.549  -5.940  -0.147  1.00 25.91 ? 350 ASP B N   1 
ATOM   821  C  CA  . ASP B 1 40 ? 9.958   -7.021  0.644   1.00 28.36 ? 350 ASP B CA  1 
ATOM   822  C  C   . ASP B 1 40 ? 8.448   -7.205  0.424   1.00 28.81 ? 350 ASP B C   1 
ATOM   823  O  O   . ASP B 1 40 ? 7.771   -7.828  1.240   1.00 30.79 ? 350 ASP B O   1 
ATOM   824  C  CB  . ASP B 1 40 ? 10.295  -6.871  2.143   1.00 32.63 ? 350 ASP B CB  1 
ATOM   825  C  CG  . ASP B 1 40 ? 10.407  -8.215  2.858   1.00 36.09 ? 350 ASP B CG  1 
ATOM   826  O  OD1 . ASP B 1 40 ? 10.669  -9.242  2.188   1.00 35.91 ? 350 ASP B OD1 1 
ATOM   827  O  OD2 . ASP B 1 40 ? 10.234  -8.256  4.096   1.00 38.89 ? 350 ASP B OD2 1 
ATOM   828  N  N   . MET B 1 41 ? 7.916   -6.671  -0.675  1.00 27.26 ? 351 MET B N   1 
ATOM   829  C  CA  . MET B 1 41 ? 6.530   -6.981  -1.043  1.00 25.18 ? 351 MET B CA  1 
ATOM   830  C  C   . MET B 1 41 ? 6.471   -8.373  -1.670  1.00 23.82 ? 351 MET B C   1 
ATOM   831  O  O   . MET B 1 41 ? 7.450   -8.826  -2.266  1.00 24.34 ? 351 MET B O   1 
ATOM   832  C  CB  . MET B 1 41 ? 5.947   -5.945  -2.005  1.00 27.10 ? 351 MET B CB  1 
ATOM   833  C  CG  . MET B 1 41 ? 5.696   -4.586  -1.409  1.00 30.90 ? 351 MET B CG  1 
ATOM   834  S  SD  . MET B 1 41 ? 4.445   -4.636  -0.102  1.00 34.76 ? 351 MET B SD  1 
ATOM   835  C  CE  . MET B 1 41 ? 5.492   -4.607  1.343   1.00 31.83 ? 351 MET B CE  1 
ATOM   836  N  N   . ALA B 1 42 ? 5.327   -9.047  -1.511  1.00 23.58 ? 352 ALA B N   1 
ATOM   837  C  CA  . ALA B 1 42 ? 5.108   -10.406 -2.026  1.00 22.04 ? 352 ALA B CA  1 
ATOM   838  C  C   . ALA B 1 42 ? 4.422   -10.373 -3.396  1.00 22.77 ? 352 ALA B C   1 
ATOM   839  O  O   . ALA B 1 42 ? 3.572   -9.524  -3.644  1.00 20.81 ? 352 ALA B O   1 
ATOM   840  C  CB  . ALA B 1 42 ? 4.234   -11.182 -1.054  1.00 24.84 ? 352 ALA B CB  1 
ATOM   841  N  N   . PHE B 1 43 ? 4.763   -11.315 -4.270  1.00 20.57 ? 353 PHE B N   1 
ATOM   842  C  CA  . PHE B 1 43 ? 4.149   -11.380 -5.606  1.00 21.98 ? 353 PHE B CA  1 
ATOM   843  C  C   . PHE B 1 43 ? 3.935   -12.842 -6.019  1.00 21.48 ? 353 PHE B C   1 
ATOM   844  O  O   . PHE B 1 43 ? 4.913   -13.591 -6.154  1.00 21.01 ? 353 PHE B O   1 
ATOM   845  C  CB  . PHE B 1 43 ? 5.075   -10.712 -6.644  1.00 20.59 ? 353 PHE B CB  1 
ATOM   846  C  CG  . PHE B 1 43 ? 5.329   -9.237  -6.401  1.00 23.73 ? 353 PHE B CG  1 
ATOM   847  C  CD1 . PHE B 1 43 ? 6.258   -8.818  -5.450  1.00 24.91 ? 353 PHE B CD1 1 
ATOM   848  C  CD2 . PHE B 1 43 ? 4.667   -8.273  -7.156  1.00 23.57 ? 353 PHE B CD2 1 
ATOM   849  C  CE1 . PHE B 1 43 ? 6.501   -7.469  -5.249  1.00 24.15 ? 353 PHE B CE1 1 
ATOM   850  C  CE2 . PHE B 1 43 ? 4.909   -6.922  -6.955  1.00 22.64 ? 353 PHE B CE2 1 
ATOM   851  C  CZ  . PHE B 1 43 ? 5.813   -6.522  -6.008  1.00 23.29 ? 353 PHE B CZ  1 
ATOM   852  N  N   . HIS B 1 44 ? 2.687   -13.262 -6.236  1.00 18.60 ? 354 HIS B N   1 
ATOM   853  C  CA  . HIS B 1 44 ? 2.463   -14.594 -6.797  1.00 18.34 ? 354 HIS B CA  1 
ATOM   854  C  C   . HIS B 1 44 ? 3.195   -14.695 -8.111  1.00 20.75 ? 354 HIS B C   1 
ATOM   855  O  O   . HIS B 1 44 ? 3.116   -13.782 -8.941  1.00 21.21 ? 354 HIS B O   1 
ATOM   856  C  CB  . HIS B 1 44 ? 0.987   -14.847 -7.117  1.00 21.89 ? 354 HIS B CB  1 
ATOM   857  C  CG  . HIS B 1 44 ? 0.097   -15.036 -5.925  1.00 20.53 ? 354 HIS B CG  1 
ATOM   858  N  ND1 . HIS B 1 44 ? -0.973  -14.204 -5.666  1.00 19.60 ? 354 HIS B ND1 1 
ATOM   859  C  CD2 . HIS B 1 44 ? 0.064   -16.000 -4.971  1.00 21.68 ? 354 HIS B CD2 1 
ATOM   860  C  CE1 . HIS B 1 44 ? -1.619  -14.639 -4.599  1.00 21.82 ? 354 HIS B CE1 1 
ATOM   861  N  NE2 . HIS B 1 44 ? -1.004  -15.722 -4.151  1.00 20.61 ? 354 HIS B NE2 1 
ATOM   862  N  N   . ILE B 1 45 ? 3.867   -15.820 -8.346  1.00 20.60 ? 355 ILE B N   1 
ATOM   863  C  CA  . ILE B 1 45 ? 4.588   -15.978 -9.606  1.00 20.58 ? 355 ILE B CA  1 
ATOM   864  C  C   . ILE B 1 45 ? 3.629   -15.804 -10.773 1.00 19.85 ? 355 ILE B C   1 
ATOM   865  O  O   . ILE B 1 45 ? 4.015   -15.271 -11.809 1.00 20.39 ? 355 ILE B O   1 
ATOM   866  C  CB  . ILE B 1 45 ? 5.272   -17.339 -9.717  1.00 22.84 ? 355 ILE B CB  1 
ATOM   867  C  CG1 . ILE B 1 45 ? 4.278   -18.459 -9.386  1.00 23.36 ? 355 ILE B CG1 1 
ATOM   868  C  CG2 . ILE B 1 45 ? 6.501   -17.379 -8.797  1.00 23.15 ? 355 ILE B CG2 1 
ATOM   869  C  CD1 . ILE B 1 45 ? 4.912   -19.877 -9.491  1.00 24.31 ? 355 ILE B CD1 1 
ATOM   870  N  N   . TYR B 1 46 ? 2.384   -16.235 -10.580 1.00 20.41 ? 356 TYR B N   1 
ATOM   871  C  CA  . TYR B 1 46 ? 1.387   -16.190 -11.642 1.00 21.32 ? 356 TYR B CA  1 
ATOM   872  C  C   . TYR B 1 46 ? 0.665   -14.846 -11.842 1.00 21.32 ? 356 TYR B C   1 
ATOM   873  O  O   . TYR B 1 46 ? -0.132  -14.683 -12.777 1.00 20.98 ? 356 TYR B O   1 
ATOM   874  C  CB  . TYR B 1 46 ? 0.379   -17.321 -11.449 1.00 21.77 ? 356 TYR B CB  1 
ATOM   875  C  CG  . TYR B 1 46 ? -0.244  -17.490 -10.061 1.00 20.92 ? 356 TYR B CG  1 
ATOM   876  C  CD1 . TYR B 1 46 ? -1.114  -16.543 -9.531  1.00 22.13 ? 356 TYR B CD1 1 
ATOM   877  C  CD2 . TYR B 1 46 ? -0.011  -18.648 -9.315  1.00 21.35 ? 356 TYR B CD2 1 
ATOM   878  C  CE1 . TYR B 1 46 ? -1.718  -16.737 -8.277  1.00 21.47 ? 356 TYR B CE1 1 
ATOM   879  C  CE2 . TYR B 1 46 ? -0.602  -18.849 -8.080  1.00 23.47 ? 356 TYR B CE2 1 
ATOM   880  C  CZ  . TYR B 1 46 ? -1.457  -17.904 -7.560  1.00 22.60 ? 356 TYR B CZ  1 
ATOM   881  O  OH  . TYR B 1 46 ? -2.053  -18.137 -6.329  1.00 23.94 ? 356 TYR B OH  1 
ATOM   882  N  N   . CYS B 1 47 ? 0.952   -13.883 -10.980 1.00 21.25 ? 357 CYS B N   1 
ATOM   883  C  CA  . CYS B 1 47 ? 0.422   -12.542 -11.150 1.00 22.55 ? 357 CYS B CA  1 
ATOM   884  C  C   . CYS B 1 47 ? 1.402   -11.619 -11.867 1.00 22.83 ? 357 CYS B C   1 
ATOM   885  O  O   . CYS B 1 47 ? 1.020   -10.541 -12.349 1.00 23.35 ? 357 CYS B O   1 
ATOM   886  C  CB  . CYS B 1 47 ? 0.022   -11.936 -9.805  1.00 21.98 ? 357 CYS B CB  1 
ATOM   887  S  SG  . CYS B 1 47 ? -1.430  -12.712 -9.094  1.00 21.19 ? 357 CYS B SG  1 
ATOM   888  N  N   . LEU B 1 48 ? 2.661   -12.029 -11.923 1.00 20.29 ? 358 LEU B N   1 
ATOM   889  C  CA  . LEU B 1 48 ? 3.679   -11.238 -12.596 1.00 20.98 ? 358 LEU B CA  1 
ATOM   890  C  C   . LEU B 1 48 ? 3.404   -11.133 -14.079 1.00 24.25 ? 358 LEU B C   1 
ATOM   891  O  O   . LEU B 1 48 ? 2.708   -11.963 -14.638 1.00 24.41 ? 358 LEU B O   1 
ATOM   892  C  CB  . LEU B 1 48 ? 5.077   -11.834 -12.362 1.00 21.22 ? 358 LEU B CB  1 
ATOM   893  C  CG  . LEU B 1 48 ? 5.530   -11.721 -10.910 1.00 20.83 ? 358 LEU B CG  1 
ATOM   894  C  CD1 . LEU B 1 48 ? 6.729   -12.631 -10.660 1.00 22.29 ? 358 LEU B CD1 1 
ATOM   895  C  CD2 . LEU B 1 48 ? 5.873   -10.274 -10.526 1.00 24.60 ? 358 LEU B CD2 1 
ATOM   896  N  N   . ASP B 1 49 ? 3.976   -10.115 -14.714 1.00 24.07 ? 359 ASP B N   1 
ATOM   897  C  CA  . ASP B 1 49 ? 3.860   -9.952  -16.159 1.00 26.89 ? 359 ASP B CA  1 
ATOM   898  C  C   . ASP B 1 49 ? 5.270   -9.790  -16.728 1.00 29.30 ? 359 ASP B C   1 
ATOM   899  O  O   . ASP B 1 49 ? 5.900   -8.751  -16.533 1.00 27.34 ? 359 ASP B O   1 
ATOM   900  C  CB  . ASP B 1 49 ? 3.000   -8.721  -16.453 1.00 29.23 ? 359 ASP B CB  1 
ATOM   901  C  CG  . ASP B 1 49 ? 2.658   -8.569  -17.926 1.00 34.85 ? 359 ASP B CG  1 
ATOM   902  O  OD1 . ASP B 1 49 ? 3.225   -9.292  -18.755 1.00 32.15 ? 359 ASP B OD1 1 
ATOM   903  O  OD2 . ASP B 1 49 ? 1.818   -7.706  -18.247 1.00 39.33 ? 359 ASP B OD2 1 
ATOM   904  N  N   . PRO B 1 50 ? 5.791   -10.825 -17.420 1.00 27.66 ? 360 PRO B N   1 
ATOM   905  C  CA  . PRO B 1 50 ? 5.175   -12.106 -17.765 1.00 28.56 ? 360 PRO B CA  1 
ATOM   906  C  C   . PRO B 1 50 ? 5.070   -13.029 -16.552 1.00 23.25 ? 360 PRO B C   1 
ATOM   907  O  O   . PRO B 1 50 ? 5.892   -12.935 -15.648 1.00 24.15 ? 360 PRO B O   1 
ATOM   908  C  CB  . PRO B 1 50 ? 6.162   -12.690 -18.782 1.00 27.45 ? 360 PRO B CB  1 
ATOM   909  C  CG  . PRO B 1 50 ? 7.488   -12.132 -18.366 1.00 27.93 ? 360 PRO B CG  1 
ATOM   910  C  CD  . PRO B 1 50 ? 7.164   -10.721 -17.950 1.00 29.25 ? 360 PRO B CD  1 
ATOM   911  N  N   . PRO B 1 51 ? 4.053   -13.900 -16.529 1.00 23.85 ? 361 PRO B N   1 
ATOM   912  C  CA  . PRO B 1 51 ? 3.869   -14.802 -15.392 1.00 23.46 ? 361 PRO B CA  1 
ATOM   913  C  C   . PRO B 1 51 ? 4.958   -15.881 -15.378 1.00 24.15 ? 361 PRO B C   1 
ATOM   914  O  O   . PRO B 1 51 ? 5.387   -16.344 -16.434 1.00 23.14 ? 361 PRO B O   1 
ATOM   915  C  CB  . PRO B 1 51 ? 2.487   -15.424 -15.642 1.00 24.98 ? 361 PRO B CB  1 
ATOM   916  C  CG  . PRO B 1 51 ? 2.265   -15.282 -17.136 1.00 26.33 ? 361 PRO B CG  1 
ATOM   917  C  CD  . PRO B 1 51 ? 3.013   -14.055 -17.559 1.00 25.44 ? 361 PRO B CD  1 
ATOM   918  N  N   . LEU B 1 52 ? 5.404   -16.256 -14.185 1.00 20.31 ? 362 LEU B N   1 
ATOM   919  C  CA  . LEU B 1 52 ? 6.420   -17.298 -14.040 1.00 22.06 ? 362 LEU B CA  1 
ATOM   920  C  C   . LEU B 1 52 ? 5.745   -18.609 -13.730 1.00 23.52 ? 362 LEU B C   1 
ATOM   921  O  O   . LEU B 1 52 ? 4.850   -18.648 -12.901 1.00 22.80 ? 362 LEU B O   1 
ATOM   922  C  CB  . LEU B 1 52 ? 7.340   -16.963 -12.876 1.00 22.61 ? 362 LEU B CB  1 
ATOM   923  C  CG  . LEU B 1 52 ? 8.014   -15.604 -12.988 1.00 23.61 ? 362 LEU B CG  1 
ATOM   924  C  CD1 . LEU B 1 52 ? 8.951   -15.381 -11.811 1.00 23.62 ? 362 LEU B CD1 1 
ATOM   925  C  CD2 . LEU B 1 52 ? 8.739   -15.465 -14.299 1.00 27.05 ? 362 LEU B CD2 1 
ATOM   926  N  N   . SER B 1 53 ? 6.173   -19.702 -14.358 1.00 22.09 ? 363 SER B N   1 
ATOM   927  C  CA  . SER B 1 53 ? 5.520   -20.969 -14.055 1.00 24.85 ? 363 SER B CA  1 
ATOM   928  C  C   . SER B 1 53 ? 6.186   -21.669 -12.866 1.00 27.03 ? 363 SER B C   1 
ATOM   929  O  O   . SER B 1 53 ? 5.603   -22.571 -12.269 1.00 30.53 ? 363 SER B O   1 
ATOM   930  C  CB  . SER B 1 53 ? 5.448   -21.876 -15.293 1.00 28.64 ? 363 SER B CB  1 
ATOM   931  O  OG  . SER B 1 53 ? 6.732   -22.070 -15.812 1.00 30.43 ? 363 SER B OG  1 
ATOM   932  N  N   . SER B 1 54 ? 7.394   -21.240 -12.513 1.00 24.10 ? 364 SER B N   1 
ATOM   933  C  CA  . SER B 1 54 ? 8.047   -21.753 -11.314 1.00 27.61 ? 364 SER B CA  1 
ATOM   934  C  C   . SER B 1 54 ? 8.805   -20.658 -10.625 1.00 26.28 ? 364 SER B C   1 
ATOM   935  O  O   . SER B 1 54 ? 9.135   -19.645 -11.232 1.00 24.87 ? 364 SER B O   1 
ATOM   936  C  CB  . SER B 1 54 ? 9.023   -22.873 -11.667 1.00 30.53 ? 364 SER B CB  1 
ATOM   937  O  OG  . SER B 1 54 ? 8.334   -23.910 -12.327 1.00 33.99 ? 364 SER B OG  1 
ATOM   938  N  N   . VAL B 1 55 ? 9.078   -20.864 -9.341  1.00 27.27 ? 365 VAL B N   1 
ATOM   939  C  CA  . VAL B 1 55 ? 9.983   -20.003 -8.610  1.00 27.41 ? 365 VAL B CA  1 
ATOM   940  C  C   . VAL B 1 55 ? 11.389  -20.127 -9.181  1.00 28.72 ? 365 VAL B C   1 
ATOM   941  O  O   . VAL B 1 55 ? 11.815  -21.222 -9.537  1.00 29.84 ? 365 VAL B O   1 
ATOM   942  C  CB  . VAL B 1 55 ? 9.995   -20.401 -7.126  1.00 30.46 ? 365 VAL B CB  1 
ATOM   943  C  CG1 . VAL B 1 55 ? 11.098  -19.679 -6.384  1.00 35.69 ? 365 VAL B CG1 1 
ATOM   944  C  CG2 . VAL B 1 55 ? 8.622   -20.119 -6.510  1.00 28.36 ? 365 VAL B CG2 1 
ATOM   945  N  N   . PRO B 1 56 ? 12.103  -19.000 -9.295  1.00 24.85 ? 366 PRO B N   1 
ATOM   946  C  CA  . PRO B 1 56 ? 13.477  -18.994 -9.816  1.00 29.33 ? 366 PRO B CA  1 
ATOM   947  C  C   . PRO B 1 56 ? 14.415  -19.829 -8.954  1.00 32.59 ? 366 PRO B C   1 
ATOM   948  O  O   . PRO B 1 56 ? 14.222  -19.872 -7.741  1.00 31.92 ? 366 PRO B O   1 
ATOM   949  C  CB  . PRO B 1 56 ? 13.896  -17.528 -9.691  1.00 27.57 ? 366 PRO B CB  1 
ATOM   950  C  CG  . PRO B 1 56 ? 12.617  -16.748 -9.620  1.00 27.34 ? 366 PRO B CG  1 
ATOM   951  C  CD  . PRO B 1 56 ? 11.637  -17.650 -8.931  1.00 27.47 ? 366 PRO B CD  1 
ATOM   952  N  N   . SER B 1 57 ? 15.414  -20.462 -9.566  1.00 32.22 ? 367 SER B N   1 
ATOM   953  C  CA  . SER B 1 57 ? 16.496  -21.130 -8.823  1.00 36.03 ? 367 SER B CA  1 
ATOM   954  C  C   . SER B 1 57 ? 17.482  -20.140 -8.177  1.00 37.51 ? 367 SER B C   1 
ATOM   955  O  O   . SER B 1 57 ? 18.004  -20.391 -7.085  1.00 41.95 ? 367 SER B O   1 
ATOM   956  C  CB  . SER B 1 57 ? 17.271  -22.071 -9.757  1.00 39.89 ? 367 SER B CB  1 
ATOM   957  O  OG  . SER B 1 57 ? 16.440  -23.114 -10.234 1.00 40.55 ? 367 SER B OG  1 
ATOM   958  N  N   . GLU B 1 58 ? 17.737  -19.024 -8.851  1.00 38.78 ? 368 GLU B N   1 
ATOM   959  C  CA  . GLU B 1 58 ? 18.661  -17.983 -8.369  1.00 40.68 ? 368 GLU B CA  1 
ATOM   960  C  C   . GLU B 1 58 ? 18.326  -17.386 -7.000  1.00 40.26 ? 368 GLU B C   1 
ATOM   961  O  O   . GLU B 1 58 ? 17.158  -17.146 -6.700  1.00 38.94 ? 368 GLU B O   1 
ATOM   962  C  CB  . GLU B 1 58 ? 18.703  -16.828 -9.370  1.00 44.63 ? 368 GLU B CB  1 
ATOM   963  C  CG  . GLU B 1 58 ? 19.783  -16.936 -10.442 1.00 52.10 ? 368 GLU B CG  1 
ATOM   964  C  CD  . GLU B 1 58 ? 20.104  -15.581 -11.070 1.00 54.31 ? 368 GLU B CD  1 
ATOM   965  O  OE1 . GLU B 1 58 ? 21.279  -15.157 -11.010 1.00 59.71 ? 368 GLU B OE1 1 
ATOM   966  O  OE2 . GLU B 1 58 ? 19.181  -14.934 -11.611 1.00 54.88 ? 368 GLU B OE2 1 
ATOM   967  N  N   . ASP B 1 59 ? 19.353  -17.071 -6.207  1.00 39.42 ? 369 ASP B N   1 
ATOM   968  C  CA  . ASP B 1 59 ? 19.158  -16.570 -4.826  1.00 39.63 ? 369 ASP B CA  1 
ATOM   969  C  C   . ASP B 1 59 ? 18.486  -15.189 -4.619  1.00 38.49 ? 369 ASP B C   1 
ATOM   970  O  O   . ASP B 1 59 ? 17.739  -15.015 -3.651  1.00 39.32 ? 369 ASP B O   1 
ATOM   971  C  CB  . ASP B 1 59 ? 20.460  -16.654 -4.011  1.00 38.76 ? 369 ASP B CB  1 
ATOM   972  C  CG  . ASP B 1 59 ? 20.788  -18.079 -3.572  1.00 38.87 ? 369 ASP B CG  1 
ATOM   973  O  OD1 . ASP B 1 59 ? 19.879  -18.797 -3.098  1.00 39.55 ? 369 ASP B OD1 1 
ATOM   974  O  OD2 . ASP B 1 59 ? 21.966  -18.483 -3.695  1.00 43.15 ? 369 ASP B OD2 1 
ATOM   975  N  N   . GLU B 1 60 ? 18.741  -14.210 -5.484  1.00 39.23 ? 370 GLU B N   1 
ATOM   976  C  CA  . GLU B 1 60 ? 18.068  -12.916 -5.341  1.00 35.60 ? 370 GLU B CA  1 
ATOM   977  C  C   . GLU B 1 60 ? 16.966  -12.723 -6.377  1.00 34.27 ? 370 GLU B C   1 
ATOM   978  O  O   . GLU B 1 60 ? 17.038  -13.263 -7.485  1.00 33.49 ? 370 GLU B O   1 
ATOM   979  C  CB  . GLU B 1 60 ? 19.054  -11.755 -5.440  1.00 40.04 ? 370 GLU B CB  1 
ATOM   980  C  CG  . GLU B 1 60 ? 19.904  -11.555 -4.203  1.00 42.45 ? 370 GLU B CG  1 
ATOM   981  C  CD  . GLU B 1 60 ? 20.935  -10.461 -4.400  1.00 46.12 ? 370 GLU B CD  1 
ATOM   982  O  OE1 . GLU B 1 60 ? 21.892  -10.679 -5.172  1.00 48.71 ? 370 GLU B OE1 1 
ATOM   983  O  OE2 . GLU B 1 60 ? 20.786  -9.384  -3.788  1.00 48.97 ? 370 GLU B OE2 1 
ATOM   984  N  N   . TRP B 1 61 ? 15.950  -11.952 -6.004  1.00 28.56 ? 371 TRP B N   1 
ATOM   985  C  CA  . TRP B 1 61 ? 14.858  -11.611 -6.913  1.00 27.86 ? 371 TRP B CA  1 
ATOM   986  C  C   . TRP B 1 61 ? 14.364  -10.215 -6.583  1.00 29.76 ? 371 TRP B C   1 
ATOM   987  O  O   . TRP B 1 61 ? 14.191  -9.881  -5.408  1.00 27.85 ? 371 TRP B O   1 
ATOM   988  C  CB  . TRP B 1 61 ? 13.704  -12.609 -6.798  1.00 28.12 ? 371 TRP B CB  1 
ATOM   989  C  CG  . TRP B 1 61 ? 12.557  -12.289 -7.743  1.00 27.57 ? 371 TRP B CG  1 
ATOM   990  C  CD1 . TRP B 1 61 ? 12.484  -12.589 -9.082  1.00 27.28 ? 371 TRP B CD1 1 
ATOM   991  C  CD2 . TRP B 1 61 ? 11.349  -11.576 -7.426  1.00 25.99 ? 371 TRP B CD2 1 
ATOM   992  N  NE1 . TRP B 1 61 ? 11.289  -12.127 -9.605  1.00 26.14 ? 371 TRP B NE1 1 
ATOM   993  C  CE2 . TRP B 1 61 ? 10.581  -11.504 -8.606  1.00 24.37 ? 371 TRP B CE2 1 
ATOM   994  C  CE3 . TRP B 1 61 ? 10.838  -11.006 -6.254  1.00 25.36 ? 371 TRP B CE3 1 
ATOM   995  C  CZ2 . TRP B 1 61 ? 9.336   -10.871 -8.647  1.00 24.19 ? 371 TRP B CZ2 1 
ATOM   996  C  CZ3 . TRP B 1 61 ? 9.601   -10.385 -6.300  1.00 24.50 ? 371 TRP B CZ3 1 
ATOM   997  C  CH2 . TRP B 1 61 ? 8.864   -10.322 -7.486  1.00 24.10 ? 371 TRP B CH2 1 
ATOM   998  N  N   . TYR B 1 62 ? 14.160  -9.404  -7.616  1.00 28.40 ? 372 TYR B N   1 
ATOM   999  C  CA  . TYR B 1 62 ? 13.634  -8.061  -7.448  1.00 27.90 ? 372 TYR B CA  1 
ATOM   1000 C  C   . TYR B 1 62 ? 12.339  -7.905  -8.239  1.00 28.07 ? 372 TYR B C   1 
ATOM   1001 O  O   . TYR B 1 62 ? 12.233  -8.332  -9.386  1.00 25.60 ? 372 TYR B O   1 
ATOM   1002 C  CB  . TYR B 1 62 ? 14.680  -7.014  -7.850  1.00 28.87 ? 372 TYR B CB  1 
ATOM   1003 C  CG  . TYR B 1 62 ? 15.899  -7.087  -6.958  1.00 32.60 ? 372 TYR B CG  1 
ATOM   1004 C  CD1 . TYR B 1 62 ? 15.943  -6.401  -5.752  1.00 34.02 ? 372 TYR B CD1 1 
ATOM   1005 C  CD2 . TYR B 1 62 ? 16.982  -7.887  -7.294  1.00 34.66 ? 372 TYR B CD2 1 
ATOM   1006 C  CE1 . TYR B 1 62 ? 17.044  -6.496  -4.916  1.00 34.71 ? 372 TYR B CE1 1 
ATOM   1007 C  CE2 . TYR B 1 62 ? 18.088  -7.983  -6.465  1.00 35.74 ? 372 TYR B CE2 1 
ATOM   1008 C  CZ  . TYR B 1 62 ? 18.114  -7.282  -5.282  1.00 38.30 ? 372 TYR B CZ  1 
ATOM   1009 O  OH  . TYR B 1 62 ? 19.207  -7.377  -4.450  1.00 39.43 ? 372 TYR B OH  1 
ATOM   1010 N  N   . CYS B 1 63 ? 11.351  -7.295  -7.608  1.00 25.08 ? 373 CYS B N   1 
ATOM   1011 C  CA  . CYS B 1 63 ? 10.031  -7.131  -8.215  1.00 25.79 ? 373 CYS B CA  1 
ATOM   1012 C  C   . CYS B 1 63 ? 10.029  -6.118  -9.344  1.00 28.62 ? 373 CYS B C   1 
ATOM   1013 O  O   . CYS B 1 63 ? 10.998  -5.376  -9.526  1.00 30.29 ? 373 CYS B O   1 
ATOM   1014 C  CB  . CYS B 1 63 ? 9.011   -6.700  -7.149  1.00 26.58 ? 373 CYS B CB  1 
ATOM   1015 S  SG  . CYS B 1 63 ? 8.981   -4.909  -6.786  1.00 25.15 ? 373 CYS B SG  1 
ATOM   1016 N  N   . PRO B 1 64 ? 8.926   -6.075  -10.109 1.00 29.07 ? 374 PRO B N   1 
ATOM   1017 C  CA  . PRO B 1 64 ? 8.796   -5.148  -11.235 1.00 31.78 ? 374 PRO B CA  1 
ATOM   1018 C  C   . PRO B 1 64 ? 9.022   -3.694  -10.836 1.00 29.91 ? 374 PRO B C   1 
ATOM   1019 O  O   . PRO B 1 64 ? 9.464   -2.895  -11.658 1.00 31.65 ? 374 PRO B O   1 
ATOM   1020 C  CB  . PRO B 1 64 ? 7.338   -5.331  -11.670 1.00 30.18 ? 374 PRO B CB  1 
ATOM   1021 C  CG  . PRO B 1 64 ? 6.989   -6.713  -11.254 1.00 31.81 ? 374 PRO B CG  1 
ATOM   1022 C  CD  . PRO B 1 64 ? 7.780   -6.995  -10.009 1.00 27.47 ? 374 PRO B CD  1 
ATOM   1023 N  N   . GLU B 1 65 ? 8.705   -3.346  -9.592  1.00 29.37 ? 375 GLU B N   1 
ATOM   1024 C  CA  . GLU B 1 65 ? 8.812   -1.958  -9.153  1.00 29.49 ? 375 GLU B CA  1 
ATOM   1025 C  C   . GLU B 1 65 ? 10.228  -1.561  -8.774  1.00 30.00 ? 375 GLU B C   1 
ATOM   1026 O  O   . GLU B 1 65 ? 10.551  -0.378  -8.764  1.00 31.09 ? 375 GLU B O   1 
ATOM   1027 C  CB  . GLU B 1 65 ? 7.866   -1.677  -7.975  1.00 28.65 ? 375 GLU B CB  1 
ATOM   1028 C  CG  . GLU B 1 65 ? 6.406   -1.866  -8.313  1.00 29.21 ? 375 GLU B CG  1 
ATOM   1029 C  CD  . GLU B 1 65 ? 5.477   -1.535  -7.156  1.00 30.53 ? 375 GLU B CD  1 
ATOM   1030 O  OE1 . GLU B 1 65 ? 5.965   -1.268  -6.034  1.00 29.51 ? 375 GLU B OE1 1 
ATOM   1031 O  OE2 . GLU B 1 65 ? 4.250   -1.548  -7.372  1.00 28.46 ? 375 GLU B OE2 1 
ATOM   1032 N  N   . CYS B 1 66 ? 11.061  -2.550  -8.459  1.00 29.69 ? 376 CYS B N   1 
ATOM   1033 C  CA  . CYS B 1 66 ? 12.406  -2.316  -7.930  1.00 30.89 ? 376 CYS B CA  1 
ATOM   1034 C  C   . CYS B 1 66 ? 13.529  -2.747  -8.873  1.00 33.07 ? 376 CYS B C   1 
ATOM   1035 O  O   . CYS B 1 66 ? 14.641  -2.242  -8.791  1.00 32.90 ? 376 CYS B O   1 
ATOM   1036 C  CB  . CYS B 1 66 ? 12.592  -3.084  -6.621  1.00 28.77 ? 376 CYS B CB  1 
ATOM   1037 S  SG  . CYS B 1 66 ? 11.566  -2.508  -5.274  1.00 28.38 ? 376 CYS B SG  1 
ATOM   1038 N  N   . ARG B 1 67 ? 13.255  -3.706  -9.745  1.00 30.73 ? 377 ARG B N   1 
ATOM   1039 C  CA  . ARG B 1 67 ? 14.334  -4.314  -10.515 1.00 34.19 ? 377 ARG B CA  1 
ATOM   1040 C  C   . ARG B 1 67 ? 14.970  -3.317  -11.476 1.00 34.58 ? 377 ARG B C   1 
ATOM   1041 O  O   . ARG B 1 67 ? 14.299  -2.396  -11.947 1.00 34.30 ? 377 ARG B O   1 
ATOM   1042 C  CB  . ARG B 1 67 ? 13.805  -5.500  -11.302 1.00 34.19 ? 377 ARG B CB  1 
ATOM   1043 C  CG  . ARG B 1 67 ? 12.889  -5.053  -12.406 1.00 35.41 ? 377 ARG B CG  1 
ATOM   1044 C  CD  . ARG B 1 67 ? 12.238  -6.229  -13.061 1.00 35.18 ? 377 ARG B CD  1 
ATOM   1045 N  NE  . ARG B 1 67 ? 11.359  -5.831  -14.153 1.00 38.88 ? 377 ARG B NE  1 
ATOM   1046 C  CZ  . ARG B 1 67 ? 10.318  -6.566  -14.540 1.00 42.17 ? 377 ARG B CZ  1 
ATOM   1047 N  NH1 . ARG B 1 67 ? 9.543   -6.166  -15.546 1.00 41.52 ? 377 ARG B NH1 1 
ATOM   1048 N  NH2 . ARG B 1 67 ? 10.061  -7.706  -13.904 1.00 33.38 ? 377 ARG B NH2 1 
ATOM   1049 N  N   . ASN B 1 68 ? 16.260  -3.510  -11.761 1.00 36.74 ? 378 ASN B N   1 
ATOM   1050 C  CA  . ASN B 1 68 ? 16.974  -2.708  -12.756 1.00 38.85 ? 378 ASN B CA  1 
ATOM   1051 C  C   . ASN B 1 68 ? 16.567  -3.115  -14.169 1.00 40.83 ? 378 ASN B C   1 
ATOM   1052 O  O   . ASN B 1 68 ? 16.268  -4.283  -14.422 1.00 39.37 ? 378 ASN B O   1 
ATOM   1053 C  CB  . ASN B 1 68 ? 18.492  -2.874  -12.616 1.00 39.17 ? 378 ASN B CB  1 
ATOM   1054 C  CG  . ASN B 1 68 ? 19.037  -2.303  -11.308 1.00 44.12 ? 378 ASN B CG  1 
ATOM   1055 O  OD1 . ASN B 1 68 ? 18.626  -1.232  -10.857 1.00 41.63 ? 378 ASN B OD1 1 
ATOM   1056 N  ND2 . ASN B 1 68 ? 19.987  -3.015  -10.705 1.00 46.15 ? 378 ASN B ND2 1 
ATOM   1057 N  N   . ASP B 1 69 ? 16.583  -2.152  -15.084 1.00 39.13 ? 379 ASP B N   1 
ATOM   1058 C  CA  . ASP B 1 69 ? 16.224  -2.377  -16.483 1.00 42.50 ? 379 ASP B CA  1 
ATOM   1059 C  C   . ASP B 1 69 ? 17.061  -3.468  -17.154 1.00 42.93 ? 379 ASP B C   1 
ATOM   1060 O  O   . ASP B 1 69 ? 18.210  -3.711  -16.768 1.00 39.87 ? 379 ASP B O   1 
ATOM   1061 C  CB  . ASP B 1 69 ? 16.432  -1.092  -17.294 1.00 45.76 ? 379 ASP B CB  1 
ATOM   1062 C  CG  . ASP B 1 69 ? 15.582  0.064   -16.809 1.00 46.56 ? 379 ASP B CG  1 
ATOM   1063 O  OD1 . ASP B 1 69 ? 14.482  -0.171  -16.263 1.00 48.56 ? 379 ASP B OD1 1 
ATOM   1064 O  OD2 . ASP B 1 69 ? 16.023  1.220   -16.996 1.00 51.96 ? 379 ASP B OD2 1 
ATOM   1065 N  N   . ALA B 1 70 ? 16.460  -4.102  -18.162 1.00 44.11 ? 380 ALA B N   1 
ATOM   1066 C  CA  . ALA B 1 70 ? 17.167  -4.850  -19.219 1.00 47.34 ? 380 ALA B CA  1 
ATOM   1067 C  C   . ALA B 1 70 ? 18.199  -5.854  -18.751 1.00 43.89 ? 380 ALA B C   1 
ATOM   1068 O  O   . ALA B 1 70 ? 19.148  -6.150  -19.498 1.00 41.01 ? 380 ALA B O   1 
ATOM   1069 C  CB  . ALA B 1 70 ? 17.806  -3.885  -20.217 1.00 41.62 ? 380 ALA B CB  1 
ATOM   1070 O  OXT . ALA B 1 70 ? 18.097  -6.373  -17.638 1.00 46.19 ? 380 ALA B OXT 1 
ATOM   1071 N  N   . ALA C 2 1  ? -4.710  20.079  12.049  1.00 31.14 ? 1   ALA D N   1 
ATOM   1072 C  CA  . ALA C 2 1  ? -4.176  18.879  11.412  1.00 32.76 ? 1   ALA D CA  1 
ATOM   1073 C  C   . ALA C 2 1  ? -3.381  19.240  10.163  1.00 31.08 ? 1   ALA D C   1 
ATOM   1074 O  O   . ALA C 2 1  ? -3.617  20.276  9.548   1.00 33.57 ? 1   ALA D O   1 
ATOM   1075 C  CB  . ALA C 2 1  ? -5.313  17.908  11.065  1.00 33.14 ? 1   ALA D CB  1 
ATOM   1076 N  N   . ARG C 2 2  ? -2.431  18.389  9.801   1.00 27.14 ? 2   ARG D N   1 
ATOM   1077 C  CA  . ARG C 2 2  ? -1.666  18.597  8.580   1.00 31.86 ? 2   ARG D CA  1 
ATOM   1078 C  C   . ARG C 2 2  ? -2.498  18.221  7.378   1.00 29.10 ? 2   ARG D C   1 
ATOM   1079 O  O   . ARG C 2 2  ? -3.212  17.221  7.422   1.00 28.77 ? 2   ARG D O   1 
ATOM   1080 C  CB  . ARG C 2 2  ? -0.426  17.718  8.572   1.00 30.87 ? 2   ARG D CB  1 
ATOM   1081 C  CG  . ARG C 2 2  ? 0.587   18.052  9.625   1.00 33.76 ? 2   ARG D CG  1 
ATOM   1082 C  CD  . ARG C 2 2  ? 1.839   17.233  9.372   1.00 34.08 ? 2   ARG D CD  1 
ATOM   1083 N  NE  . ARG C 2 2  ? 1.622   15.813  9.642   1.00 34.75 ? 2   ARG D NE  1 
ATOM   1084 C  CZ  . ARG C 2 2  ? 2.004   14.840  8.826   1.00 33.93 ? 2   ARG D CZ  1 
ATOM   1085 N  NH1 . ARG C 2 2  ? 2.608   15.139  7.686   1.00 34.86 ? 2   ARG D NH1 1 
ATOM   1086 N  NH2 . ARG C 2 2  ? 1.770   13.573  9.145   1.00 34.23 ? 2   ARG D NH2 1 
ATOM   1087 N  N   . THR C 2 3  ? -2.411  19.014  6.312   1.00 30.55 ? 3   THR D N   1 
ATOM   1088 C  CA  . THR C 2 3  ? -2.999  18.617  5.036   1.00 29.87 ? 3   THR D CA  1 
ATOM   1089 C  C   . THR C 2 3  ? -1.877  18.550  4.013   1.00 33.83 ? 3   THR D C   1 
ATOM   1090 O  O   . THR C 2 3  ? -0.784  19.080  4.243   1.00 33.52 ? 3   THR D O   1 
ATOM   1091 C  CB  . THR C 2 3  ? -4.139  19.557  4.566   1.00 30.59 ? 3   THR D CB  1 
ATOM   1092 O  OG1 . THR C 2 3  ? -3.708  20.926  4.629   1.00 36.35 ? 3   THR D OG1 1 
ATOM   1093 C  CG2 . THR C 2 3  ? -5.372  19.381  5.452   1.00 27.00 ? 3   THR D CG2 1 
ATOM   1094 N  N   . LYS C 2 4  ? -2.122  17.876  2.902   1.00 29.36 ? 4   LYS D N   1 
ATOM   1095 C  CA  . LYS C 2 4  ? -1.076  17.708  1.907   1.00 32.14 ? 4   LYS D CA  1 
ATOM   1096 C  C   . LYS C 2 4  ? -0.614  19.072  1.390   1.00 33.95 ? 4   LYS D C   1 
ATOM   1097 O  O   . LYS C 2 4  ? 0.549   19.254  1.021   1.00 37.88 ? 4   LYS D O   1 
ATOM   1098 C  CB  . LYS C 2 4  ? -1.561  16.818  0.770   1.00 32.17 ? 4   LYS D CB  1 
ATOM   1099 C  CG  . LYS C 2 4  ? -0.565  16.685  -0.355  1.00 35.75 ? 4   LYS D CG  1 
ATOM   1100 C  CD  . LYS C 2 4  ? -0.830  15.429  -1.126  1.00 34.52 ? 4   LYS D CD  1 
ATOM   1101 C  CE  . LYS C 2 4  ? -0.418  14.202  -0.334  1.00 36.25 ? 4   LYS D CE  1 
ATOM   1102 N  NZ  . LYS C 2 4  ? -0.678  12.999  -1.177  1.00 34.73 ? 4   LYS D NZ  1 
ATOM   1103 N  N   . GLN C 2 5  ? -1.534  20.029  1.398   1.00 33.05 ? 5   GLN D N   1 
ATOM   1104 C  CA  . GLN C 2 5  ? -1.258  21.403  0.994   1.00 38.09 ? 5   GLN D CA  1 
ATOM   1105 C  C   . GLN C 2 5  ? -2.072  22.358  1.860   1.00 40.45 ? 5   GLN D C   1 
ATOM   1106 O  O   . GLN C 2 5  ? -3.163  22.012  2.321   1.00 38.46 ? 5   GLN D O   1 
ATOM   1107 C  CB  . GLN C 2 5  ? -1.620  21.598  -0.479  1.00 36.54 ? 5   GLN D CB  1 
ATOM   1108 C  CG  . GLN C 2 5  ? -1.978  23.027  -0.858  1.00 40.90 ? 5   GLN D CG  1 
ATOM   1109 C  CD  . GLN C 2 5  ? -2.667  23.098  -2.211  1.00 44.93 ? 5   GLN D CD  1 
ATOM   1110 O  OE1 . GLN C 2 5  ? -3.856  23.431  -2.308  1.00 43.65 ? 5   GLN D OE1 1 
ATOM   1111 N  NE2 . GLN C 2 5  ? -1.927  22.766  -3.264  1.00 47.33 ? 5   GLN D NE2 1 
ATOM   1112 N  N   . THR C 2 6  ? -1.551  23.558  2.103   1.00 42.93 ? 6   THR D N   1 
ATOM   1113 C  CA  . THR C 2 6  ? -2.268  24.515  2.932   1.00 45.49 ? 6   THR D CA  1 
ATOM   1114 C  C   . THR C 2 6  ? -2.425  25.859  2.220   1.00 51.22 ? 6   THR D C   1 
ATOM   1115 O  O   . THR C 2 6  ? -1.634  26.197  1.332   1.00 48.98 ? 6   THR D O   1 
ATOM   1116 C  CB  . THR C 2 6  ? -1.581  24.692  4.310   1.00 51.95 ? 6   THR D CB  1 
ATOM   1117 O  OG1 . THR C 2 6  ? -2.560  24.603  5.357   1.00 53.96 ? 6   THR D OG1 1 
ATOM   1118 C  CG2 . THR C 2 6  ? -0.845  26.031  4.389   1.00 49.82 ? 6   THR D CG2 1 
ATOM   1119 N  N   . ALA C 2 7  ? -3.457  26.611  2.603   1.00 51.54 ? 7   ALA D N   1 
ATOM   1120 C  CA  . ALA C 2 7  ? -3.709  27.925  2.012   1.00 52.57 ? 7   ALA D CA  1 
ATOM   1121 C  C   . ALA C 2 7  ? -2.504  28.829  2.226   1.00 53.27 ? 7   ALA D C   1 
ATOM   1122 O  O   . ALA C 2 7  ? -1.974  29.413  1.272   1.00 52.24 ? 7   ALA D O   1 
ATOM   1123 C  CB  . ALA C 2 7  ? -4.968  28.554  2.604   1.00 54.05 ? 7   ALA D CB  1 
ATOM   1124 N  N   . ARG C 2 8  ? -2.064  28.940  3.477   1.00 52.11 ? 8   ARG D N   1 
ATOM   1125 C  CA  . ARG C 2 8  ? -0.866  29.717  3.777   1.00 51.39 ? 8   ARG D CA  1 
ATOM   1126 C  C   . ARG C 2 8  ? 0.344   29.129  3.054   1.00 50.68 ? 8   ARG D C   1 
ATOM   1127 O  O   . ARG C 2 8  ? 1.302   29.841  2.743   1.00 50.12 ? 8   ARG D O   1 
ATOM   1128 C  CB  . ARG C 2 8  ? -0.600  29.787  5.288   1.00 47.12 ? 8   ARG D CB  1 
ATOM   1129 C  CG  . ARG C 2 8  ? 0.461   30.826  5.644   1.00 46.90 ? 8   ARG D CG  1 
ATOM   1130 C  CD  . ARG C 2 8  ? 0.895   30.790  7.110   1.00 44.62 ? 8   ARG D CD  1 
ATOM   1131 N  NE  . ARG C 2 8  ? -0.015  31.514  7.988   1.00 45.50 ? 8   ARG D NE  1 
ATOM   1132 C  CZ  . ARG C 2 8  ? 0.361   32.401  8.904   1.00 42.88 ? 8   ARG D CZ  1 
ATOM   1133 N  NH1 . ARG C 2 8  ? 1.642   32.709  9.067   1.00 41.65 ? 8   ARG D NH1 1 
ATOM   1134 N  NH2 . ARG C 2 8  ? -0.555  32.994  9.655   1.00 46.08 ? 8   ARG D NH2 1 
ATOM   1135 N  N   . ALA D 2 1  ? 15.424  -17.500 -4.913  1.00 37.09 ? 1   ALA E N   1 
ATOM   1136 C  CA  . ALA D 2 1  ? 14.499  -16.439 -4.517  1.00 32.95 ? 1   ALA E CA  1 
ATOM   1137 C  C   . ALA D 2 1  ? 13.745  -16.795 -3.238  1.00 32.84 ? 1   ALA E C   1 
ATOM   1138 O  O   . ALA D 2 1  ? 13.344  -17.943 -3.033  1.00 33.31 ? 1   ALA E O   1 
ATOM   1139 C  CB  . ALA D 2 1  ? 13.525  -16.154 -5.648  1.00 30.38 ? 1   ALA E CB  1 
ATOM   1140 N  N   . ARG D 2 2  ? 13.580  -15.837 -2.357  1.00 29.29 ? 2   ARG E N   1 
ATOM   1141 C  CA  . ARG D 2 2  ? 12.765  -16.018 -1.186  1.00 30.29 ? 2   ARG E CA  1 
ATOM   1142 C  C   . ARG D 2 2  ? 11.292  -16.125 -1.514  1.00 27.73 ? 2   ARG E C   1 
ATOM   1143 O  O   . ARG D 2 2  ? 10.823  -15.436 -2.348  1.00 27.44 ? 2   ARG E O   1 
ATOM   1144 C  CB  . ARG D 2 2  ? 12.961  -14.880 -0.210  1.00 30.93 ? 2   ARG E CB  1 
ATOM   1145 C  CG  . ARG D 2 2  ? 14.313  -14.795 0.375   1.00 33.43 ? 2   ARG E CG  1 
ATOM   1146 C  CD  . ARG D 2 2  ? 14.399  -13.700 1.362   1.00 34.67 ? 2   ARG E CD  1 
ATOM   1147 N  NE  . ARG D 2 2  ? 14.047  -12.431 0.799   1.00 37.95 ? 2   ARG E NE  1 
ATOM   1148 C  CZ  . ARG D 2 2  ? 13.067  -11.670 1.233   1.00 34.44 ? 2   ARG E CZ  1 
ATOM   1149 N  NH1 . ARG D 2 2  ? 12.328  -12.059 2.237   1.00 32.48 ? 2   ARG E NH1 1 
ATOM   1150 N  NH2 . ARG D 2 2  ? 12.840  -10.526 0.658   1.00 39.19 ? 2   ARG E NH2 1 
ATOM   1151 N  N   . THR D 2 3  ? 10.595  -17.000 -0.827  1.00 28.67 ? 3   THR E N   1 
ATOM   1152 C  CA  . THR D 2 3  ? 9.139   -17.059 -0.931  1.00 26.73 ? 3   THR E CA  1 
ATOM   1153 C  C   . THR D 2 3  ? 8.528   -16.880 0.448   1.00 31.08 ? 3   THR E C   1 
ATOM   1154 O  O   . THR D 2 3  ? 9.189   -17.105 1.480   1.00 29.46 ? 3   THR E O   1 
ATOM   1155 C  CB  . THR D 2 3  ? 8.669   -18.388 -1.547  1.00 28.76 ? 3   THR E CB  1 
ATOM   1156 O  OG1 . THR D 2 3  ? 9.240   -19.475 -0.813  1.00 29.31 ? 3   THR E OG1 1 
ATOM   1157 C  CG2 . THR D 2 3  ? 9.138   -18.485 -2.985  1.00 26.93 ? 3   THR E CG2 1 
ATOM   1158 N  N   . LYS D 2 4  ? 7.276   -16.443 0.470   1.00 26.59 ? 4   LYS E N   1 
ATOM   1159 C  CA  . LYS D 2 4  ? 6.608   -16.151 1.729   1.00 28.46 ? 4   LYS E CA  1 
ATOM   1160 C  C   . LYS D 2 4  ? 6.625   -17.371 2.650   1.00 31.47 ? 4   LYS E C   1 
ATOM   1161 O  O   . LYS D 2 4  ? 6.886   -17.263 3.857   1.00 32.40 ? 4   LYS E O   1 
ATOM   1162 C  CB  . LYS D 2 4  ? 5.179   -15.710 1.456   1.00 27.04 ? 4   LYS E CB  1 
ATOM   1163 C  CG  . LYS D 2 4  ? 4.338   -15.597 2.723   1.00 31.19 ? 4   LYS E CG  1 
ATOM   1164 C  CD  . LYS D 2 4  ? 4.387   -14.209 3.282   1.00 33.92 ? 4   LYS E CD  1 
ATOM   1165 C  CE  . LYS D 2 4  ? 3.870   -13.225 2.253   1.00 36.31 ? 4   LYS E CE  1 
ATOM   1166 N  NZ  . LYS D 2 4  ? 3.767   -11.857 2.814   1.00 34.84 ? 4   LYS E NZ  1 
ATOM   1167 N  N   . GLN D 2 5  ? 6.336   -18.527 2.071   1.00 27.81 ? 5   GLN E N   1 
ATOM   1168 C  CA  . GLN D 2 5  ? 6.439   -19.803 2.771   1.00 34.34 ? 5   GLN E CA  1 
ATOM   1169 C  C   . GLN D 2 5  ? 7.411   -20.702 2.025   1.00 35.28 ? 5   GLN E C   1 
ATOM   1170 O  O   . GLN D 2 5  ? 7.526   -20.640 0.801   1.00 34.07 ? 5   GLN E O   1 
ATOM   1171 C  CB  . GLN D 2 5  ? 5.066   -20.464 2.885   1.00 32.73 ? 5   GLN E CB  1 
ATOM   1172 C  CG  . GLN D 2 5  ? 5.089   -21.955 3.163   1.00 38.85 ? 5   GLN E CG  1 
ATOM   1173 C  CD  . GLN D 2 5  ? 3.695   -22.559 3.125   1.00 39.15 ? 5   GLN E CD  1 
ATOM   1174 O  OE1 . GLN D 2 5  ? 3.467   -23.578 2.477   1.00 41.18 ? 5   GLN E OE1 1 
ATOM   1175 N  NE2 . GLN D 2 5  ? 2.747   -21.909 3.801   1.00 41.37 ? 5   GLN E NE2 1 
ATOM   1176 N  N   . THR D 2 6  ? 8.136   -21.526 2.763   1.00 38.95 ? 6   THR E N   1 
ATOM   1177 C  CA  . THR D 2 6  ? 9.168   -22.342 2.147   1.00 42.32 ? 6   THR E CA  1 
ATOM   1178 C  C   . THR D 2 6  ? 8.884   -23.831 2.284   1.00 46.91 ? 6   THR E C   1 
ATOM   1179 O  O   . THR D 2 6  ? 8.009   -24.245 3.047   1.00 43.88 ? 6   THR E O   1 
ATOM   1180 C  CB  . THR D 2 6  ? 10.531  -22.049 2.786   1.00 45.75 ? 6   THR E CB  1 
ATOM   1181 O  OG1 . THR D 2 6  ? 11.519  -22.912 2.213   1.00 52.57 ? 6   THR E OG1 1 
ATOM   1182 C  CG2 . THR D 2 6  ? 10.470  -22.289 4.295   1.00 45.79 ? 6   THR E CG2 1 
ATOM   1183 N  N   . ALA D 2 7  ? 9.605   -24.630 1.504   1.00 48.37 ? 7   ALA E N   1 
ATOM   1184 C  CA  . ALA D 2 7  ? 9.795   -26.030 1.839   1.00 50.91 ? 7   ALA E CA  1 
ATOM   1185 C  C   . ALA D 2 7  ? 10.735  -26.024 3.040   1.00 50.92 ? 7   ALA E C   1 
ATOM   1186 O  O   . ALA D 2 7  ? 11.671  -25.222 3.104   1.00 52.40 ? 7   ALA E O   1 
ATOM   1187 C  CB  . ALA D 2 7  ? 10.404  -26.791 0.675   1.00 53.61 ? 7   ALA E CB  1 
ATOM   1188 N  N   . ARG D 2 8  ? 10.483  -26.933 3.973   1.00 54.58 ? 8   ARG E N   1 
ATOM   1189 C  CA  . ARG D 2 8  ? 10.962  -26.827 5.348   1.00 51.97 ? 8   ARG E CA  1 
ATOM   1190 C  C   . ARG D 2 8  ? 9.836   -26.204 6.152   1.00 52.41 ? 8   ARG E C   1 
ATOM   1191 O  O   . ARG D 2 8  ? 9.097   -25.360 5.632   1.00 53.91 ? 8   ARG E O   1 
ATOM   1192 C  CB  . ARG D 2 8  ? 12.221  -25.966 5.479   1.00 48.39 ? 8   ARG E CB  1 
ATOM   1193 C  CG  . ARG D 2 8  ? 12.670  -25.806 6.931   1.00 46.51 ? 8   ARG E CG  1 
ATOM   1194 C  CD  . ARG D 2 8  ? 13.853  -24.862 7.079   1.00 41.29 ? 8   ARG E CD  1 
ATOM   1195 N  NE  . ARG D 2 8  ? 14.720  -25.244 8.194   1.00 40.15 ? 8   ARG E NE  1 
ATOM   1196 C  CZ  . ARG D 2 8  ? 14.506  -24.933 9.472   1.00 39.49 ? 8   ARG E CZ  1 
ATOM   1197 N  NH1 . ARG D 2 8  ? 13.440  -24.231 9.841   1.00 35.07 ? 8   ARG E NH1 1 
ATOM   1198 N  NH2 . ARG D 2 8  ? 15.372  -25.327 10.395  1.00 37.77 ? 8   ARG E NH2 1 
HETATM 1199 ZN ZN  . ZN  E 3 .  ? 2.037   6.788   -6.197  1.00 35.17 ? 1   ZN  A ZN  1 
HETATM 1200 ZN ZN  . ZN  F 3 .  ? -10.069 10.093  -1.360  1.00 27.53 ? 2   ZN  A ZN  1 
HETATM 1201 ZN ZN  . ZN  G 3 .  ? -2.482  6.226   9.890   1.00 35.46 ? 3   ZN  A ZN  1 
HETATM 1202 ZN ZN  . ZN  H 3 .  ? -4.172  0.939   4.384   1.00 41.26 ? 7   ZN  A ZN  1 
HETATM 1203 ZN ZN  . ZN  I 3 .  ? -1.357  -12.379 -6.745  1.00 29.14 ? 4   ZN  B ZN  1 
HETATM 1204 ZN ZN  . ZN  J 3 .  ? -2.619  -6.639  5.281   1.00 33.86 ? 5   ZN  B ZN  1 
HETATM 1205 ZN ZN  . ZN  K 3 .  ? 10.309  -4.452  -4.890  1.00 33.01 ? 6   ZN  B ZN  1 
HETATM 1206 ZN ZN  . ZN  L 3 .  ? 3.188   -1.044  -5.750  1.00 38.83 ? 8   ZN  B ZN  1 
HETATM 1207 O  O   . HOH M 4 .  ? -7.590  19.859  -6.718  1.00 31.02 ? 5   HOH A O   1 
HETATM 1208 O  O   . HOH M 4 .  ? -1.124  8.481   0.916   1.00 25.60 ? 6   HOH A O   1 
HETATM 1209 O  O   . HOH M 4 .  ? -11.384 11.303  11.271  1.00 27.77 ? 8   HOH A O   1 
HETATM 1210 O  O   . HOH M 4 .  ? -17.727 15.578  3.520   1.00 29.07 ? 10  HOH A O   1 
HETATM 1211 O  O   . HOH M 4 .  ? -2.359  15.682  10.900  1.00 28.90 ? 13  HOH A O   1 
HETATM 1212 O  O   . HOH M 4 .  ? 3.539   8.062   0.721   1.00 39.51 ? 15  HOH A O   1 
HETATM 1213 O  O   . HOH M 4 .  ? -13.842 19.422  -3.419  1.00 24.73 ? 16  HOH A O   1 
HETATM 1214 O  O   . HOH M 4 .  ? -14.559 10.647  13.083  1.00 26.74 ? 20  HOH A O   1 
HETATM 1215 O  O   . HOH M 4 .  ? -4.966  13.876  -11.128 1.00 38.98 ? 21  HOH A O   1 
HETATM 1216 O  O   . HOH M 4 .  ? -0.950  18.608  20.933  1.00 42.69 ? 22  HOH A O   1 
HETATM 1217 O  O   . HOH M 4 .  ? 3.877   10.759  -7.019  1.00 34.14 ? 24  HOH A O   1 
HETATM 1218 O  O   . HOH M 4 .  ? -9.169  11.920  -8.950  1.00 31.60 ? 25  HOH A O   1 
HETATM 1219 O  O   . HOH M 4 .  ? -14.169 13.181  14.464  1.00 29.08 ? 26  HOH A O   1 
HETATM 1220 O  O   . HOH M 4 .  ? -6.255  12.079  -9.123  1.00 27.95 ? 29  HOH A O   1 
HETATM 1221 O  O   . HOH M 4 .  ? -0.466  12.676  -5.590  1.00 33.41 ? 30  HOH A O   1 
HETATM 1222 O  O   . HOH M 4 .  ? -10.570 7.298   -7.298  1.00 28.85 ? 33  HOH A O   1 
HETATM 1223 O  O   . HOH M 4 .  ? -15.293 18.925  -0.287  1.00 29.93 ? 34  HOH A O   1 
HETATM 1224 O  O   . HOH M 4 .  ? -12.657 7.815   10.204  1.00 34.45 ? 36  HOH A O   1 
HETATM 1225 O  O   . HOH M 4 .  ? -6.580  16.648  -9.355  1.00 40.51 ? 37  HOH A O   1 
HETATM 1226 O  O   . HOH M 4 .  ? -11.684 13.564  13.429  1.00 35.88 ? 41  HOH A O   1 
HETATM 1227 O  O   . HOH M 4 .  ? -12.480 24.126  15.773  1.00 42.78 ? 43  HOH A O   1 
HETATM 1228 O  O   . HOH M 4 .  ? -11.185 2.473   15.803  1.00 47.42 ? 49  HOH A O   1 
HETATM 1229 O  O   . HOH M 4 .  ? -3.633  17.868  -6.995  1.00 37.29 ? 50  HOH A O   1 
HETATM 1230 O  O   . HOH M 4 .  ? -13.922 5.904   1.300   1.00 29.84 ? 51  HOH A O   1 
HETATM 1231 O  O   . HOH M 4 .  ? -1.415  3.622   6.409   1.00 35.96 ? 52  HOH A O   1 
HETATM 1232 O  O   . HOH M 4 .  ? -12.592 6.470   7.905   1.00 32.36 ? 54  HOH A O   1 
HETATM 1233 O  O   . HOH M 4 .  ? -10.095 9.804   -7.635  1.00 29.95 ? 55  HOH A O   1 
HETATM 1234 O  O   . HOH M 4 .  ? -11.148 21.931  -2.600  1.00 36.25 ? 58  HOH A O   1 
HETATM 1235 O  O   . HOH M 4 .  ? 4.699   5.865   1.640   1.00 48.89 ? 61  HOH A O   1 
HETATM 1236 O  O   . HOH M 4 .  ? -9.745  8.988   11.910  1.00 34.14 ? 63  HOH A O   1 
HETATM 1237 O  O   . HOH M 4 .  ? -9.510  1.188   -7.588  1.00 44.02 ? 68  HOH A O   1 
HETATM 1238 O  O   . HOH M 4 .  ? -2.201  15.863  -4.523  1.00 35.31 ? 74  HOH A O   1 
HETATM 1239 O  O   . HOH M 4 .  ? 8.272   5.172   -3.975  1.00 40.87 ? 75  HOH A O   1 
HETATM 1240 O  O   . HOH M 4 .  ? -7.677  2.693   5.281   1.00 38.67 ? 81  HOH A O   1 
HETATM 1241 O  O   . HOH M 4 .  ? -2.391  21.484  21.665  1.00 38.64 ? 83  HOH A O   1 
HETATM 1242 O  O   . HOH M 4 .  ? -10.015 2.440   6.463   1.00 39.30 ? 87  HOH A O   1 
HETATM 1243 O  O   . HOH M 4 .  ? -16.427 5.010   0.665   1.00 35.78 ? 89  HOH A O   1 
HETATM 1244 O  O   . HOH M 4 .  ? -12.347 4.222   6.853   1.00 35.57 ? 90  HOH A O   1 
HETATM 1245 O  O   . HOH M 4 .  ? -11.402 7.054   12.745  1.00 37.48 ? 91  HOH A O   1 
HETATM 1246 O  O   . HOH M 4 .  ? 6.918   -0.740  -1.317  1.00 35.85 ? 98  HOH A O   1 
HETATM 1247 O  O   . HOH M 4 .  ? -11.694 20.201  14.759  1.00 36.73 ? 100 HOH A O   1 
HETATM 1248 O  O   . HOH M 4 .  ? -7.594  11.711  15.442  1.00 33.96 ? 109 HOH A O   1 
HETATM 1249 O  O   . HOH M 4 .  ? -15.856 5.361   12.270  1.00 45.47 ? 110 HOH A O   1 
HETATM 1250 O  O   . HOH M 4 .  ? -17.679 6.543   13.847  1.00 39.28 ? 111 HOH A O   1 
HETATM 1251 O  O   . HOH M 4 .  ? -21.884 19.820  7.680   1.00 32.46 ? 112 HOH A O   1 
HETATM 1252 O  O   . HOH M 4 .  ? -16.174 18.344  2.210   1.00 39.52 ? 117 HOH A O   1 
HETATM 1253 O  O   . HOH M 4 .  ? -16.423 4.439   3.415   1.00 44.09 ? 118 HOH A O   1 
HETATM 1254 O  O   . HOH M 4 .  ? -13.898 10.273  10.318  1.00 24.46 ? 381 HOH A O   1 
HETATM 1255 O  O   . HOH N 4 .  ? -4.851  -3.391  -0.406  1.00 34.52 ? 1   HOH B O   1 
HETATM 1256 O  O   . HOH N 4 .  ? 9.845   -11.537 -12.418 1.00 31.54 ? 3   HOH B O   1 
HETATM 1257 O  O   . HOH N 4 .  ? 13.840  -13.133 -3.186  1.00 28.68 ? 7   HOH B O   1 
HETATM 1258 O  O   . HOH N 4 .  ? 8.091   -11.618 -14.573 1.00 26.94 ? 9   HOH B O   1 
HETATM 1259 O  O   . HOH N 4 .  ? 3.158   -7.810  -0.052  1.00 25.68 ? 11  HOH B O   1 
HETATM 1260 O  O   . HOH N 4 .  ? -2.560  -21.773 -0.242  1.00 28.41 ? 12  HOH B O   1 
HETATM 1261 O  O   . HOH N 4 .  ? -1.559  -9.472  -12.322 1.00 30.30 ? 14  HOH B O   1 
HETATM 1262 O  O   . HOH N 4 .  ? -6.493  -14.525 0.109   1.00 27.14 ? 17  HOH B O   1 
HETATM 1263 O  O   . HOH N 4 .  ? 13.734  -23.916 -13.086 1.00 40.78 ? 19  HOH B O   1 
HETATM 1264 O  O   . HOH N 4 .  ? 7.829   -9.060  -14.026 1.00 31.46 ? 23  HOH B O   1 
HETATM 1265 O  O   . HOH N 4 .  ? 7.586   -23.021 -8.104  1.00 34.86 ? 27  HOH B O   1 
HETATM 1266 O  O   . HOH N 4 .  ? 0.135   -11.835 -15.685 1.00 30.00 ? 28  HOH B O   1 
HETATM 1267 O  O   . HOH N 4 .  ? 11.480  -24.792 -12.769 1.00 31.57 ? 31  HOH B O   1 
HETATM 1268 O  O   . HOH N 4 .  ? 5.320   -8.012  -13.511 1.00 33.53 ? 32  HOH B O   1 
HETATM 1269 O  O   . HOH N 4 .  ? 17.266  -6.956  -15.202 1.00 42.01 ? 35  HOH B O   1 
HETATM 1270 O  O   . HOH N 4 .  ? 15.361  0.569   -12.660 1.00 47.95 ? 38  HOH B O   1 
HETATM 1271 O  O   . HOH N 4 .  ? -1.673  -6.923  -12.216 1.00 36.18 ? 39  HOH B O   1 
HETATM 1272 O  O   . HOH N 4 .  ? 3.379   -3.946  -8.708  1.00 34.54 ? 42  HOH B O   1 
HETATM 1273 O  O   . HOH N 4 .  ? -1.530  -9.965  7.853   1.00 35.04 ? 45  HOH B O   1 
HETATM 1274 O  O   . HOH N 4 .  ? 2.504   -20.059 -12.384 1.00 28.83 ? 46  HOH B O   1 
HETATM 1275 O  O   . HOH N 4 .  ? 1.004   2.663   6.049   1.00 38.03 ? 47  HOH B O   1 
HETATM 1276 O  O   . HOH N 4 .  ? -6.073  -7.160  -8.894  1.00 32.70 ? 48  HOH B O   1 
HETATM 1277 O  O   . HOH N 4 .  ? 0.783   -23.729 -4.554  1.00 34.41 ? 53  HOH B O   1 
HETATM 1278 O  O   . HOH N 4 .  ? 8.366   -22.667 -3.259  1.00 38.75 ? 56  HOH B O   1 
HETATM 1279 O  O   . HOH N 4 .  ? 0.783   -2.357  9.609   1.00 38.68 ? 57  HOH B O   1 
HETATM 1280 O  O   . HOH N 4 .  ? -4.372  -8.483  -10.365 1.00 29.40 ? 59  HOH B O   1 
HETATM 1281 O  O   . HOH N 4 .  ? 4.025   -3.819  -11.294 1.00 38.57 ? 60  HOH B O   1 
HETATM 1282 O  O   . HOH N 4 .  ? -13.392 -12.730 7.889   1.00 41.55 ? 65  HOH B O   1 
HETATM 1283 O  O   . HOH N 4 .  ? 0.194   -3.356  -7.373  1.00 34.97 ? 66  HOH B O   1 
HETATM 1284 O  O   . HOH N 4 .  ? -8.760  -13.937 9.876   1.00 40.20 ? 67  HOH B O   1 
HETATM 1285 O  O   . HOH N 4 .  ? 5.130   -24.171 -9.063  1.00 41.56 ? 70  HOH B O   1 
HETATM 1286 O  O   . HOH N 4 .  ? -2.036  -12.543 8.064   1.00 40.44 ? 71  HOH B O   1 
HETATM 1287 O  O   . HOH N 4 .  ? 5.453   -1.969  -11.969 1.00 41.58 ? 73  HOH B O   1 
HETATM 1288 O  O   . HOH N 4 .  ? 2.349   -0.501  6.025   1.00 45.65 ? 76  HOH B O   1 
HETATM 1289 O  O   . HOH N 4 .  ? 1.829   -11.229 -19.771 1.00 38.73 ? 77  HOH B O   1 
HETATM 1290 O  O   . HOH N 4 .  ? 1.423   -7.832  -13.265 1.00 33.50 ? 78  HOH B O   1 
HETATM 1291 O  O   . HOH N 4 .  ? 7.367   -25.032 -14.265 1.00 34.66 ? 79  HOH B O   1 
HETATM 1292 O  O   . HOH N 4 .  ? 11.887  -1.123  -11.944 1.00 39.60 ? 82  HOH B O   1 
HETATM 1293 O  O   . HOH N 4 .  ? 11.318  0.625   -13.525 1.00 49.21 ? 84  HOH B O   1 
HETATM 1294 O  O   . HOH N 4 .  ? 5.326   -5.283  -15.111 1.00 44.48 ? 85  HOH B O   1 
HETATM 1295 O  O   . HOH N 4 .  ? -3.276  -11.003 -10.835 1.00 28.26 ? 86  HOH B O   1 
HETATM 1296 O  O   . HOH N 4 .  ? -1.903  -14.158 5.964   1.00 47.15 ? 88  HOH B O   1 
HETATM 1297 O  O   . HOH N 4 .  ? -1.897  -25.510 -7.645  1.00 27.48 ? 92  HOH B O   1 
HETATM 1298 O  O   . HOH N 4 .  ? 0.303   -22.242 -9.622  1.00 26.94 ? 93  HOH B O   1 
HETATM 1299 O  O   . HOH N 4 .  ? 12.786  -22.014 -11.871 1.00 30.26 ? 94  HOH B O   1 
HETATM 1300 O  O   . HOH N 4 .  ? -1.853  -22.725 -7.290  1.00 24.94 ? 95  HOH B O   1 
HETATM 1301 O  O   . HOH N 4 .  ? -4.921  -21.055 -5.099  1.00 23.63 ? 96  HOH B O   1 
HETATM 1302 O  O   . HOH N 4 .  ? -4.265  -1.004  -2.998  1.00 41.19 ? 97  HOH B O   1 
HETATM 1303 O  O   . HOH N 4 .  ? -0.456  -0.818  -1.680  1.00 45.16 ? 99  HOH B O   1 
HETATM 1304 O  O   . HOH N 4 .  ? -5.365  -0.443  2.926   1.00 39.10 ? 101 HOH B O   1 
HETATM 1305 O  O   . HOH N 4 .  ? 1.576   -0.566  -7.008  1.00 35.71 ? 102 HOH B O   1 
HETATM 1306 O  O   . HOH N 4 .  ? 10.968  -9.050  -11.588 1.00 34.08 ? 103 HOH B O   1 
HETATM 1307 O  O   . HOH N 4 .  ? 7.916   -7.195  -17.389 1.00 40.24 ? 104 HOH B O   1 
HETATM 1308 O  O   . HOH N 4 .  ? 17.364  -13.621 -1.420  1.00 37.15 ? 105 HOH B O   1 
HETATM 1309 O  O   . HOH N 4 .  ? -5.902  -0.937  11.764  1.00 34.25 ? 106 HOH B O   1 
HETATM 1310 O  O   . HOH N 4 .  ? -3.276  -16.440 5.294   1.00 45.12 ? 107 HOH B O   1 
HETATM 1311 O  O   . HOH N 4 .  ? 1.533   -0.983  -9.112  1.00 25.75 ? 108 HOH B O   1 
HETATM 1312 O  O   . HOH N 4 .  ? 14.339  -12.959 -11.788 1.00 45.22 ? 113 HOH B O   1 
HETATM 1313 O  O   . HOH N 4 .  ? -4.267  -23.386 -1.192  1.00 41.08 ? 114 HOH B O   1 
HETATM 1314 O  O   . HOH N 4 .  ? -2.595  -16.781 9.322   1.00 54.90 ? 115 HOH B O   1 
HETATM 1315 O  O   . HOH N 4 .  ? 0.801   -16.723 4.443   1.00 42.28 ? 116 HOH B O   1 
HETATM 1316 O  O   . HOH N 4 .  ? -1.541  -26.712 -3.691  1.00 50.06 ? 119 HOH B O   1 
HETATM 1317 O  O   . HOH N 4 .  ? -7.723  -0.338  4.213   1.00 40.65 ? 120 HOH B O   1 
HETATM 1318 O  O   . HOH N 4 .  ? 16.855  -18.129 -11.390 1.00 34.97 ? 121 HOH B O   1 
HETATM 1319 O  O   . HOH N 4 .  ? 13.872  -5.783  -15.908 1.00 44.06 ? 122 HOH B O   1 
HETATM 1320 O  O   . HOH N 4 .  ? 5.085   -25.049 -4.726  1.00 38.59 ? 381 HOH B O   1 
HETATM 1321 O  O   . HOH O 4 .  ? 0.173   29.922  -0.582  1.00 53.06 ? 18  HOH D O   1 
HETATM 1322 O  O   . HOH O 4 .  ? -2.154  13.782  -3.637  1.00 35.55 ? 40  HOH D O   1 
HETATM 1323 O  O   . HOH O 4 .  ? 0.720   22.080  4.785   1.00 42.85 ? 62  HOH D O   1 
HETATM 1324 O  O   . HOH O 4 .  ? 1.554   27.755  0.439   1.00 53.45 ? 64  HOH D O   1 
HETATM 1325 O  O   . HOH O 4 .  ? -5.841  22.548  10.796  1.00 39.16 ? 80  HOH D O   1 
HETATM 1326 O  O   . HOH P 4 .  ? 7.628   -20.826 5.862   1.00 40.69 ? 44  HOH E O   1 
HETATM 1327 O  O   . HOH P 4 .  ? 7.997   -24.422 -1.018  1.00 46.41 ? 69  HOH E O   1 
HETATM 1328 O  O   . HOH P 4 .  ? 4.083   -9.623  2.178   1.00 33.60 ? 72  HOH E O   1 
# 
